data_7LID
#
_entry.id   7LID
#
_cell.length_a   1.00
_cell.length_b   1.00
_cell.length_c   1.00
_cell.angle_alpha   90.00
_cell.angle_beta   90.00
_cell.angle_gamma   90.00
#
_symmetry.space_group_name_H-M   'P 1'
#
loop_
_entity.id
_entity.type
_entity.pdbx_description
1 polymer MhOR5
2 non-polymer 2-methoxy-4-(prop-2-en-1-yl)phenol
#
_entity_poly.entity_id   1
_entity_poly.type   'polypeptide(L)'
_entity_poly.pdbx_seq_one_letter_code
;GPGRAKIDVDSVDHTDDYIHLRKWIKRIGIILRISGHWPFRLPHEKRNQHKSKFRQVYSCLVITLGFITCSCYCIGLCLS
ESIAQALNNITVTSYFLQSCVCYVSFIINSRKLETLFNYLFENEVVGCPRGYKMSSIKTTLFRCKFVAFSLGILSFFGWL
MWTLLPLAVLVVDSGATGGGNQTSLRFVEAWYPFDTTTSPMNEVIAIYEAVAMIFLITAPMSSDIMFCVLMIFIVEHLKC
LGMAIECTLKGISTNQHQNIGFDDSVSDVNVQRRIVIGKESPIQSIHVPIKECSRQSSDAVFREKRHGTHHQIIRSHNYT
DATSLCNIVDSHVKIYRTMEIVQSVYSSYFATLFFTSCLAVCALAYFLAATSTSFTRVPGMVLYLMYIFLRIFLLCLLAT
EVAEQGLNLCHAGYSSKLVLASDHVRSTIQAIATRAQIPLSITGARFFTVNLSFLASMAGVMLTYFIVLLQVNAKPKP
;
_entity_poly.pdbx_strand_id   A,B,C,D
#
# COMPACT_ATOMS: atom_id res chain seq x y z
N ASP A 16 -0.01 -16.35 45.79
CA ASP A 16 0.45 -15.08 45.23
C ASP A 16 -0.69 -14.29 44.60
N ASP A 17 -0.37 -13.46 43.61
CA ASP A 17 -1.36 -12.63 42.96
C ASP A 17 -2.02 -13.33 41.76
N TYR A 18 -1.51 -14.49 41.37
CA TYR A 18 -2.02 -15.21 40.20
C TYR A 18 -3.47 -15.62 40.38
N ILE A 19 -3.86 -15.90 41.63
CA ILE A 19 -5.23 -16.27 42.01
C ILE A 19 -6.16 -15.11 41.69
N HIS A 20 -5.63 -13.89 41.76
CA HIS A 20 -6.33 -12.69 41.30
C HIS A 20 -6.76 -12.75 39.85
N LEU A 21 -5.85 -13.18 38.95
CA LEU A 21 -6.13 -13.13 37.51
C LEU A 21 -7.30 -14.01 37.12
N ARG A 22 -7.36 -15.23 37.66
CA ARG A 22 -8.49 -16.13 37.43
C ARG A 22 -9.80 -15.47 37.85
N LYS A 23 -9.76 -14.71 38.95
CA LYS A 23 -10.94 -13.97 39.42
C LYS A 23 -11.49 -13.06 38.33
N TRP A 24 -10.59 -12.33 37.65
CA TRP A 24 -11.03 -11.48 36.56
C TRP A 24 -11.54 -12.28 35.38
N ILE A 25 -10.92 -13.43 35.09
CA ILE A 25 -11.46 -14.23 33.98
C ILE A 25 -12.67 -15.02 34.43
N LYS A 26 -13.02 -14.96 35.71
CA LYS A 26 -14.37 -15.32 36.11
C LYS A 26 -15.34 -14.23 35.70
N ARG A 27 -15.02 -12.98 36.04
CA ARG A 27 -16.00 -11.88 35.95
C ARG A 27 -16.39 -11.60 34.50
N ILE A 28 -15.41 -11.64 33.58
CA ILE A 28 -15.69 -11.47 32.16
C ILE A 28 -16.68 -12.53 31.69
N GLY A 29 -16.47 -13.78 32.11
CA GLY A 29 -17.44 -14.81 31.79
C GLY A 29 -18.82 -14.49 32.33
N ILE A 30 -18.86 -13.97 33.56
CA ILE A 30 -20.13 -13.58 34.16
C ILE A 30 -20.77 -12.45 33.36
N ILE A 31 -19.97 -11.48 32.91
CA ILE A 31 -20.59 -10.40 32.16
C ILE A 31 -20.96 -10.87 30.76
N LEU A 32 -20.28 -11.92 30.28
CA LEU A 32 -20.67 -12.50 29.00
C LEU A 32 -21.95 -13.31 29.14
N ARG A 33 -22.34 -13.64 30.36
CA ARG A 33 -23.65 -14.25 30.57
C ARG A 33 -24.70 -13.18 30.87
N ILE A 34 -24.27 -11.96 31.21
CA ILE A 34 -25.23 -10.93 31.57
C ILE A 34 -25.83 -10.31 30.32
N SER A 35 -25.00 -10.04 29.31
CA SER A 35 -25.45 -9.39 28.09
C SER A 35 -26.34 -10.27 27.23
N GLY A 36 -26.38 -11.57 27.48
CA GLY A 36 -27.27 -12.44 26.75
C GLY A 36 -26.61 -13.34 25.72
N HIS A 37 -25.29 -13.47 25.74
CA HIS A 37 -24.64 -14.40 24.83
C HIS A 37 -24.96 -15.83 25.22
N TRP A 38 -24.74 -16.75 24.26
CA TRP A 38 -25.08 -18.14 24.48
C TRP A 38 -24.14 -18.74 25.51
N PRO A 39 -24.67 -19.40 26.55
CA PRO A 39 -23.83 -19.85 27.66
C PRO A 39 -22.99 -21.06 27.28
N PHE A 40 -21.68 -20.85 27.24
CA PHE A 40 -20.70 -21.91 27.02
C PHE A 40 -20.09 -22.29 28.37
N ARG A 41 -19.27 -23.33 28.35
CA ARG A 41 -18.63 -23.81 29.57
C ARG A 41 -17.34 -23.03 29.80
N LEU A 42 -17.33 -22.24 30.87
CA LEU A 42 -16.15 -21.54 31.35
C LEU A 42 -15.19 -22.56 32.01
N PRO A 43 -13.95 -22.15 32.33
CA PRO A 43 -13.04 -23.10 33.01
C PRO A 43 -13.51 -23.66 34.35
N HIS A 44 -14.09 -22.86 35.23
CA HIS A 44 -14.36 -23.33 36.59
C HIS A 44 -15.77 -23.90 36.76
N GLU A 45 -16.16 -24.82 35.88
CA GLU A 45 -17.44 -25.53 35.97
C GLU A 45 -17.18 -27.01 35.75
N LYS A 46 -17.31 -27.79 36.82
CA LYS A 46 -17.09 -29.24 36.76
C LYS A 46 -18.38 -30.02 36.92
N ARG A 47 -19.53 -29.34 36.88
CA ARG A 47 -20.82 -29.99 37.03
C ARG A 47 -21.77 -29.69 35.88
N ASN A 48 -21.26 -29.10 34.78
CA ASN A 48 -22.02 -28.87 33.54
C ASN A 48 -23.24 -27.99 33.78
N GLN A 49 -23.04 -26.88 34.50
CA GLN A 49 -24.13 -25.97 34.78
C GLN A 49 -24.35 -24.94 33.68
N HIS A 50 -23.56 -24.98 32.62
CA HIS A 50 -23.79 -24.10 31.47
C HIS A 50 -24.92 -24.60 30.58
N LYS A 51 -25.40 -25.83 30.79
CA LYS A 51 -26.53 -26.37 30.07
C LYS A 51 -27.82 -26.29 30.89
N SER A 52 -27.84 -25.52 31.97
CA SER A 52 -29.06 -25.35 32.75
C SER A 52 -30.08 -24.56 31.96
N LYS A 53 -31.36 -24.86 32.20
CA LYS A 53 -32.42 -24.26 31.40
C LYS A 53 -32.65 -22.79 31.73
N PHE A 54 -32.26 -22.34 32.92
CA PHE A 54 -32.44 -20.96 33.33
C PHE A 54 -31.68 -20.00 32.42
N ARG A 55 -30.37 -20.21 32.29
CA ARG A 55 -29.57 -19.36 31.41
C ARG A 55 -29.91 -19.59 29.95
N GLN A 56 -30.33 -20.81 29.59
CA GLN A 56 -30.68 -21.10 28.20
C GLN A 56 -31.98 -20.42 27.76
N VAL A 57 -32.90 -20.14 28.66
CA VAL A 57 -34.03 -19.30 28.30
C VAL A 57 -33.76 -17.81 28.50
N TYR A 58 -32.89 -17.44 29.44
CA TYR A 58 -32.55 -16.04 29.64
C TYR A 58 -31.83 -15.46 28.42
N SER A 59 -30.84 -16.20 27.92
CA SER A 59 -30.07 -15.76 26.76
C SER A 59 -30.96 -15.67 25.51
N CYS A 60 -31.82 -16.67 25.31
CA CYS A 60 -32.68 -16.67 24.13
C CYS A 60 -33.71 -15.55 24.21
N LEU A 61 -34.20 -15.25 25.40
CA LEU A 61 -35.17 -14.16 25.56
C LEU A 61 -34.54 -12.80 25.29
N VAL A 62 -33.33 -12.58 25.82
CA VAL A 62 -32.62 -11.32 25.54
C VAL A 62 -32.27 -11.23 24.06
N ILE A 63 -31.99 -12.37 23.41
CA ILE A 63 -31.62 -12.35 22.01
C ILE A 63 -32.83 -12.03 21.13
N THR A 64 -34.02 -12.57 21.45
CA THR A 64 -35.16 -12.24 20.59
C THR A 64 -35.65 -10.82 20.85
N LEU A 65 -35.47 -10.32 22.08
CA LEU A 65 -35.72 -8.90 22.35
C LEU A 65 -34.78 -8.02 21.52
N GLY A 66 -33.51 -8.40 21.43
CA GLY A 66 -32.55 -7.72 20.61
C GLY A 66 -32.89 -7.73 19.15
N PHE A 67 -33.36 -8.87 18.66
CA PHE A 67 -33.67 -8.99 17.25
C PHE A 67 -34.91 -8.17 16.88
N ILE A 68 -35.93 -8.17 17.74
CA ILE A 68 -37.14 -7.40 17.42
C ILE A 68 -36.84 -5.90 17.50
N THR A 69 -35.99 -5.48 18.45
CA THR A 69 -35.65 -4.06 18.55
C THR A 69 -34.78 -3.61 17.37
N CYS A 70 -33.79 -4.42 16.99
CA CYS A 70 -32.94 -4.08 15.86
C CYS A 70 -33.72 -4.09 14.56
N SER A 71 -34.70 -5.00 14.43
CA SER A 71 -35.52 -5.03 13.22
C SER A 71 -36.46 -3.83 13.16
N CYS A 72 -36.98 -3.39 14.30
CA CYS A 72 -37.80 -2.19 14.34
C CYS A 72 -36.99 -0.97 13.93
N TYR A 73 -35.77 -0.83 14.46
CA TYR A 73 -34.95 0.32 14.11
C TYR A 73 -34.39 0.21 12.69
N CYS A 74 -34.35 -1.01 12.13
CA CYS A 74 -33.86 -1.17 10.78
C CYS A 74 -34.94 -0.85 9.74
N ILE A 75 -36.19 -1.27 10.00
CA ILE A 75 -37.26 -0.93 9.08
C ILE A 75 -37.72 0.51 9.31
N GLY A 76 -37.32 1.10 10.44
CA GLY A 76 -37.50 2.53 10.60
C GLY A 76 -36.63 3.35 9.67
N LEU A 77 -35.47 2.79 9.29
CA LEU A 77 -34.57 3.46 8.36
C LEU A 77 -35.11 3.47 6.93
N CYS A 78 -35.78 2.41 6.48
CA CYS A 78 -36.26 2.33 5.11
C CYS A 78 -37.44 3.25 4.84
N LEU A 79 -38.20 3.62 5.87
CA LEU A 79 -39.28 4.60 5.74
C LEU A 79 -38.79 5.99 6.13
N SER A 80 -37.76 6.44 5.42
CA SER A 80 -37.15 7.74 5.65
C SER A 80 -37.48 8.64 4.47
N GLU A 81 -38.26 9.69 4.73
CA GLU A 81 -38.62 10.62 3.66
C GLU A 81 -37.44 11.51 3.29
N SER A 82 -36.96 12.31 4.24
CA SER A 82 -35.86 13.23 4.01
C SER A 82 -34.54 12.54 4.32
N ILE A 83 -33.45 13.23 4.00
CA ILE A 83 -32.12 12.67 4.28
C ILE A 83 -31.79 12.83 5.77
N ALA A 84 -32.49 13.74 6.45
CA ALA A 84 -32.20 14.00 7.86
C ALA A 84 -32.67 12.85 8.74
N GLN A 85 -33.86 12.30 8.46
CA GLN A 85 -34.36 11.16 9.24
C GLN A 85 -33.52 9.92 8.98
N ALA A 86 -33.05 9.75 7.74
CA ALA A 86 -32.18 8.63 7.41
C ALA A 86 -30.84 8.74 8.15
N LEU A 87 -30.21 9.92 8.09
CA LEU A 87 -28.97 10.13 8.81
C LEU A 87 -29.15 10.09 10.33
N ASN A 88 -30.35 10.35 10.82
CA ASN A 88 -30.63 10.21 12.25
C ASN A 88 -30.80 8.75 12.66
N ASN A 89 -31.35 7.92 11.78
CA ASN A 89 -31.48 6.50 12.07
C ASN A 89 -30.20 5.72 11.83
N ILE A 90 -29.25 6.30 11.06
CA ILE A 90 -28.03 5.59 10.68
C ILE A 90 -27.22 5.18 11.90
N THR A 91 -27.10 6.05 12.91
CA THR A 91 -26.23 5.79 14.05
C THR A 91 -26.74 4.62 14.90
N VAL A 92 -28.02 4.67 15.27
CA VAL A 92 -28.57 3.63 16.13
C VAL A 92 -28.72 2.32 15.36
N THR A 93 -29.08 2.38 14.07
CA THR A 93 -29.16 1.14 13.28
C THR A 93 -27.77 0.53 13.09
N SER A 94 -26.75 1.37 12.93
CA SER A 94 -25.35 0.95 12.90
C SER A 94 -24.98 0.15 14.13
N TYR A 95 -25.15 0.75 15.32
CA TYR A 95 -24.74 0.05 16.53
C TYR A 95 -25.59 -1.20 16.78
N PHE A 96 -26.87 -1.16 16.39
CA PHE A 96 -27.75 -2.29 16.69
C PHE A 96 -27.45 -3.48 15.78
N LEU A 97 -27.11 -3.23 14.52
CA LEU A 97 -26.75 -4.37 13.67
C LEU A 97 -25.33 -4.84 13.95
N GLN A 98 -24.48 -3.96 14.52
CA GLN A 98 -23.21 -4.43 15.08
C GLN A 98 -23.43 -5.45 16.19
N SER A 99 -24.32 -5.11 17.13
CA SER A 99 -24.64 -6.05 18.21
C SER A 99 -25.32 -7.31 17.69
N CYS A 100 -26.10 -7.18 16.61
CA CYS A 100 -26.76 -8.35 16.02
C CYS A 100 -25.75 -9.32 15.42
N VAL A 101 -24.77 -8.79 14.67
CA VAL A 101 -23.71 -9.61 14.10
C VAL A 101 -22.89 -10.25 15.23
N CYS A 102 -22.66 -9.50 16.32
CA CYS A 102 -21.94 -10.07 17.45
C CYS A 102 -22.72 -11.21 18.11
N TYR A 103 -24.04 -11.06 18.24
CA TYR A 103 -24.87 -12.11 18.81
C TYR A 103 -24.84 -13.38 17.97
N VAL A 104 -24.97 -13.23 16.65
CA VAL A 104 -24.96 -14.40 15.76
C VAL A 104 -23.59 -15.06 15.77
N SER A 105 -22.52 -14.27 15.72
CA SER A 105 -21.17 -14.82 15.65
C SER A 105 -20.77 -15.48 16.98
N PHE A 106 -21.38 -15.07 18.08
CA PHE A 106 -21.10 -15.78 19.32
C PHE A 106 -22.04 -16.97 19.55
N ILE A 107 -23.21 -16.98 18.92
CA ILE A 107 -24.04 -18.17 18.95
C ILE A 107 -23.43 -19.31 18.14
N ILE A 108 -22.90 -19.00 16.95
CA ILE A 108 -22.39 -20.04 16.05
C ILE A 108 -21.16 -20.72 16.65
N ASN A 109 -20.14 -19.93 17.01
CA ASN A 109 -18.88 -20.48 17.49
C ASN A 109 -18.87 -20.47 19.02
N SER A 110 -19.75 -21.27 19.60
CA SER A 110 -19.77 -21.49 21.04
C SER A 110 -18.85 -22.61 21.46
N ARG A 111 -18.10 -23.19 20.54
CA ARG A 111 -17.13 -24.23 20.84
C ARG A 111 -15.70 -23.72 20.87
N LYS A 112 -15.37 -22.74 20.05
CA LYS A 112 -14.01 -22.20 20.05
C LYS A 112 -13.80 -21.26 21.23
N LEU A 113 -14.89 -20.72 21.79
CA LEU A 113 -14.78 -19.88 22.98
C LEU A 113 -14.37 -20.70 24.19
N GLU A 114 -14.73 -21.98 24.20
CA GLU A 114 -14.22 -22.92 25.19
C GLU A 114 -12.70 -22.99 25.16
N THR A 115 -12.14 -23.12 23.95
CA THR A 115 -10.69 -23.18 23.79
C THR A 115 -10.04 -21.84 24.14
N LEU A 116 -10.72 -20.74 23.83
CA LEU A 116 -10.18 -19.42 24.12
C LEU A 116 -10.14 -19.15 25.63
N PHE A 117 -11.16 -19.61 26.35
CA PHE A 117 -11.13 -19.43 27.80
C PHE A 117 -10.25 -20.49 28.46
N ASN A 118 -9.96 -21.58 27.75
CA ASN A 118 -8.97 -22.52 28.25
C ASN A 118 -7.56 -22.00 28.03
N TYR A 119 -7.38 -21.11 27.08
CA TYR A 119 -6.04 -20.57 26.84
C TYR A 119 -5.61 -19.63 27.95
N LEU A 120 -6.43 -18.62 28.26
CA LEU A 120 -6.09 -17.62 29.27
C LEU A 120 -6.40 -18.07 30.69
N PHE A 121 -6.60 -19.37 30.92
CA PHE A 121 -6.69 -19.92 32.26
C PHE A 121 -5.41 -20.59 32.73
N GLU A 122 -4.74 -21.37 31.87
CA GLU A 122 -3.38 -21.86 32.14
C GLU A 122 -2.55 -21.54 30.88
N ASN A 123 -1.48 -20.77 31.09
CA ASN A 123 -0.63 -20.32 30.00
C ASN A 123 0.83 -20.22 30.45
N GLU A 124 1.23 -21.07 31.39
CA GLU A 124 2.52 -20.96 32.04
C GLU A 124 3.65 -21.25 31.06
N VAL A 125 4.47 -20.25 30.81
CA VAL A 125 5.61 -20.39 29.91
C VAL A 125 6.78 -21.00 30.69
N VAL A 126 7.38 -22.04 30.12
CA VAL A 126 8.46 -22.77 30.76
C VAL A 126 9.77 -22.22 30.24
N GLY A 127 10.61 -21.73 31.16
CA GLY A 127 11.93 -21.24 30.83
C GLY A 127 12.20 -19.82 31.29
N CYS A 128 11.18 -18.97 31.35
CA CYS A 128 11.40 -17.57 31.71
C CYS A 128 11.67 -17.45 33.21
N PRO A 129 12.44 -16.44 33.63
CA PRO A 129 12.67 -16.25 35.07
C PRO A 129 11.42 -15.74 35.77
N ARG A 130 11.38 -15.94 37.08
CA ARG A 130 10.20 -15.57 37.85
C ARG A 130 10.11 -14.06 38.05
N GLY A 131 11.25 -13.38 38.11
CA GLY A 131 11.30 -11.95 38.30
C GLY A 131 10.70 -11.18 37.16
N TYR A 132 10.75 -11.76 35.96
CA TYR A 132 10.02 -11.24 34.81
C TYR A 132 8.54 -11.60 34.84
N LYS A 133 8.21 -12.81 35.31
CA LYS A 133 6.83 -13.30 35.27
C LYS A 133 5.94 -12.54 36.25
N MET A 134 6.47 -12.16 37.41
CA MET A 134 5.66 -11.41 38.38
C MET A 134 5.34 -10.01 37.85
N SER A 135 6.33 -9.34 37.25
CA SER A 135 6.09 -8.05 36.63
C SER A 135 5.14 -8.15 35.46
N SER A 136 5.21 -9.25 34.71
CA SER A 136 4.27 -9.50 33.63
C SER A 136 2.85 -9.63 34.14
N ILE A 137 2.66 -10.34 35.26
CA ILE A 137 1.32 -10.51 35.82
C ILE A 137 0.79 -9.19 36.36
N LYS A 138 1.67 -8.37 36.96
CA LYS A 138 1.26 -7.04 37.42
C LYS A 138 0.82 -6.15 36.27
N THR A 139 1.60 -6.14 35.18
CA THR A 139 1.26 -5.32 34.02
C THR A 139 -0.03 -5.81 33.36
N THR A 140 -0.22 -7.14 33.31
CA THR A 140 -1.44 -7.72 32.75
C THR A 140 -2.66 -7.30 33.55
N LEU A 141 -2.56 -7.38 34.88
CA LEU A 141 -3.68 -6.99 35.75
C LEU A 141 -4.01 -5.51 35.59
N PHE A 142 -2.99 -4.66 35.55
CA PHE A 142 -3.22 -3.22 35.44
C PHE A 142 -3.88 -2.86 34.11
N ARG A 143 -3.36 -3.40 33.00
CA ARG A 143 -3.90 -3.03 31.70
C ARG A 143 -5.29 -3.64 31.48
N CYS A 144 -5.53 -4.84 32.03
CA CYS A 144 -6.86 -5.44 31.98
C CYS A 144 -7.89 -4.60 32.71
N LYS A 145 -7.55 -4.15 33.94
CA LYS A 145 -8.48 -3.34 34.71
C LYS A 145 -8.74 -1.99 34.04
N PHE A 146 -7.70 -1.39 33.46
CA PHE A 146 -7.85 -0.11 32.77
C PHE A 146 -8.77 -0.24 31.56
N VAL A 147 -8.53 -1.24 30.72
CA VAL A 147 -9.31 -1.41 29.49
C VAL A 147 -10.76 -1.75 29.80
N ALA A 148 -10.99 -2.57 30.85
CA ALA A 148 -12.37 -2.90 31.21
C ALA A 148 -13.11 -1.69 31.77
N PHE A 149 -12.53 -1.03 32.79
CA PHE A 149 -13.22 0.07 33.47
C PHE A 149 -13.43 1.29 32.60
N SER A 150 -12.54 1.58 31.65
CA SER A 150 -12.70 2.76 30.82
C SER A 150 -13.94 2.63 29.92
N LEU A 151 -14.03 1.52 29.18
CA LEU A 151 -15.19 1.27 28.33
C LEU A 151 -16.47 1.13 29.16
N GLY A 152 -16.36 0.53 30.35
CA GLY A 152 -17.55 0.38 31.19
C GLY A 152 -18.11 1.72 31.64
N ILE A 153 -17.24 2.61 32.13
CA ILE A 153 -17.68 3.90 32.64
C ILE A 153 -18.21 4.77 31.50
N LEU A 154 -17.50 4.78 30.36
CA LEU A 154 -17.95 5.62 29.25
C LEU A 154 -19.26 5.12 28.66
N SER A 155 -19.42 3.80 28.55
CA SER A 155 -20.66 3.24 28.02
C SER A 155 -21.84 3.49 28.97
N PHE A 156 -21.61 3.38 30.28
CA PHE A 156 -22.69 3.62 31.23
C PHE A 156 -23.13 5.08 31.20
N PHE A 157 -22.18 6.02 31.17
CA PHE A 157 -22.56 7.43 31.12
C PHE A 157 -23.21 7.79 29.79
N GLY A 158 -22.77 7.16 28.70
CA GLY A 158 -23.38 7.43 27.40
C GLY A 158 -24.81 6.94 27.32
N TRP A 159 -25.07 5.73 27.83
CA TRP A 159 -26.44 5.23 27.89
C TRP A 159 -27.31 6.11 28.78
N LEU A 160 -26.76 6.51 29.94
CA LEU A 160 -27.50 7.31 30.91
C LEU A 160 -27.94 8.64 30.30
N MET A 161 -27.00 9.36 29.69
CA MET A 161 -27.36 10.61 29.01
C MET A 161 -28.34 10.35 27.88
N TRP A 162 -27.94 9.52 26.90
CA TRP A 162 -28.69 9.32 25.64
C TRP A 162 -30.11 8.83 25.86
N THR A 163 -30.38 8.13 26.96
CA THR A 163 -31.72 7.61 27.18
C THR A 163 -32.49 8.32 28.28
N LEU A 164 -31.86 8.70 29.39
CA LEU A 164 -32.60 9.25 30.51
C LEU A 164 -32.37 10.74 30.73
N LEU A 165 -31.78 11.46 29.78
CA LEU A 165 -31.77 12.92 29.91
C LEU A 165 -33.07 13.58 29.45
N PRO A 166 -33.63 13.29 28.26
CA PRO A 166 -34.90 13.97 27.91
C PRO A 166 -36.09 13.46 28.70
N LEU A 167 -36.01 12.23 29.23
CA LEU A 167 -37.05 11.75 30.12
C LEU A 167 -37.01 12.48 31.45
N ALA A 168 -35.81 12.73 31.98
CA ALA A 168 -35.67 13.47 33.21
C ALA A 168 -36.08 14.93 33.02
N VAL A 169 -35.80 15.48 31.84
CA VAL A 169 -36.22 16.84 31.52
C VAL A 169 -37.75 16.95 31.52
N LEU A 170 -38.43 15.94 30.98
CA LEU A 170 -39.88 16.00 30.92
C LEU A 170 -40.50 15.72 32.28
N VAL A 171 -39.89 14.86 33.09
CA VAL A 171 -40.48 14.57 34.40
C VAL A 171 -40.18 15.71 35.37
N VAL A 172 -39.16 16.53 35.06
CA VAL A 172 -39.00 17.78 35.81
C VAL A 172 -40.05 18.79 35.37
N ASP A 173 -40.26 18.92 34.06
CA ASP A 173 -41.27 19.83 33.52
C ASP A 173 -42.65 19.18 33.51
N GLN A 182 -45.44 16.97 21.13
CA GLN A 182 -44.57 18.08 21.47
C GLN A 182 -43.55 17.70 22.54
N THR A 183 -43.36 16.40 22.73
CA THR A 183 -42.50 15.91 23.79
C THR A 183 -41.14 15.44 23.29
N SER A 184 -41.13 14.43 22.39
CA SER A 184 -39.93 13.84 21.82
C SER A 184 -38.94 13.40 22.90
N LEU A 185 -39.36 12.42 23.71
CA LEU A 185 -38.49 11.94 24.78
C LEU A 185 -37.35 11.10 24.23
N ARG A 186 -37.57 10.36 23.16
CA ARG A 186 -36.53 9.55 22.55
C ARG A 186 -35.81 10.36 21.48
N PHE A 187 -34.62 9.90 21.13
CA PHE A 187 -33.80 10.65 20.17
C PHE A 187 -34.31 10.48 18.75
N VAL A 188 -34.34 9.24 18.25
CA VAL A 188 -34.71 8.96 16.88
C VAL A 188 -35.98 8.10 16.89
N GLU A 189 -36.82 8.28 15.88
CA GLU A 189 -38.07 7.54 15.79
C GLU A 189 -37.85 6.23 15.04
N ALA A 190 -38.72 5.26 15.33
CA ALA A 190 -38.67 3.96 14.68
C ALA A 190 -40.08 3.52 14.32
N TRP A 191 -40.16 2.49 13.49
CA TRP A 191 -41.45 1.93 13.11
C TRP A 191 -42.09 1.23 14.30
N TYR A 192 -43.41 1.31 14.39
CA TYR A 192 -44.15 0.70 15.48
C TYR A 192 -45.54 0.36 14.97
N PRO A 193 -46.23 -0.59 15.60
CA PRO A 193 -47.63 -0.84 15.21
C PRO A 193 -48.56 0.32 15.53
N PHE A 194 -48.43 0.90 16.71
CA PHE A 194 -49.25 2.03 17.13
C PHE A 194 -48.64 3.33 16.63
N ASP A 195 -49.24 4.45 17.06
CA ASP A 195 -48.81 5.75 16.56
C ASP A 195 -47.62 6.29 17.35
N THR A 196 -47.57 5.99 18.66
CA THR A 196 -46.55 6.40 19.62
C THR A 196 -46.38 7.93 19.72
N THR A 197 -47.38 8.68 19.27
CA THR A 197 -47.34 10.13 19.42
C THR A 197 -48.16 10.56 20.64
N THR A 198 -49.24 9.83 20.93
CA THR A 198 -50.03 10.05 22.13
C THR A 198 -49.19 9.75 23.37
N SER A 199 -49.49 10.44 24.47
CA SER A 199 -48.65 10.55 25.66
C SER A 199 -48.24 9.24 26.32
N PRO A 200 -49.15 8.29 26.72
CA PRO A 200 -48.70 7.13 27.50
C PRO A 200 -47.87 6.14 26.69
N MET A 201 -48.23 6.01 25.41
CA MET A 201 -47.51 5.15 24.49
C MET A 201 -46.05 5.58 24.36
N ASN A 202 -45.80 6.89 24.32
CA ASN A 202 -44.43 7.36 24.14
C ASN A 202 -43.59 7.09 25.40
N GLU A 203 -44.21 7.19 26.58
CA GLU A 203 -43.50 6.89 27.83
C GLU A 203 -43.16 5.41 27.94
N VAL A 204 -44.12 4.52 27.62
CA VAL A 204 -43.84 3.10 27.77
C VAL A 204 -42.86 2.63 26.69
N ILE A 205 -42.90 3.28 25.52
CA ILE A 205 -41.92 2.99 24.48
C ILE A 205 -40.55 3.48 24.88
N ALA A 206 -40.48 4.61 25.61
CA ALA A 206 -39.19 5.10 26.10
C ALA A 206 -38.59 4.15 27.15
N ILE A 207 -39.44 3.61 28.03
CA ILE A 207 -38.95 2.66 29.04
C ILE A 207 -38.48 1.36 28.39
N TYR A 208 -39.24 0.86 27.41
CA TYR A 208 -38.83 -0.32 26.67
C TYR A 208 -37.54 -0.07 25.89
N GLU A 209 -37.39 1.14 25.36
CA GLU A 209 -36.16 1.53 24.68
C GLU A 209 -34.98 1.57 25.65
N ALA A 210 -35.23 1.98 26.90
CA ALA A 210 -34.18 2.02 27.91
C ALA A 210 -33.64 0.62 28.20
N VAL A 211 -34.54 -0.32 28.50
CA VAL A 211 -34.07 -1.67 28.85
C VAL A 211 -33.49 -2.38 27.62
N ALA A 212 -34.07 -2.15 26.44
CA ALA A 212 -33.53 -2.74 25.23
C ALA A 212 -32.16 -2.16 24.90
N MET A 213 -31.95 -0.87 25.16
CA MET A 213 -30.65 -0.28 24.84
C MET A 213 -29.61 -0.70 25.85
N ILE A 214 -30.01 -1.04 27.08
CA ILE A 214 -29.08 -1.68 28.02
C ILE A 214 -28.60 -3.01 27.45
N PHE A 215 -29.54 -3.88 27.08
CA PHE A 215 -29.15 -5.23 26.64
C PHE A 215 -28.53 -5.21 25.24
N LEU A 216 -28.66 -4.09 24.53
CA LEU A 216 -28.12 -3.97 23.18
C LEU A 216 -26.79 -3.23 23.15
N ILE A 217 -26.51 -2.42 24.19
CA ILE A 217 -25.21 -1.78 24.35
C ILE A 217 -24.20 -2.71 24.98
N THR A 218 -24.59 -3.47 26.01
CA THR A 218 -23.59 -4.19 26.79
C THR A 218 -23.03 -5.44 26.10
N ALA A 219 -23.54 -5.84 24.93
CA ALA A 219 -22.99 -7.03 24.28
C ALA A 219 -21.72 -6.75 23.46
N PRO A 220 -21.66 -5.74 22.58
CA PRO A 220 -20.37 -5.50 21.89
C PRO A 220 -19.28 -4.98 22.80
N MET A 221 -19.64 -4.25 23.86
CA MET A 221 -18.64 -3.84 24.85
C MET A 221 -18.03 -5.06 25.54
N SER A 222 -18.86 -6.06 25.86
CA SER A 222 -18.36 -7.28 26.48
C SER A 222 -17.47 -8.07 25.53
N SER A 223 -17.87 -8.16 24.26
CA SER A 223 -17.05 -8.86 23.28
C SER A 223 -15.71 -8.16 23.07
N ASP A 224 -15.71 -6.83 23.08
CA ASP A 224 -14.46 -6.09 22.87
C ASP A 224 -13.56 -6.16 24.09
N ILE A 225 -14.15 -6.21 25.29
CA ILE A 225 -13.36 -6.46 26.50
C ILE A 225 -12.69 -7.83 26.44
N MET A 226 -13.43 -8.86 26.00
CA MET A 226 -12.81 -10.18 25.87
C MET A 226 -11.70 -10.22 24.83
N PHE A 227 -11.89 -9.52 23.71
CA PHE A 227 -10.85 -9.44 22.69
C PHE A 227 -9.59 -8.74 23.22
N CYS A 228 -9.79 -7.65 23.99
CA CYS A 228 -8.64 -6.91 24.50
C CYS A 228 -7.90 -7.71 25.58
N VAL A 229 -8.63 -8.47 26.40
CA VAL A 229 -8.00 -9.34 27.38
C VAL A 229 -7.17 -10.41 26.68
N LEU A 230 -7.71 -10.99 25.59
CA LEU A 230 -6.96 -11.97 24.80
C LEU A 230 -5.68 -11.37 24.23
N MET A 231 -5.76 -10.14 23.71
CA MET A 231 -4.58 -9.53 23.11
C MET A 231 -3.52 -9.20 24.14
N ILE A 232 -3.94 -8.77 25.34
CA ILE A 232 -2.97 -8.47 26.40
C ILE A 232 -2.26 -9.73 26.85
N PHE A 233 -3.02 -10.82 27.04
CA PHE A 233 -2.41 -12.09 27.46
C PHE A 233 -1.47 -12.63 26.39
N ILE A 234 -1.81 -12.44 25.12
CA ILE A 234 -0.95 -12.94 24.04
C ILE A 234 0.35 -12.12 23.94
N VAL A 235 0.26 -10.80 24.17
CA VAL A 235 1.46 -9.96 24.17
C VAL A 235 2.40 -10.37 25.31
N GLU A 236 1.84 -10.64 26.49
CA GLU A 236 2.68 -11.06 27.60
C GLU A 236 3.28 -12.45 27.37
N HIS A 237 2.52 -13.33 26.72
CA HIS A 237 3.03 -14.63 26.33
C HIS A 237 4.21 -14.52 25.37
N LEU A 238 4.11 -13.61 24.40
CA LEU A 238 5.20 -13.44 23.43
C LEU A 238 6.45 -12.86 24.09
N LYS A 239 6.27 -11.92 25.02
CA LYS A 239 7.42 -11.35 25.72
C LYS A 239 8.12 -12.39 26.59
N CYS A 240 7.33 -13.23 27.29
CA CYS A 240 7.92 -14.30 28.08
C CYS A 240 8.58 -15.35 27.20
N LEU A 241 8.08 -15.56 25.98
CA LEU A 241 8.74 -16.49 25.06
C LEU A 241 10.08 -15.94 24.60
N GLY A 242 10.16 -14.64 24.33
CA GLY A 242 11.44 -14.03 23.98
C GLY A 242 12.46 -14.13 25.10
N MET A 243 12.03 -13.86 26.33
CA MET A 243 12.92 -14.01 27.48
C MET A 243 13.34 -15.46 27.68
N ALA A 244 12.45 -16.41 27.37
CA ALA A 244 12.80 -17.82 27.50
C ALA A 244 13.83 -18.23 26.46
N ILE A 245 13.73 -17.70 25.24
CA ILE A 245 14.73 -17.98 24.21
C ILE A 245 16.09 -17.43 24.62
N GLU A 246 16.10 -16.21 25.17
CA GLU A 246 17.36 -15.61 25.62
C GLU A 246 17.99 -16.40 26.77
N CYS A 247 17.17 -16.83 27.75
CA CYS A 247 17.72 -17.55 28.89
C CYS A 247 18.11 -18.98 28.51
N THR A 248 17.50 -19.53 27.45
CA THR A 248 17.95 -20.81 26.93
C THR A 248 19.29 -20.68 26.22
N LEU A 249 19.46 -19.67 25.39
CA LEU A 249 20.70 -19.49 24.63
C LEU A 249 21.85 -19.06 25.53
N LYS A 250 21.57 -18.43 26.68
CA LYS A 250 22.64 -18.01 27.58
C LYS A 250 23.40 -19.19 28.15
N GLY A 251 22.74 -20.32 28.38
CA GLY A 251 23.40 -21.51 28.88
C GLY A 251 24.33 -22.15 27.87
N ASP A 321 19.21 -28.30 26.28
CA ASP A 321 19.43 -28.14 24.84
C ASP A 321 18.20 -28.51 24.03
N ALA A 322 17.68 -29.72 24.26
CA ALA A 322 16.56 -30.21 23.45
C ALA A 322 15.24 -29.78 24.04
N THR A 323 15.04 -30.01 25.34
CA THR A 323 13.72 -29.89 25.95
C THR A 323 13.25 -28.45 26.02
N SER A 324 14.18 -27.52 26.31
CA SER A 324 13.83 -26.11 26.34
C SER A 324 13.41 -25.61 24.97
N LEU A 325 14.10 -26.06 23.91
CA LEU A 325 13.75 -25.65 22.56
C LEU A 325 12.42 -26.26 22.12
N CYS A 326 12.15 -27.51 22.52
CA CYS A 326 10.86 -28.12 22.20
C CYS A 326 9.71 -27.41 22.89
N ASN A 327 9.92 -27.00 24.16
CA ASN A 327 8.86 -26.27 24.87
C ASN A 327 8.66 -24.89 24.27
N ILE A 328 9.73 -24.24 23.82
CA ILE A 328 9.63 -22.92 23.18
C ILE A 328 8.84 -23.02 21.88
N VAL A 329 9.17 -24.02 21.05
CA VAL A 329 8.48 -24.20 19.77
C VAL A 329 7.00 -24.55 20.01
N ASP A 330 6.71 -25.35 21.03
CA ASP A 330 5.33 -25.70 21.33
C ASP A 330 4.53 -24.50 21.80
N SER A 331 5.14 -23.62 22.62
CA SER A 331 4.42 -22.43 23.06
C SER A 331 4.21 -21.45 21.93
N HIS A 332 5.18 -21.33 21.02
CA HIS A 332 5.01 -20.51 19.82
C HIS A 332 3.87 -21.02 18.95
N VAL A 333 3.78 -22.34 18.81
CA VAL A 333 2.72 -22.94 18.01
C VAL A 333 1.36 -22.74 18.68
N LYS A 334 1.31 -22.83 20.01
CA LYS A 334 0.07 -22.58 20.72
C LYS A 334 -0.39 -21.13 20.56
N ILE A 335 0.56 -20.19 20.55
CA ILE A 335 0.22 -18.78 20.32
C ILE A 335 -0.34 -18.57 18.91
N TYR A 336 0.29 -19.21 17.92
CA TYR A 336 -0.20 -19.07 16.54
C TYR A 336 -1.58 -19.69 16.35
N ARG A 337 -1.82 -20.86 16.97
CA ARG A 337 -3.14 -21.49 16.86
C ARG A 337 -4.21 -20.68 17.59
N THR A 338 -3.85 -20.07 18.73
CA THR A 338 -4.81 -19.25 19.45
C THR A 338 -5.17 -17.99 18.68
N MET A 339 -4.19 -17.39 18.00
CA MET A 339 -4.50 -16.25 17.14
C MET A 339 -5.35 -16.67 15.94
N GLU A 340 -5.11 -17.85 15.39
CA GLU A 340 -5.94 -18.36 14.30
C GLU A 340 -7.37 -18.60 14.75
N ILE A 341 -7.56 -19.06 15.99
CA ILE A 341 -8.89 -19.21 16.54
C ILE A 341 -9.56 -17.86 16.77
N VAL A 342 -8.81 -16.86 17.25
CA VAL A 342 -9.35 -15.52 17.45
C VAL A 342 -9.77 -14.87 16.13
N GLN A 343 -9.12 -15.27 15.02
CA GLN A 343 -9.26 -14.57 13.74
C GLN A 343 -10.68 -14.56 13.19
N SER A 344 -11.41 -15.67 13.28
CA SER A 344 -12.62 -15.84 12.45
C SER A 344 -13.81 -15.02 12.95
N VAL A 345 -14.21 -15.24 14.21
CA VAL A 345 -15.37 -14.56 14.79
C VAL A 345 -15.15 -13.05 14.78
N TYR A 346 -13.95 -12.63 15.17
CA TYR A 346 -13.66 -11.21 15.17
C TYR A 346 -13.41 -10.69 13.76
N SER A 347 -13.17 -11.56 12.78
CA SER A 347 -13.07 -11.09 11.41
C SER A 347 -14.42 -10.59 10.91
N SER A 348 -15.45 -11.43 11.07
CA SER A 348 -16.80 -11.00 10.67
C SER A 348 -17.27 -9.80 11.50
N TYR A 349 -17.06 -9.87 12.82
CA TYR A 349 -17.52 -8.80 13.70
C TYR A 349 -16.76 -7.49 13.43
N PHE A 350 -15.48 -7.57 13.07
CA PHE A 350 -14.69 -6.37 12.84
C PHE A 350 -15.04 -5.72 11.51
N ALA A 351 -15.35 -6.52 10.49
CA ALA A 351 -15.81 -5.92 9.23
C ALA A 351 -17.09 -5.12 9.44
N THR A 352 -18.08 -5.74 10.11
CA THR A 352 -19.33 -5.03 10.41
C THR A 352 -19.08 -3.80 11.26
N LEU A 353 -18.24 -3.95 12.29
CA LEU A 353 -17.97 -2.86 13.24
C LEU A 353 -17.33 -1.66 12.57
N PHE A 354 -16.28 -1.90 11.78
CA PHE A 354 -15.52 -0.79 11.22
C PHE A 354 -16.32 -0.04 10.16
N PHE A 355 -17.07 -0.78 9.31
CA PHE A 355 -17.88 -0.10 8.29
C PHE A 355 -19.00 0.72 8.93
N THR A 356 -19.78 0.10 9.82
CA THR A 356 -20.91 0.80 10.40
C THR A 356 -20.47 1.90 11.35
N SER A 357 -19.28 1.76 11.95
CA SER A 357 -18.77 2.80 12.82
C SER A 357 -18.30 4.01 12.02
N CYS A 358 -17.71 3.79 10.83
CA CYS A 358 -17.36 4.91 9.98
C CYS A 358 -18.60 5.70 9.55
N LEU A 359 -19.68 4.98 9.19
CA LEU A 359 -20.94 5.66 8.87
C LEU A 359 -21.48 6.47 10.05
N ALA A 360 -21.45 5.87 11.25
CA ALA A 360 -21.98 6.55 12.43
C ALA A 360 -21.18 7.79 12.79
N VAL A 361 -19.84 7.72 12.64
CA VAL A 361 -18.99 8.87 12.95
C VAL A 361 -19.26 10.02 11.98
N CYS A 362 -19.37 9.69 10.68
CA CYS A 362 -19.66 10.73 9.68
C CYS A 362 -21.01 11.41 9.94
N ALA A 363 -22.03 10.60 10.27
CA ALA A 363 -23.36 11.17 10.54
C ALA A 363 -23.36 12.03 11.81
N LEU A 364 -22.66 11.60 12.86
CA LEU A 364 -22.61 12.37 14.09
C LEU A 364 -21.89 13.69 13.89
N ALA A 365 -20.79 13.68 13.13
CA ALA A 365 -20.07 14.91 12.88
C ALA A 365 -20.90 15.88 12.06
N TYR A 366 -21.69 15.37 11.10
CA TYR A 366 -22.58 16.24 10.34
C TYR A 366 -23.67 16.85 11.23
N PHE A 367 -24.23 16.06 12.15
CA PHE A 367 -25.29 16.62 13.01
C PHE A 367 -24.74 17.61 14.03
N LEU A 368 -23.51 17.38 14.51
CA LEU A 368 -22.95 18.32 15.48
C LEU A 368 -22.50 19.61 14.81
N ALA A 369 -22.00 19.52 13.58
CA ALA A 369 -21.42 20.71 12.97
C ALA A 369 -22.46 21.59 12.28
N ALA A 370 -23.50 21.01 11.69
CA ALA A 370 -24.39 21.79 10.82
C ALA A 370 -25.70 22.19 11.48
N THR A 371 -26.50 21.20 11.93
CA THR A 371 -27.88 21.49 12.24
C THR A 371 -28.02 22.15 13.62
N SER A 372 -29.23 22.63 13.90
CA SER A 372 -29.55 23.31 15.15
C SER A 372 -30.05 22.29 16.16
N THR A 373 -29.10 21.73 16.91
CA THR A 373 -29.44 20.78 17.96
C THR A 373 -30.00 21.49 19.18
N SER A 374 -30.97 20.86 19.84
CA SER A 374 -31.73 21.48 20.91
C SER A 374 -31.09 21.30 22.29
N PHE A 375 -29.78 21.04 22.36
CA PHE A 375 -28.95 21.11 23.56
C PHE A 375 -29.23 19.99 24.56
N THR A 376 -30.27 19.19 24.34
CA THR A 376 -30.53 18.05 25.20
C THR A 376 -29.89 16.78 24.66
N ARG A 377 -29.87 16.62 23.34
CA ARG A 377 -29.25 15.47 22.72
C ARG A 377 -27.73 15.60 22.60
N VAL A 378 -27.19 16.81 22.79
CA VAL A 378 -25.75 17.01 22.62
C VAL A 378 -24.91 16.25 23.64
N PRO A 379 -25.28 16.13 24.93
CA PRO A 379 -24.53 15.20 25.80
C PRO A 379 -24.62 13.74 25.39
N GLY A 380 -25.57 13.35 24.56
CA GLY A 380 -25.56 11.99 24.05
C GLY A 380 -24.59 11.85 22.89
N MET A 381 -24.62 12.82 21.98
CA MET A 381 -23.80 12.74 20.78
C MET A 381 -22.33 13.00 21.04
N VAL A 382 -21.98 13.81 22.05
CA VAL A 382 -20.58 14.06 22.34
C VAL A 382 -19.95 12.92 23.13
N LEU A 383 -20.75 12.09 23.81
CA LEU A 383 -20.24 10.89 24.46
C LEU A 383 -20.22 9.69 23.53
N TYR A 384 -21.15 9.60 22.58
CA TYR A 384 -21.15 8.48 21.63
C TYR A 384 -19.93 8.55 20.71
N LEU A 385 -19.53 9.76 20.29
CA LEU A 385 -18.29 9.93 19.52
C LEU A 385 -17.07 9.51 20.33
N MET A 386 -17.01 9.88 21.61
CA MET A 386 -15.87 9.54 22.43
C MET A 386 -15.78 8.03 22.65
N TYR A 387 -16.94 7.37 22.84
CA TYR A 387 -16.96 5.92 22.99
C TYR A 387 -16.48 5.23 21.72
N ILE A 388 -16.94 5.70 20.56
CA ILE A 388 -16.57 5.06 19.30
C ILE A 388 -15.07 5.24 19.02
N PHE A 389 -14.56 6.46 19.23
CA PHE A 389 -13.13 6.71 19.02
C PHE A 389 -12.27 5.91 19.99
N LEU A 390 -12.68 5.82 21.26
CA LEU A 390 -11.92 5.05 22.24
C LEU A 390 -11.92 3.57 21.89
N ARG A 391 -13.06 3.04 21.44
CA ARG A 391 -13.15 1.64 21.07
C ARG A 391 -12.26 1.31 19.88
N ILE A 392 -12.32 2.14 18.83
CA ILE A 392 -11.51 1.90 17.63
C ILE A 392 -10.03 2.01 17.96
N PHE A 393 -9.65 2.99 18.77
CA PHE A 393 -8.25 3.19 19.09
C PHE A 393 -7.70 2.05 19.94
N LEU A 394 -8.49 1.56 20.90
CA LEU A 394 -8.00 0.48 21.75
C LEU A 394 -7.90 -0.84 20.99
N LEU A 395 -8.87 -1.11 20.11
CA LEU A 395 -8.80 -2.33 19.29
C LEU A 395 -7.59 -2.28 18.35
N CYS A 396 -7.34 -1.13 17.73
CA CYS A 396 -6.21 -1.03 16.81
C CYS A 396 -4.87 -1.10 17.54
N LEU A 397 -4.79 -0.52 18.75
CA LEU A 397 -3.55 -0.57 19.51
C LEU A 397 -3.23 -1.98 19.97
N LEU A 398 -4.22 -2.68 20.54
CA LEU A 398 -3.95 -4.03 21.01
C LEU A 398 -3.94 -5.05 19.88
N ALA A 399 -4.28 -4.65 18.65
CA ALA A 399 -3.98 -5.52 17.52
C ALA A 399 -2.60 -5.25 16.94
N THR A 400 -2.08 -4.02 17.09
CA THR A 400 -0.75 -3.71 16.55
C THR A 400 0.35 -4.25 17.47
N GLU A 401 0.08 -4.30 18.79
CA GLU A 401 1.08 -4.74 19.75
C GLU A 401 1.50 -6.18 19.52
N VAL A 402 0.57 -7.03 19.07
CA VAL A 402 0.88 -8.44 18.85
C VAL A 402 1.82 -8.62 17.66
N ALA A 403 1.56 -7.90 16.57
CA ALA A 403 2.44 -7.97 15.41
C ALA A 403 3.82 -7.42 15.73
N GLU A 404 3.88 -6.34 16.52
CA GLU A 404 5.18 -5.80 16.92
C GLU A 404 5.94 -6.79 17.80
N GLN A 405 5.24 -7.50 18.69
CA GLN A 405 5.93 -8.46 19.55
C GLN A 405 6.35 -9.70 18.76
N GLY A 406 5.61 -10.08 17.72
CA GLY A 406 6.08 -11.17 16.87
C GLY A 406 7.33 -10.82 16.09
N LEU A 407 7.35 -9.62 15.50
CA LEU A 407 8.53 -9.20 14.76
C LEU A 407 9.71 -8.93 15.70
N ASN A 408 9.43 -8.66 16.98
CA ASN A 408 10.52 -8.59 17.94
C ASN A 408 10.94 -9.98 18.42
N LEU A 409 10.06 -10.97 18.29
CA LEU A 409 10.46 -12.35 18.54
C LEU A 409 11.35 -12.87 17.41
N CYS A 410 11.27 -12.24 16.24
CA CYS A 410 12.22 -12.55 15.17
C CYS A 410 13.66 -12.26 15.58
N HIS A 411 13.89 -11.17 16.31
CA HIS A 411 15.21 -10.79 16.80
C HIS A 411 15.49 -11.34 18.20
N ALA A 412 15.29 -12.63 18.40
CA ALA A 412 15.46 -13.24 19.70
C ALA A 412 16.55 -14.30 19.65
N GLY A 413 17.44 -14.26 20.63
CA GLY A 413 18.53 -15.22 20.68
C GLY A 413 19.55 -15.01 19.59
N TYR A 414 20.02 -13.78 19.42
CA TYR A 414 20.92 -13.41 18.33
C TYR A 414 22.07 -12.65 18.96
N SER A 415 23.16 -13.35 19.25
CA SER A 415 24.32 -12.76 19.90
C SER A 415 25.56 -13.51 19.43
N SER A 416 26.66 -13.37 20.18
CA SER A 416 27.85 -14.16 19.92
C SER A 416 27.67 -15.61 20.36
N LYS A 417 26.65 -15.87 21.18
CA LYS A 417 26.40 -17.24 21.61
C LYS A 417 25.85 -18.08 20.46
N LEU A 418 25.00 -17.48 19.61
CA LEU A 418 24.47 -18.17 18.43
C LEU A 418 25.58 -18.59 17.48
N VAL A 419 26.61 -17.76 17.32
CA VAL A 419 27.75 -18.11 16.51
C VAL A 419 28.59 -19.20 17.15
N LEU A 420 28.49 -19.38 18.47
CA LEU A 420 29.29 -20.37 19.18
C LEU A 420 28.47 -21.57 19.64
N ALA A 421 27.23 -21.69 19.15
CA ALA A 421 26.41 -22.83 19.50
C ALA A 421 26.60 -23.95 18.48
N SER A 422 25.95 -25.09 18.74
CA SER A 422 26.04 -26.23 17.85
C SER A 422 25.17 -26.01 16.62
N ASP A 423 25.15 -27.03 15.74
CA ASP A 423 24.34 -26.92 14.54
C ASP A 423 22.86 -27.13 14.84
N HIS A 424 22.55 -27.88 15.88
CA HIS A 424 21.17 -28.10 16.30
C HIS A 424 20.51 -26.79 16.72
N VAL A 425 21.18 -26.03 17.57
CA VAL A 425 20.64 -24.75 18.03
C VAL A 425 20.63 -23.74 16.89
N ARG A 426 21.67 -23.73 16.06
CA ARG A 426 21.74 -22.80 14.96
C ARG A 426 20.72 -23.09 13.87
N SER A 427 20.21 -24.31 13.79
CA SER A 427 19.11 -24.62 12.88
C SER A 427 17.74 -24.37 13.51
N THR A 428 17.60 -24.64 14.81
CA THR A 428 16.30 -24.45 15.46
C THR A 428 15.97 -22.97 15.62
N ILE A 429 16.98 -22.14 15.95
CA ILE A 429 16.75 -20.70 16.04
C ILE A 429 16.45 -20.11 14.67
N GLN A 430 17.07 -20.68 13.63
CA GLN A 430 16.77 -20.25 12.27
C GLN A 430 15.35 -20.61 11.86
N ALA A 431 14.88 -21.79 12.26
CA ALA A 431 13.50 -22.18 11.99
C ALA A 431 12.52 -21.29 12.74
N ILE A 432 12.84 -20.95 13.99
CA ILE A 432 11.99 -20.08 14.79
C ILE A 432 11.92 -18.69 14.17
N ALA A 433 13.04 -18.18 13.67
CA ALA A 433 13.05 -16.86 13.05
C ALA A 433 12.29 -16.85 11.73
N THR A 434 12.43 -17.92 10.95
CA THR A 434 11.72 -18.02 9.68
C THR A 434 10.21 -18.09 9.90
N ARG A 435 9.77 -18.84 10.92
CA ARG A 435 8.35 -18.88 11.21
C ARG A 435 7.86 -17.59 11.87
N ALA A 436 8.76 -16.88 12.55
CA ALA A 436 8.35 -15.67 13.25
C ALA A 436 8.31 -14.47 12.31
N GLN A 437 8.92 -14.60 11.12
CA GLN A 437 8.80 -13.54 10.13
C GLN A 437 7.37 -13.40 9.60
N ILE A 438 6.58 -14.46 9.70
CA ILE A 438 5.16 -14.36 9.34
C ILE A 438 4.44 -13.55 10.40
N PRO A 439 3.70 -12.51 10.05
CA PRO A 439 3.07 -11.66 11.08
C PRO A 439 1.76 -12.23 11.60
N LEU A 440 1.57 -12.08 12.91
CA LEU A 440 0.31 -12.44 13.56
C LEU A 440 -0.61 -11.24 13.50
N SER A 441 -1.53 -11.24 12.54
CA SER A 441 -2.40 -10.10 12.31
C SER A 441 -3.85 -10.54 12.31
N ILE A 442 -4.74 -9.64 12.75
CA ILE A 442 -6.17 -9.89 12.71
C ILE A 442 -6.75 -9.13 11.52
N THR A 443 -7.40 -9.86 10.62
CA THR A 443 -8.01 -9.29 9.44
C THR A 443 -9.51 -9.20 9.64
N GLY A 444 -10.11 -8.10 9.20
CA GLY A 444 -11.55 -7.97 9.24
C GLY A 444 -12.20 -8.51 7.99
N ALA A 445 -12.62 -9.78 8.03
CA ALA A 445 -13.16 -10.53 6.91
C ALA A 445 -12.25 -10.50 5.68
N ARG A 446 -10.94 -10.42 5.89
CA ARG A 446 -9.87 -10.37 4.89
C ARG A 446 -9.96 -9.15 3.97
N PHE A 447 -10.74 -8.13 4.33
CA PHE A 447 -10.76 -6.89 3.56
C PHE A 447 -9.67 -5.92 3.99
N PHE A 448 -9.28 -5.97 5.26
CA PHE A 448 -8.24 -5.08 5.78
C PHE A 448 -7.59 -5.75 6.98
N THR A 449 -6.39 -5.30 7.29
CA THR A 449 -5.68 -5.74 8.48
C THR A 449 -5.91 -4.71 9.59
N VAL A 450 -6.33 -5.18 10.76
CA VAL A 450 -6.55 -4.28 11.88
C VAL A 450 -5.20 -3.85 12.43
N ASN A 451 -4.75 -2.67 12.02
CA ASN A 451 -3.49 -2.10 12.46
C ASN A 451 -3.76 -0.70 12.97
N LEU A 452 -2.70 0.03 13.28
CA LEU A 452 -2.86 1.43 13.65
C LEU A 452 -2.80 2.36 12.43
N SER A 453 -2.19 1.92 11.34
CA SER A 453 -2.24 2.70 10.11
C SER A 453 -3.62 2.63 9.46
N PHE A 454 -4.35 1.54 9.69
CA PHE A 454 -5.71 1.44 9.19
C PHE A 454 -6.62 2.44 9.88
N LEU A 455 -6.35 2.76 11.15
CA LEU A 455 -7.11 3.80 11.84
C LEU A 455 -6.86 5.16 11.20
N ALA A 456 -5.62 5.42 10.77
CA ALA A 456 -5.33 6.68 10.09
C ALA A 456 -6.00 6.75 8.73
N SER A 457 -6.01 5.63 7.99
CA SER A 457 -6.67 5.61 6.69
C SER A 457 -8.18 5.78 6.84
N MET A 458 -8.76 5.17 7.87
CA MET A 458 -10.20 5.31 8.11
C MET A 458 -10.54 6.72 8.60
N ALA A 459 -9.64 7.36 9.34
CA ALA A 459 -9.85 8.75 9.72
C ALA A 459 -9.80 9.67 8.50
N GLY A 460 -8.92 9.34 7.54
CA GLY A 460 -8.93 10.07 6.28
C GLY A 460 -10.22 9.89 5.50
N VAL A 461 -10.77 8.67 5.50
CA VAL A 461 -12.04 8.42 4.82
C VAL A 461 -13.17 9.17 5.52
N MET A 462 -13.16 9.20 6.86
CA MET A 462 -14.15 9.96 7.63
C MET A 462 -14.08 11.44 7.32
N LEU A 463 -12.86 11.99 7.26
CA LEU A 463 -12.70 13.41 6.97
C LEU A 463 -13.07 13.72 5.53
N THR A 464 -12.91 12.77 4.61
CA THR A 464 -13.30 13.00 3.23
C THR A 464 -14.83 13.01 3.09
N TYR A 465 -15.51 12.07 3.75
CA TYR A 465 -16.96 12.02 3.62
C TYR A 465 -17.69 12.92 4.61
N PHE A 466 -16.97 13.62 5.49
CA PHE A 466 -17.62 14.62 6.34
C PHE A 466 -17.83 15.93 5.58
N ILE A 467 -16.86 16.29 4.74
CA ILE A 467 -16.97 17.52 3.96
C ILE A 467 -18.08 17.39 2.92
N VAL A 468 -18.29 16.19 2.39
CA VAL A 468 -19.36 15.95 1.42
C VAL A 468 -20.72 16.14 2.09
N LEU A 469 -20.88 15.60 3.30
CA LEU A 469 -22.14 15.76 4.02
C LEU A 469 -22.35 17.19 4.48
N LEU A 470 -21.25 17.94 4.69
CA LEU A 470 -21.39 19.36 4.97
C LEU A 470 -21.85 20.13 3.73
N GLN A 471 -21.29 19.79 2.57
CA GLN A 471 -21.60 20.55 1.36
C GLN A 471 -22.96 20.17 0.79
N VAL A 472 -23.50 19.00 1.16
CA VAL A 472 -24.81 18.62 0.65
C VAL A 472 -25.92 19.41 1.36
N ASN A 473 -25.71 19.78 2.63
CA ASN A 473 -26.67 20.51 3.47
C ASN A 473 -28.09 19.95 3.48
N ASP B 16 44.56 12.59 14.76
CA ASP B 16 43.90 12.71 13.46
C ASP B 16 42.69 13.63 13.51
N ASP B 17 41.73 13.39 12.61
CA ASP B 17 40.54 14.22 12.54
C ASP B 17 39.41 13.72 13.45
N TYR B 18 39.58 12.55 14.05
CA TYR B 18 38.54 11.94 14.88
C TYR B 18 38.24 12.79 16.10
N ILE B 19 39.25 13.49 16.62
CA ILE B 19 39.14 14.41 17.75
C ILE B 19 38.19 15.54 17.40
N HIS B 20 38.13 15.88 16.11
CA HIS B 20 37.14 16.81 15.57
C HIS B 20 35.71 16.38 15.83
N LEU B 21 35.38 15.10 15.58
CA LEU B 21 34.00 14.64 15.66
C LEU B 21 33.43 14.77 17.06
N ARG B 22 34.20 14.38 18.07
CA ARG B 22 33.79 14.56 19.47
C ARG B 22 33.47 16.01 19.77
N LYS B 23 34.25 16.94 19.18
CA LYS B 23 34.00 18.37 19.33
C LYS B 23 32.58 18.73 18.90
N TRP B 24 32.15 18.19 17.76
CA TRP B 24 30.79 18.46 17.31
C TRP B 24 29.76 17.80 18.21
N ILE B 25 30.04 16.60 18.74
CA ILE B 25 29.08 16.01 19.65
C ILE B 25 29.20 16.61 21.04
N LYS B 26 30.19 17.49 21.26
CA LYS B 26 30.10 18.40 22.38
C LYS B 26 29.06 19.48 22.10
N ARG B 27 29.14 20.11 20.92
CA ARG B 27 28.39 21.33 20.65
C ARG B 27 26.90 21.09 20.61
N ILE B 28 26.48 19.96 20.02
CA ILE B 28 25.08 19.57 20.01
C ILE B 28 24.56 19.44 21.43
N GLY B 29 25.34 18.81 22.31
CA GLY B 29 24.95 18.75 23.70
C GLY B 29 24.80 20.12 24.32
N ILE B 30 25.72 21.02 23.97
CA ILE B 30 25.64 22.39 24.46
C ILE B 30 24.40 23.08 23.93
N ILE B 31 24.05 22.85 22.67
CA ILE B 31 22.86 23.52 22.14
C ILE B 31 21.61 22.85 22.70
N LEU B 32 21.73 21.58 23.10
CA LEU B 32 20.61 20.91 23.74
C LEU B 32 20.43 21.41 25.17
N ARG B 33 21.45 22.08 25.73
CA ARG B 33 21.27 22.74 27.00
C ARG B 33 20.84 24.19 26.83
N ILE B 34 20.98 24.73 25.61
CA ILE B 34 20.64 26.13 25.39
C ILE B 34 19.14 26.29 25.23
N SER B 35 18.51 25.39 24.47
CA SER B 35 17.09 25.47 24.18
C SER B 35 16.22 25.19 25.39
N GLY B 36 16.76 24.62 26.46
CA GLY B 36 16.00 24.40 27.66
C GLY B 36 15.59 22.97 27.93
N HIS B 37 16.17 22.00 27.23
CA HIS B 37 15.87 20.60 27.52
C HIS B 37 16.46 20.21 28.87
N TRP B 38 15.95 19.11 29.42
CA TRP B 38 16.38 18.67 30.73
C TRP B 38 17.83 18.19 30.68
N PRO B 39 18.70 18.68 31.56
CA PRO B 39 20.13 18.39 31.45
C PRO B 39 20.44 16.96 31.87
N PHE B 40 20.88 16.17 30.90
CA PHE B 40 21.35 14.80 31.13
C PHE B 40 22.87 14.80 31.11
N ARG B 41 23.46 13.66 31.42
CA ARG B 41 24.92 13.54 31.46
C ARG B 41 25.42 13.20 30.06
N LEU B 42 26.15 14.13 29.47
CA LEU B 42 26.86 13.94 28.21
C LEU B 42 28.08 13.04 28.45
N PRO B 43 28.75 12.55 27.39
CA PRO B 43 29.96 11.73 27.59
C PRO B 43 31.10 12.38 28.38
N HIS B 44 31.43 13.64 28.13
CA HIS B 44 32.65 14.20 28.71
C HIS B 44 32.39 14.93 30.04
N GLU B 45 31.70 14.27 30.97
CA GLU B 45 31.47 14.81 32.33
C GLU B 45 31.78 13.70 33.32
N LYS B 46 32.87 13.86 34.06
CA LYS B 46 33.28 12.89 35.06
C LYS B 46 33.12 13.42 36.48
N ARG B 47 32.45 14.56 36.64
CA ARG B 47 32.26 15.16 37.95
C ARG B 47 30.79 15.44 38.25
N ASN B 48 29.87 14.88 37.44
CA ASN B 48 28.42 14.94 37.67
C ASN B 48 27.90 16.39 37.73
N GLN B 49 28.33 17.20 36.77
CA GLN B 49 27.90 18.59 36.72
C GLN B 49 26.57 18.79 36.00
N HIS B 50 25.96 17.71 35.50
CA HIS B 50 24.62 17.81 34.92
C HIS B 50 23.53 17.90 35.97
N LYS B 51 23.86 17.64 37.23
CA LYS B 51 22.91 17.79 38.33
C LYS B 51 23.10 19.09 39.10
N SER B 52 23.85 20.05 38.53
CA SER B 52 24.01 21.35 39.17
C SER B 52 22.70 22.11 39.14
N LYS B 53 22.48 22.94 40.17
CA LYS B 53 21.20 23.61 40.32
C LYS B 53 21.01 24.73 39.31
N PHE B 54 22.09 25.28 38.76
CA PHE B 54 22.01 26.36 37.79
C PHE B 54 21.25 25.94 36.54
N ARG B 55 21.72 24.87 35.89
CA ARG B 55 21.03 24.37 34.70
C ARG B 55 19.67 23.78 35.04
N GLN B 56 19.52 23.22 36.25
CA GLN B 56 18.24 22.65 36.63
C GLN B 56 17.15 23.69 36.88
N VAL B 57 17.51 24.92 37.26
CA VAL B 57 16.51 25.99 37.28
C VAL B 57 16.40 26.72 35.94
N TYR B 58 17.48 26.77 35.15
CA TYR B 58 17.41 27.41 33.84
C TYR B 58 16.48 26.66 32.89
N SER B 59 16.62 25.32 32.86
CA SER B 59 15.79 24.49 32.01
C SER B 59 14.32 24.55 32.42
N CYS B 60 14.07 24.50 33.73
CA CYS B 60 12.69 24.53 34.21
C CYS B 60 12.04 25.90 33.96
N LEU B 61 12.83 26.97 34.07
CA LEU B 61 12.30 28.31 33.80
C LEU B 61 11.95 28.49 32.33
N VAL B 62 12.84 28.04 31.43
CA VAL B 62 12.54 28.11 30.01
C VAL B 62 11.34 27.23 29.66
N ILE B 63 11.19 26.10 30.37
CA ILE B 63 10.09 25.19 30.09
C ILE B 63 8.76 25.77 30.53
N THR B 64 8.71 26.45 31.70
CA THR B 64 7.42 27.00 32.11
C THR B 64 7.08 28.25 31.29
N LEU B 65 8.10 28.98 30.83
CA LEU B 65 7.86 30.07 29.87
C LEU B 65 7.27 29.52 28.57
N GLY B 66 7.80 28.40 28.10
CA GLY B 66 7.27 27.72 26.94
C GLY B 66 5.85 27.25 27.09
N PHE B 67 5.54 26.72 28.27
CA PHE B 67 4.21 26.20 28.51
C PHE B 67 3.18 27.32 28.61
N ILE B 68 3.54 28.44 29.26
CA ILE B 68 2.57 29.53 29.38
C ILE B 68 2.36 30.21 28.01
N THR B 69 3.42 30.29 27.19
CA THR B 69 3.26 30.89 25.86
C THR B 69 2.45 29.98 24.94
N CYS B 70 2.72 28.68 24.96
CA CYS B 70 1.97 27.75 24.13
C CYS B 70 0.52 27.66 24.57
N SER B 71 0.26 27.77 25.88
CA SER B 71 -1.12 27.73 26.36
C SER B 71 -1.87 29.01 25.99
N CYS B 72 -1.17 30.15 26.01
CA CYS B 72 -1.80 31.40 25.55
C CYS B 72 -2.15 31.33 24.08
N TYR B 73 -1.24 30.82 23.25
CA TYR B 73 -1.53 30.73 21.81
C TYR B 73 -2.52 29.61 21.51
N CYS B 74 -2.68 28.66 22.43
CA CYS B 74 -3.64 27.57 22.20
C CYS B 74 -5.06 28.00 22.58
N ILE B 75 -5.21 28.74 23.68
CA ILE B 75 -6.54 29.24 24.03
C ILE B 75 -6.90 30.46 23.19
N GLY B 76 -5.90 31.04 22.52
CA GLY B 76 -6.20 32.03 21.50
C GLY B 76 -6.91 31.44 20.30
N LEU B 77 -6.63 30.17 20.00
CA LEU B 77 -7.27 29.47 18.90
C LEU B 77 -8.74 29.16 19.16
N CYS B 78 -9.12 28.83 20.39
CA CYS B 78 -10.50 28.47 20.71
C CYS B 78 -11.44 29.66 20.69
N LEU B 79 -10.93 30.88 20.89
CA LEU B 79 -11.74 32.08 20.79
C LEU B 79 -11.58 32.72 19.40
N SER B 80 -11.90 31.91 18.39
CA SER B 80 -11.81 32.33 16.99
C SER B 80 -13.22 32.48 16.44
N GLU B 81 -13.58 33.72 16.10
CA GLU B 81 -14.91 33.98 15.54
C GLU B 81 -15.00 33.48 14.10
N SER B 82 -14.19 34.05 13.21
CA SER B 82 -14.20 33.69 11.80
C SER B 82 -13.23 32.55 11.56
N ILE B 83 -13.25 32.03 10.33
CA ILE B 83 -12.34 30.95 9.98
C ILE B 83 -10.95 31.52 9.70
N ALA B 84 -10.86 32.83 9.43
CA ALA B 84 -9.57 33.43 9.11
C ALA B 84 -8.68 33.53 10.33
N GLN B 85 -9.25 33.91 11.49
CA GLN B 85 -8.45 33.99 12.70
C GLN B 85 -8.03 32.61 13.17
N ALA B 86 -8.89 31.61 12.97
CA ALA B 86 -8.53 30.24 13.31
C ALA B 86 -7.38 29.74 12.43
N LEU B 87 -7.50 29.93 11.12
CA LEU B 87 -6.42 29.54 10.21
C LEU B 87 -5.16 30.35 10.40
N ASN B 88 -5.26 31.56 10.96
CA ASN B 88 -4.08 32.34 11.29
C ASN B 88 -3.40 31.85 12.56
N ASN B 89 -4.18 31.35 13.52
CA ASN B 89 -3.60 30.80 14.74
C ASN B 89 -3.10 29.36 14.56
N ILE B 90 -3.55 28.68 13.50
CA ILE B 90 -3.22 27.26 13.30
C ILE B 90 -1.71 27.05 13.17
N THR B 91 -1.01 27.95 12.44
CA THR B 91 0.41 27.75 12.16
C THR B 91 1.27 27.85 13.42
N VAL B 92 1.08 28.92 14.18
CA VAL B 92 1.88 29.13 15.37
C VAL B 92 1.50 28.14 16.47
N THR B 93 0.21 27.81 16.60
CA THR B 93 -0.20 26.81 17.59
C THR B 93 0.35 25.44 17.23
N SER B 94 0.39 25.13 15.93
CA SER B 94 1.02 23.93 15.40
C SER B 94 2.47 23.80 15.85
N TYR B 95 3.28 24.81 15.54
CA TYR B 95 4.71 24.73 15.88
C TYR B 95 4.92 24.74 17.39
N PHE B 96 4.06 25.45 18.13
CA PHE B 96 4.28 25.56 19.56
C PHE B 96 3.92 24.27 20.28
N LEU B 97 2.87 23.58 19.85
CA LEU B 97 2.55 22.30 20.49
C LEU B 97 3.49 21.20 20.00
N GLN B 98 4.10 21.37 18.81
CA GLN B 98 5.21 20.51 18.43
C GLN B 98 6.36 20.63 19.41
N SER B 99 6.76 21.86 19.72
CA SER B 99 7.83 22.08 20.68
C SER B 99 7.44 21.60 22.08
N CYS B 100 6.16 21.70 22.43
CA CYS B 100 5.68 21.22 23.72
C CYS B 100 5.80 19.71 23.85
N VAL B 101 5.39 18.99 22.80
CA VAL B 101 5.55 17.53 22.78
C VAL B 101 7.01 17.15 22.82
N CYS B 102 7.87 17.92 22.14
CA CYS B 102 9.31 17.65 22.19
C CYS B 102 9.88 17.86 23.59
N TYR B 103 9.43 18.91 24.28
CA TYR B 103 9.88 19.19 25.64
C TYR B 103 9.49 18.06 26.60
N VAL B 104 8.23 17.60 26.51
CA VAL B 104 7.78 16.53 27.40
C VAL B 104 8.50 15.22 27.09
N SER B 105 8.66 14.90 25.80
CA SER B 105 9.28 13.65 25.42
C SER B 105 10.77 13.63 25.74
N PHE B 106 11.41 14.80 25.82
CA PHE B 106 12.80 14.81 26.26
C PHE B 106 12.94 14.90 27.77
N ILE B 107 11.92 15.40 28.48
CA ILE B 107 11.94 15.33 29.93
C ILE B 107 11.77 13.89 30.43
N ILE B 108 10.85 13.14 29.82
CA ILE B 108 10.54 11.79 30.29
C ILE B 108 11.73 10.85 30.10
N ASN B 109 12.23 10.76 28.87
CA ASN B 109 13.30 9.83 28.54
C ASN B 109 14.66 10.55 28.58
N SER B 110 15.03 10.99 29.78
CA SER B 110 16.34 11.56 30.02
C SER B 110 17.39 10.51 30.34
N ARG B 111 17.01 9.23 30.33
CA ARG B 111 17.93 8.13 30.57
C ARG B 111 18.39 7.45 29.29
N LYS B 112 17.53 7.37 28.27
CA LYS B 112 17.93 6.75 27.01
C LYS B 112 18.80 7.68 26.19
N LEU B 113 18.73 8.99 26.45
CA LEU B 113 19.59 9.94 25.76
C LEU B 113 21.04 9.79 26.20
N GLU B 114 21.24 9.34 27.43
CA GLU B 114 22.57 8.93 27.90
C GLU B 114 23.15 7.82 27.02
N THR B 115 22.35 6.80 26.74
CA THR B 115 22.79 5.70 25.88
C THR B 115 23.01 6.16 24.45
N LEU B 116 22.16 7.08 23.98
CA LEU B 116 22.30 7.58 22.62
C LEU B 116 23.55 8.42 22.44
N PHE B 117 23.91 9.21 23.45
CA PHE B 117 25.15 9.98 23.36
C PHE B 117 26.36 9.10 23.67
N ASN B 118 26.14 7.97 24.33
CA ASN B 118 27.23 7.01 24.49
C ASN B 118 27.46 6.21 23.21
N TYR B 119 26.43 6.13 22.34
CA TYR B 119 26.61 5.40 21.09
C TYR B 119 27.51 6.16 20.13
N LEU B 120 27.20 7.42 19.85
CA LEU B 120 27.96 8.21 18.88
C LEU B 120 29.21 8.85 19.49
N PHE B 121 29.66 8.38 20.65
CA PHE B 121 30.96 8.77 21.18
C PHE B 121 32.05 7.74 20.94
N GLU B 122 31.77 6.44 21.12
CA GLU B 122 32.67 5.38 20.68
C GLU B 122 31.80 4.39 19.88
N ASN B 123 32.21 4.17 18.63
CA ASN B 123 31.47 3.33 17.70
C ASN B 123 32.41 2.60 16.75
N GLU B 124 33.62 2.30 17.22
CA GLU B 124 34.67 1.78 16.35
C GLU B 124 34.33 0.38 15.86
N VAL B 125 34.18 0.25 14.55
CA VAL B 125 33.88 -1.03 13.94
C VAL B 125 35.18 -1.80 13.73
N VAL B 126 35.19 -3.06 14.17
CA VAL B 126 36.37 -3.89 14.10
C VAL B 126 36.29 -4.74 12.85
N GLY B 127 37.29 -4.61 11.99
CA GLY B 127 37.39 -5.39 10.77
C GLY B 127 37.54 -4.57 9.50
N CYS B 128 36.96 -3.37 9.46
CA CYS B 128 36.98 -2.58 8.24
C CYS B 128 38.38 -2.00 8.02
N PRO B 129 38.79 -1.78 6.78
CA PRO B 129 40.09 -1.15 6.53
C PRO B 129 40.08 0.33 6.92
N ARG B 130 41.28 0.87 7.16
CA ARG B 130 41.39 2.25 7.61
C ARG B 130 41.13 3.24 6.48
N GLY B 131 41.45 2.85 5.24
CA GLY B 131 41.26 3.71 4.09
C GLY B 131 39.81 4.01 3.81
N TYR B 132 38.93 3.09 4.20
CA TYR B 132 37.50 3.33 4.19
C TYR B 132 37.03 4.15 5.38
N LYS B 133 37.64 3.93 6.55
CA LYS B 133 37.19 4.59 7.78
C LYS B 133 37.49 6.08 7.76
N MET B 134 38.63 6.48 7.19
CA MET B 134 38.96 7.90 7.11
C MET B 134 38.00 8.65 6.18
N SER B 135 37.68 8.05 5.03
CA SER B 135 36.70 8.65 4.13
C SER B 135 35.32 8.68 4.75
N SER B 136 34.99 7.67 5.56
CA SER B 136 33.72 7.66 6.29
C SER B 136 33.64 8.81 7.29
N ILE B 137 34.75 9.08 7.99
CA ILE B 137 34.76 10.17 8.97
C ILE B 137 34.68 11.52 8.27
N LYS B 138 35.32 11.65 7.10
CA LYS B 138 35.23 12.89 6.32
C LYS B 138 33.79 13.14 5.85
N THR B 139 33.15 12.09 5.32
CA THR B 139 31.77 12.22 4.84
C THR B 139 30.82 12.53 6.00
N THR B 140 31.04 11.90 7.16
CA THR B 140 30.22 12.15 8.34
C THR B 140 30.34 13.60 8.79
N LEU B 141 31.57 14.12 8.84
CA LEU B 141 31.78 15.51 9.24
C LEU B 141 31.12 16.48 8.27
N PHE B 142 31.26 16.23 6.97
CA PHE B 142 30.69 17.13 5.97
C PHE B 142 29.16 17.15 6.04
N ARG B 143 28.55 15.97 6.11
CA ARG B 143 27.08 15.93 6.11
C ARG B 143 26.51 16.44 7.43
N CYS B 144 27.21 16.20 8.54
CA CYS B 144 26.80 16.75 9.83
C CYS B 144 26.82 18.28 9.82
N LYS B 145 27.90 18.87 9.31
CA LYS B 145 28.01 20.33 9.26
C LYS B 145 26.96 20.93 8.33
N PHE B 146 26.70 20.27 7.20
CA PHE B 146 25.70 20.75 6.25
C PHE B 146 24.30 20.75 6.87
N VAL B 147 23.92 19.62 7.50
CA VAL B 147 22.57 19.49 8.06
C VAL B 147 22.38 20.44 9.23
N ALA B 148 23.42 20.64 10.04
CA ALA B 148 23.28 21.57 11.16
C ALA B 148 23.16 23.02 10.68
N PHE B 149 24.11 23.47 9.84
CA PHE B 149 24.15 24.86 9.43
C PHE B 149 22.97 25.28 8.56
N SER B 150 22.41 24.37 7.75
CA SER B 150 21.29 24.75 6.89
C SER B 150 20.05 25.09 7.71
N LEU B 151 19.67 24.19 8.61
CA LEU B 151 18.52 24.45 9.49
C LEU B 151 18.79 25.63 10.41
N GLY B 152 20.03 25.80 10.88
CA GLY B 152 20.33 26.93 11.74
C GLY B 152 20.17 28.27 11.05
N ILE B 153 20.71 28.39 9.83
CA ILE B 153 20.63 29.65 9.10
C ILE B 153 19.19 29.95 8.69
N LEU B 154 18.47 28.95 8.21
CA LEU B 154 17.09 29.17 7.77
C LEU B 154 16.19 29.51 8.95
N SER B 155 16.38 28.85 10.09
CA SER B 155 15.58 29.14 11.28
C SER B 155 15.87 30.53 11.83
N PHE B 156 17.15 30.94 11.82
CA PHE B 156 17.49 32.26 12.32
C PHE B 156 16.91 33.36 11.44
N PHE B 157 17.00 33.20 10.12
CA PHE B 157 16.43 34.23 9.23
C PHE B 157 14.92 34.24 9.29
N GLY B 158 14.30 33.07 9.49
CA GLY B 158 12.85 33.02 9.60
C GLY B 158 12.34 33.70 10.86
N TRP B 159 13.00 33.45 11.99
CA TRP B 159 12.64 34.14 13.22
C TRP B 159 12.86 35.64 13.09
N LEU B 160 13.99 36.03 12.48
CA LEU B 160 14.33 37.45 12.34
C LEU B 160 13.28 38.19 11.54
N MET B 161 12.92 37.67 10.37
CA MET B 161 11.84 38.27 9.59
C MET B 161 10.53 38.27 10.35
N TRP B 162 10.04 37.08 10.72
CA TRP B 162 8.70 36.87 11.29
C TRP B 162 8.47 37.68 12.56
N THR B 163 9.51 38.00 13.32
CA THR B 163 9.30 38.74 14.55
C THR B 163 9.79 40.18 14.50
N LEU B 164 10.91 40.47 13.86
CA LEU B 164 11.45 41.82 13.92
C LEU B 164 11.35 42.59 12.61
N LEU B 165 10.55 42.13 11.64
CA LEU B 165 10.28 43.00 10.49
C LEU B 165 9.18 44.03 10.75
N PRO B 166 7.99 43.70 11.27
CA PRO B 166 7.01 44.77 11.50
C PRO B 166 7.37 45.68 12.66
N LEU B 167 8.19 45.20 13.59
CA LEU B 167 8.68 46.07 14.66
C LEU B 167 9.68 47.08 14.09
N ALA B 168 10.56 46.63 13.18
CA ALA B 168 11.50 47.55 12.56
C ALA B 168 10.78 48.54 11.65
N VAL B 169 9.70 48.08 11.00
CA VAL B 169 8.90 48.99 10.16
C VAL B 169 8.27 50.08 11.01
N LEU B 170 7.79 49.74 12.20
CA LEU B 170 7.15 50.74 13.05
C LEU B 170 8.18 51.66 13.70
N VAL B 171 9.36 51.14 14.04
CA VAL B 171 10.36 52.01 14.67
C VAL B 171 11.02 52.89 13.63
N VAL B 172 10.94 52.51 12.34
CA VAL B 172 11.33 53.43 11.28
C VAL B 172 10.26 54.50 11.11
N ASP B 173 8.99 54.10 11.08
CA ASP B 173 7.88 55.04 10.97
C ASP B 173 7.49 55.62 12.33
N GLN B 182 -3.92 50.45 15.34
CA GLN B 182 -3.56 50.62 13.93
C GLN B 182 -2.12 50.23 13.65
N THR B 183 -1.53 49.46 14.56
CA THR B 183 -0.13 49.10 14.47
C THR B 183 0.09 47.67 13.99
N SER B 184 -0.43 46.69 14.75
CA SER B 184 -0.30 45.26 14.46
C SER B 184 1.16 44.85 14.24
N LEU B 185 1.97 44.99 15.30
CA LEU B 185 3.38 44.63 15.20
C LEU B 185 3.57 43.12 15.13
N ARG B 186 2.74 42.36 15.81
CA ARG B 186 2.82 40.91 15.80
C ARG B 186 1.94 40.36 14.68
N PHE B 187 2.24 39.12 14.29
CA PHE B 187 1.52 38.52 13.18
C PHE B 187 0.11 38.10 13.58
N VAL B 188 -0.01 37.20 14.54
CA VAL B 188 -1.29 36.65 14.95
C VAL B 188 -1.56 37.05 16.39
N GLU B 189 -2.83 37.24 16.73
CA GLU B 189 -3.20 37.64 18.08
C GLU B 189 -3.42 36.42 18.96
N ALA B 190 -3.26 36.62 20.26
CA ALA B 190 -3.45 35.56 21.24
C ALA B 190 -4.22 36.11 22.44
N TRP B 191 -4.72 35.21 23.27
CA TRP B 191 -5.40 35.60 24.49
C TRP B 191 -4.40 36.21 25.47
N TYR B 192 -4.88 37.20 26.21
CA TYR B 192 -4.06 37.90 27.20
C TYR B 192 -4.97 38.41 28.29
N PRO B 193 -4.43 38.67 29.50
CA PRO B 193 -5.26 39.29 30.53
C PRO B 193 -5.65 40.73 30.19
N PHE B 194 -4.71 41.53 29.69
CA PHE B 194 -4.97 42.91 29.33
C PHE B 194 -5.50 42.97 27.90
N ASP B 195 -5.67 44.20 27.40
CA ASP B 195 -6.29 44.39 26.09
C ASP B 195 -5.26 44.25 24.97
N THR B 196 -4.01 44.67 25.23
CA THR B 196 -2.87 44.65 24.30
C THR B 196 -3.12 45.42 23.00
N THR B 197 -4.12 46.31 23.00
CA THR B 197 -4.35 47.16 21.84
C THR B 197 -3.72 48.53 22.05
N THR B 198 -3.69 49.00 23.30
CA THR B 198 -3.01 50.24 23.65
C THR B 198 -1.51 50.09 23.41
N SER B 199 -0.84 51.20 23.09
CA SER B 199 0.51 51.24 22.53
C SER B 199 1.61 50.54 23.34
N PRO B 200 1.84 50.85 24.66
CA PRO B 200 3.03 50.26 25.32
C PRO B 200 2.90 48.76 25.58
N MET B 201 1.65 48.34 25.85
CA MET B 201 1.36 46.93 26.05
C MET B 201 1.71 46.10 24.82
N ASN B 202 1.43 46.63 23.63
CA ASN B 202 1.69 45.88 22.41
C ASN B 202 3.19 45.75 22.16
N GLU B 203 3.96 46.78 22.52
CA GLU B 203 5.42 46.72 22.35
C GLU B 203 6.05 45.73 23.32
N VAL B 204 5.63 45.75 24.59
CA VAL B 204 6.24 44.83 25.55
C VAL B 204 5.80 43.39 25.28
N ILE B 205 4.57 43.23 24.76
CA ILE B 205 4.13 41.90 24.35
C ILE B 205 4.90 41.42 23.13
N ALA B 206 5.27 42.33 22.23
CA ALA B 206 6.08 41.95 21.07
C ALA B 206 7.49 41.53 21.48
N ILE B 207 8.08 42.22 22.47
CA ILE B 207 9.40 41.84 22.95
C ILE B 207 9.37 40.49 23.66
N TYR B 208 8.34 40.27 24.50
CA TYR B 208 8.16 38.98 25.16
C TYR B 208 7.91 37.87 24.13
N GLU B 209 7.19 38.19 23.06
CA GLU B 209 6.98 37.23 21.98
C GLU B 209 8.27 36.92 21.26
N ALA B 210 9.17 37.91 21.14
CA ALA B 210 10.46 37.67 20.50
C ALA B 210 11.31 36.67 21.29
N VAL B 211 11.46 36.91 22.60
CA VAL B 211 12.31 36.01 23.38
C VAL B 211 11.66 34.64 23.54
N ALA B 212 10.32 34.61 23.67
CA ALA B 212 9.62 33.33 23.76
C ALA B 212 9.72 32.55 22.46
N MET B 213 9.68 33.24 21.32
CA MET B 213 9.77 32.53 20.06
C MET B 213 11.18 32.07 19.78
N ILE B 214 12.19 32.74 20.34
CA ILE B 214 13.56 32.19 20.31
C ILE B 214 13.60 30.86 21.05
N PHE B 215 13.13 30.84 22.30
CA PHE B 215 13.25 29.63 23.10
C PHE B 215 12.27 28.55 22.66
N LEU B 216 11.29 28.92 21.84
CA LEU B 216 10.29 27.97 21.36
C LEU B 216 10.59 27.46 19.95
N ILE B 217 11.39 28.20 19.18
CA ILE B 217 11.87 27.74 17.88
C ILE B 217 13.08 26.84 18.02
N THR B 218 14.03 27.18 18.90
CA THR B 218 15.30 26.45 18.89
C THR B 218 15.25 25.05 19.51
N ALA B 219 14.12 24.63 20.10
CA ALA B 219 14.08 23.28 20.68
C ALA B 219 13.80 22.18 19.65
N PRO B 220 12.77 22.28 18.78
CA PRO B 220 12.60 21.21 17.78
C PRO B 220 13.70 21.17 16.74
N MET B 221 14.30 22.32 16.41
CA MET B 221 15.45 22.34 15.52
C MET B 221 16.62 21.58 16.13
N SER B 222 16.84 21.74 17.44
CA SER B 222 17.92 21.02 18.11
C SER B 222 17.65 19.52 18.16
N SER B 223 16.39 19.15 18.43
CA SER B 223 16.03 17.72 18.45
C SER B 223 16.19 17.10 17.07
N ASP B 224 15.85 17.84 16.02
CA ASP B 224 15.96 17.30 14.67
C ASP B 224 17.41 17.22 14.21
N ILE B 225 18.25 18.16 14.65
CA ILE B 225 19.68 18.05 14.41
C ILE B 225 20.25 16.81 15.09
N MET B 226 19.86 16.53 16.33
CA MET B 226 20.34 15.32 17.00
C MET B 226 19.88 14.04 16.31
N PHE B 227 18.62 14.03 15.84
CA PHE B 227 18.12 12.88 15.09
C PHE B 227 18.89 12.66 13.79
N CYS B 228 19.20 13.75 13.08
CA CYS B 228 19.91 13.61 11.81
C CYS B 228 21.36 13.18 12.02
N VAL B 229 21.99 13.65 13.10
CA VAL B 229 23.34 13.20 13.45
C VAL B 229 23.34 11.71 13.76
N LEU B 230 22.32 11.25 14.50
CA LEU B 230 22.18 9.82 14.79
C LEU B 230 22.03 9.00 13.51
N MET B 231 21.21 9.48 12.57
CA MET B 231 20.97 8.73 11.34
C MET B 231 22.22 8.68 10.47
N ILE B 232 22.99 9.77 10.43
CA ILE B 232 24.23 9.78 9.65
C ILE B 232 25.25 8.80 10.22
N PHE B 233 25.40 8.81 11.56
CA PHE B 233 26.35 7.90 12.19
C PHE B 233 25.91 6.44 12.02
N ILE B 234 24.61 6.17 12.02
CA ILE B 234 24.14 4.80 11.85
C ILE B 234 24.35 4.32 10.42
N VAL B 235 24.16 5.22 9.43
CA VAL B 235 24.42 4.86 8.03
C VAL B 235 25.90 4.52 7.81
N GLU B 236 26.79 5.32 8.41
CA GLU B 236 28.22 5.03 8.28
C GLU B 236 28.60 3.75 9.00
N HIS B 237 27.97 3.48 10.14
CA HIS B 237 28.17 2.22 10.84
C HIS B 237 27.76 1.02 9.99
N LEU B 238 26.64 1.13 9.29
CA LEU B 238 26.16 0.02 8.47
C LEU B 238 27.08 -0.21 7.26
N LYS B 239 27.58 0.88 6.67
CA LYS B 239 28.50 0.73 5.54
C LYS B 239 29.82 0.10 5.97
N CYS B 240 30.34 0.50 7.14
CA CYS B 240 31.56 -0.11 7.65
C CYS B 240 31.33 -1.57 8.03
N LEU B 241 30.11 -1.92 8.47
CA LEU B 241 29.81 -3.32 8.76
C LEU B 241 29.78 -4.16 7.49
N GLY B 242 29.23 -3.61 6.40
CA GLY B 242 29.26 -4.34 5.14
C GLY B 242 30.68 -4.55 4.63
N MET B 243 31.53 -3.52 4.73
CA MET B 243 32.92 -3.67 4.34
C MET B 243 33.65 -4.66 5.23
N ALA B 244 33.28 -4.73 6.52
CA ALA B 244 33.90 -5.68 7.42
C ALA B 244 33.50 -7.11 7.08
N ILE B 245 32.25 -7.32 6.67
CA ILE B 245 31.81 -8.66 6.25
C ILE B 245 32.57 -9.08 4.99
N GLU B 246 32.73 -8.15 4.04
CA GLU B 246 33.47 -8.47 2.82
C GLU B 246 34.94 -8.80 3.10
N CYS B 247 35.58 -8.02 3.96
CA CYS B 247 37.00 -8.25 4.25
C CYS B 247 37.19 -9.48 5.13
N THR B 248 36.17 -9.87 5.90
CA THR B 248 36.23 -11.14 6.62
C THR B 248 36.10 -12.32 5.67
N LEU B 249 35.16 -12.26 4.73
CA LEU B 249 34.95 -13.38 3.80
C LEU B 249 36.07 -13.51 2.79
N LYS B 250 36.80 -12.42 2.51
CA LYS B 250 37.90 -12.49 1.55
C LYS B 250 39.03 -13.41 2.04
N GLY B 251 39.26 -13.46 3.34
CA GLY B 251 40.28 -14.34 3.90
C GLY B 251 39.93 -15.81 3.80
N ASP B 321 38.14 -16.45 11.73
CA ASP B 321 36.92 -17.19 11.43
C ASP B 321 35.82 -16.94 12.44
N ALA B 322 36.13 -17.14 13.71
CA ALA B 322 35.12 -17.03 14.76
C ALA B 322 34.99 -15.60 15.26
N THR B 323 36.13 -14.98 15.60
CA THR B 323 36.11 -13.72 16.35
C THR B 323 35.61 -12.57 15.49
N SER B 324 35.97 -12.56 14.20
CA SER B 324 35.48 -11.52 13.30
C SER B 324 33.98 -11.61 13.11
N LEU B 325 33.45 -12.83 13.01
CA LEU B 325 32.00 -13.01 12.86
C LEU B 325 31.26 -12.64 14.13
N CYS B 326 31.84 -12.96 15.30
CA CYS B 326 31.21 -12.56 16.55
C CYS B 326 31.18 -11.04 16.71
N ASN B 327 32.25 -10.36 16.32
CA ASN B 327 32.28 -8.90 16.42
C ASN B 327 31.30 -8.27 15.43
N ILE B 328 31.16 -8.87 14.24
CA ILE B 328 30.21 -8.37 13.24
C ILE B 328 28.77 -8.51 13.75
N VAL B 329 28.44 -9.68 14.30
CA VAL B 329 27.09 -9.90 14.83
C VAL B 329 26.81 -8.98 16.02
N ASP B 330 27.81 -8.75 16.86
CA ASP B 330 27.62 -7.84 18.00
C ASP B 330 27.40 -6.40 17.55
N SER B 331 28.13 -5.95 16.51
CA SER B 331 27.92 -4.59 16.03
C SER B 331 26.57 -4.44 15.35
N HIS B 332 26.13 -5.48 14.63
CA HIS B 332 24.79 -5.46 14.03
C HIS B 332 23.71 -5.39 15.10
N VAL B 333 23.90 -6.12 16.20
CA VAL B 333 22.93 -6.10 17.29
C VAL B 333 22.93 -4.75 17.99
N LYS B 334 24.11 -4.13 18.13
CA LYS B 334 24.18 -2.79 18.73
C LYS B 334 23.47 -1.76 17.85
N ILE B 335 23.58 -1.89 16.53
CA ILE B 335 22.88 -0.99 15.61
C ILE B 335 21.36 -1.17 15.75
N TYR B 336 20.91 -2.41 15.83
CA TYR B 336 19.47 -2.66 15.96
C TYR B 336 18.92 -2.14 17.30
N ARG B 337 19.67 -2.33 18.39
CA ARG B 337 19.24 -1.83 19.69
C ARG B 337 19.24 -0.31 19.73
N THR B 338 20.21 0.33 19.06
CA THR B 338 20.26 1.78 19.04
C THR B 338 19.10 2.36 18.23
N MET B 339 18.73 1.70 17.13
CA MET B 339 17.54 2.13 16.39
C MET B 339 16.26 1.92 17.20
N GLU B 340 16.20 0.83 17.97
CA GLU B 340 15.04 0.61 18.83
C GLU B 340 14.94 1.67 19.92
N ILE B 341 16.07 2.13 20.43
CA ILE B 341 16.07 3.23 21.40
C ILE B 341 15.65 4.54 20.75
N VAL B 342 16.11 4.80 19.52
CA VAL B 342 15.71 6.02 18.79
C VAL B 342 14.21 6.02 18.49
N GLN B 343 13.60 4.84 18.36
CA GLN B 343 12.24 4.71 17.84
C GLN B 343 11.18 5.44 18.69
N SER B 344 11.26 5.36 20.02
CA SER B 344 10.11 5.70 20.87
C SER B 344 9.85 7.21 20.95
N VAL B 345 10.88 7.96 21.43
CA VAL B 345 10.75 9.40 21.61
C VAL B 345 10.43 10.08 20.29
N TYR B 346 11.12 9.68 19.24
CA TYR B 346 10.86 10.27 17.94
C TYR B 346 9.59 9.71 17.33
N SER B 347 9.04 8.60 17.84
CA SER B 347 7.75 8.14 17.36
C SER B 347 6.65 9.11 17.77
N SER B 348 6.60 9.43 19.07
CA SER B 348 5.62 10.40 19.54
C SER B 348 5.83 11.78 18.90
N TYR B 349 7.10 12.22 18.88
CA TYR B 349 7.41 13.54 18.34
C TYR B 349 7.12 13.62 16.84
N PHE B 350 7.33 12.52 16.10
CA PHE B 350 7.12 12.54 14.66
C PHE B 350 5.65 12.51 14.31
N ALA B 351 4.83 11.79 15.09
CA ALA B 351 3.39 11.84 14.88
C ALA B 351 2.85 13.26 15.01
N THR B 352 3.21 13.91 16.14
CA THR B 352 2.79 15.30 16.36
C THR B 352 3.33 16.22 15.26
N LEU B 353 4.60 16.06 14.89
CA LEU B 353 5.25 16.92 13.91
C LEU B 353 4.59 16.81 12.55
N PHE B 354 4.37 15.59 12.06
CA PHE B 354 3.88 15.42 10.70
C PHE B 354 2.44 15.88 10.57
N PHE B 355 1.59 15.58 11.58
CA PHE B 355 0.20 16.04 11.50
C PHE B 355 0.09 17.56 11.55
N THR B 356 0.75 18.17 12.55
CA THR B 356 0.62 19.61 12.72
C THR B 356 1.34 20.37 11.60
N SER B 357 2.37 19.76 11.02
CA SER B 357 3.07 20.39 9.90
C SER B 357 2.23 20.36 8.64
N CYS B 358 1.47 19.27 8.42
CA CYS B 358 0.56 19.24 7.29
C CYS B 358 -0.52 20.32 7.40
N LEU B 359 -1.07 20.50 8.61
CA LEU B 359 -2.03 21.58 8.84
C LEU B 359 -1.42 22.96 8.58
N ALA B 360 -0.18 23.18 9.06
CA ALA B 360 0.45 24.49 8.90
C ALA B 360 0.77 24.79 7.44
N VAL B 361 1.18 23.76 6.67
CA VAL B 361 1.48 23.96 5.25
C VAL B 361 0.21 24.30 4.47
N CYS B 362 -0.89 23.61 4.76
CA CYS B 362 -2.15 23.90 4.07
C CYS B 362 -2.63 25.31 4.38
N ALA B 363 -2.54 25.73 5.65
CA ALA B 363 -2.97 27.08 6.02
C ALA B 363 -2.10 28.16 5.38
N LEU B 364 -0.78 27.94 5.35
CA LEU B 364 0.12 28.93 4.74
C LEU B 364 -0.11 29.05 3.25
N ALA B 365 -0.35 27.93 2.57
CA ALA B 365 -0.61 28.00 1.14
C ALA B 365 -1.92 28.72 0.85
N TYR B 366 -2.93 28.51 1.71
CA TYR B 366 -4.19 29.25 1.53
C TYR B 366 -4.00 30.75 1.75
N PHE B 367 -3.20 31.15 2.75
CA PHE B 367 -3.01 32.58 2.99
C PHE B 367 -2.16 33.24 1.90
N LEU B 368 -1.19 32.50 1.35
CA LEU B 368 -0.37 33.09 0.30
C LEU B 368 -1.11 33.17 -1.02
N ALA B 369 -1.98 32.20 -1.30
CA ALA B 369 -2.60 32.17 -2.61
C ALA B 369 -3.85 33.05 -2.69
N ALA B 370 -4.64 33.17 -1.63
CA ALA B 370 -5.95 33.79 -1.72
C ALA B 370 -5.99 35.22 -1.22
N THR B 371 -5.66 35.43 0.07
CA THR B 371 -5.99 36.70 0.70
C THR B 371 -5.02 37.80 0.31
N SER B 372 -5.38 39.04 0.68
CA SER B 372 -4.58 40.23 0.38
C SER B 372 -3.62 40.48 1.54
N THR B 373 -2.44 39.88 1.42
CA THR B 373 -1.40 40.08 2.42
C THR B 373 -0.72 41.44 2.23
N SER B 374 -0.37 42.06 3.36
CA SER B 374 0.11 43.44 3.37
C SER B 374 1.62 43.56 3.17
N PHE B 375 2.27 42.54 2.58
CA PHE B 375 3.63 42.57 2.05
C PHE B 375 4.70 42.63 3.15
N THR B 376 4.31 42.79 4.42
CA THR B 376 5.27 42.75 5.51
C THR B 376 5.39 41.36 6.10
N ARG B 377 4.28 40.63 6.16
CA ARG B 377 4.28 39.26 6.67
C ARG B 377 4.73 38.25 5.64
N VAL B 378 4.78 38.63 4.36
CA VAL B 378 5.15 37.67 3.31
C VAL B 378 6.59 37.16 3.43
N PRO B 379 7.60 37.96 3.80
CA PRO B 379 8.91 37.34 4.10
C PRO B 379 8.91 36.40 5.30
N GLY B 380 7.91 36.45 6.17
CA GLY B 380 7.82 35.45 7.21
C GLY B 380 7.23 34.16 6.68
N MET B 381 6.15 34.28 5.90
CA MET B 381 5.43 33.10 5.42
C MET B 381 6.18 32.36 4.33
N VAL B 382 6.99 33.06 3.52
CA VAL B 382 7.73 32.37 2.46
C VAL B 382 8.97 31.68 3.02
N LEU B 383 9.48 32.10 4.18
CA LEU B 383 10.57 31.38 4.84
C LEU B 383 10.08 30.26 5.75
N TYR B 384 8.90 30.41 6.34
CA TYR B 384 8.37 29.34 7.19
C TYR B 384 8.01 28.10 6.36
N LEU B 385 7.49 28.30 5.15
CA LEU B 385 7.26 27.18 4.23
C LEU B 385 8.55 26.49 3.84
N MET B 386 9.60 27.27 3.55
CA MET B 386 10.88 26.68 3.16
C MET B 386 11.50 25.90 4.32
N TYR B 387 11.39 26.42 5.54
CA TYR B 387 11.90 25.70 6.70
C TYR B 387 11.15 24.39 6.91
N ILE B 388 9.82 24.41 6.78
CA ILE B 388 9.02 23.20 7.01
C ILE B 388 9.33 22.15 5.95
N PHE B 389 9.39 22.56 4.68
CA PHE B 389 9.70 21.62 3.60
C PHE B 389 11.11 21.05 3.73
N LEU B 390 12.09 21.89 4.10
CA LEU B 390 13.45 21.41 4.29
C LEU B 390 13.54 20.42 5.43
N ARG B 391 12.83 20.69 6.54
CA ARG B 391 12.85 19.81 7.69
C ARG B 391 12.23 18.45 7.35
N ILE B 392 11.07 18.46 6.70
CA ILE B 392 10.40 17.20 6.36
C ILE B 392 11.23 16.39 5.37
N PHE B 393 11.84 17.08 4.40
CA PHE B 393 12.63 16.36 3.39
C PHE B 393 13.90 15.77 3.99
N LEU B 394 14.56 16.49 4.89
CA LEU B 394 15.79 15.96 5.48
C LEU B 394 15.50 14.80 6.43
N LEU B 395 14.42 14.90 7.22
CA LEU B 395 14.04 13.79 8.10
C LEU B 395 13.69 12.55 7.29
N CYS B 396 12.93 12.71 6.20
CA CYS B 396 12.55 11.56 5.40
C CYS B 396 13.74 10.94 4.66
N LEU B 397 14.67 11.79 4.19
CA LEU B 397 15.85 11.27 3.50
C LEU B 397 16.75 10.48 4.44
N LEU B 398 17.05 11.05 5.61
CA LEU B 398 17.92 10.34 6.54
C LEU B 398 17.21 9.23 7.30
N ALA B 399 15.89 9.10 7.14
CA ALA B 399 15.24 7.88 7.61
C ALA B 399 15.21 6.81 6.52
N THR B 400 15.20 7.20 5.24
CA THR B 400 15.19 6.21 4.17
C THR B 400 16.57 5.60 3.95
N GLU B 401 17.62 6.38 4.21
CA GLU B 401 18.99 5.90 3.97
C GLU B 401 19.34 4.70 4.86
N VAL B 402 18.80 4.66 6.07
CA VAL B 402 19.11 3.57 6.99
C VAL B 402 18.48 2.26 6.52
N ALA B 403 17.23 2.32 6.06
CA ALA B 403 16.56 1.13 5.54
C ALA B 403 17.25 0.63 4.27
N GLU B 404 17.68 1.57 3.41
CA GLU B 404 18.40 1.17 2.21
C GLU B 404 19.73 0.51 2.55
N GLN B 405 20.44 1.03 3.57
CA GLN B 405 21.71 0.43 3.95
C GLN B 405 21.52 -0.92 4.63
N GLY B 406 20.41 -1.12 5.34
CA GLY B 406 20.13 -2.44 5.90
C GLY B 406 19.85 -3.47 4.83
N LEU B 407 19.01 -3.10 3.85
CA LEU B 407 18.72 -4.03 2.76
C LEU B 407 19.94 -4.25 1.87
N ASN B 408 20.89 -3.31 1.87
CA ASN B 408 22.15 -3.55 1.18
C ASN B 408 23.10 -4.38 2.03
N LEU B 409 22.90 -4.39 3.35
CA LEU B 409 23.65 -5.30 4.21
C LEU B 409 23.14 -6.74 4.03
N CYS B 410 21.92 -6.89 3.54
CA CYS B 410 21.43 -8.23 3.17
C CYS B 410 22.29 -8.85 2.07
N HIS B 411 22.73 -8.05 1.10
CA HIS B 411 23.58 -8.53 0.00
C HIS B 411 25.06 -8.36 0.32
N ALA B 412 25.50 -8.85 1.47
CA ALA B 412 26.88 -8.68 1.89
C ALA B 412 27.54 -10.03 2.06
N GLY B 413 28.75 -10.15 1.53
CA GLY B 413 29.47 -11.41 1.61
C GLY B 413 28.87 -12.51 0.78
N TYR B 414 28.56 -12.23 -0.48
CA TYR B 414 27.87 -13.16 -1.35
C TYR B 414 28.68 -13.24 -2.65
N SER B 415 29.55 -14.23 -2.74
CA SER B 415 30.43 -14.39 -3.90
C SER B 415 30.70 -15.88 -4.09
N SER B 416 31.75 -16.19 -4.84
CA SER B 416 32.20 -17.58 -4.95
C SER B 416 32.91 -18.03 -3.69
N LYS B 417 33.30 -17.10 -2.82
CA LYS B 417 33.93 -17.48 -1.56
C LYS B 417 32.93 -18.11 -0.62
N LEU B 418 31.69 -17.60 -0.60
CA LEU B 418 30.63 -18.17 0.24
C LEU B 418 30.33 -19.61 -0.14
N VAL B 419 30.39 -19.94 -1.44
CA VAL B 419 30.21 -21.31 -1.89
C VAL B 419 31.40 -22.18 -1.51
N LEU B 420 32.57 -21.58 -1.28
CA LEU B 420 33.77 -22.34 -0.95
C LEU B 420 34.16 -22.23 0.51
N ALA B 421 33.28 -21.67 1.35
CA ALA B 421 33.56 -21.57 2.77
C ALA B 421 33.04 -22.81 3.50
N SER B 422 33.32 -22.86 4.81
CA SER B 422 32.88 -23.98 5.62
C SER B 422 31.39 -23.85 5.94
N ASP B 423 30.88 -24.81 6.71
CA ASP B 423 29.46 -24.77 7.09
C ASP B 423 29.20 -23.73 8.16
N HIS B 424 30.20 -23.43 8.99
CA HIS B 424 30.08 -22.41 10.02
C HIS B 424 29.83 -21.04 9.40
N VAL B 425 30.66 -20.67 8.42
CA VAL B 425 30.50 -19.38 7.76
C VAL B 425 29.23 -19.35 6.93
N ARG B 426 28.91 -20.46 6.25
CA ARG B 426 27.71 -20.52 5.43
C ARG B 426 26.43 -20.49 6.24
N SER B 427 26.47 -20.85 7.52
CA SER B 427 25.33 -20.69 8.41
C SER B 427 25.29 -19.32 9.07
N THR B 428 26.45 -18.75 9.42
CA THR B 428 26.45 -17.46 10.09
C THR B 428 26.08 -16.33 9.12
N ILE B 429 26.54 -16.41 7.87
CA ILE B 429 26.16 -15.41 6.87
C ILE B 429 24.67 -15.54 6.54
N GLN B 430 24.15 -16.77 6.57
CA GLN B 430 22.72 -16.98 6.37
C GLN B 430 21.90 -16.38 7.50
N ALA B 431 22.37 -16.53 8.74
CA ALA B 431 21.68 -15.93 9.88
C ALA B 431 21.73 -14.41 9.81
N ILE B 432 22.86 -13.85 9.38
CA ILE B 432 23.01 -12.40 9.24
C ILE B 432 22.07 -11.87 8.17
N ALA B 433 21.93 -12.60 7.05
CA ALA B 433 21.04 -12.18 5.97
C ALA B 433 19.58 -12.27 6.40
N THR B 434 19.23 -13.34 7.13
CA THR B 434 17.85 -13.50 7.60
C THR B 434 17.46 -12.40 8.58
N ARG B 435 18.39 -12.03 9.47
CA ARG B 435 18.10 -10.94 10.40
C ARG B 435 18.15 -9.59 9.70
N ALA B 436 18.91 -9.48 8.61
CA ALA B 436 19.04 -8.20 7.93
C ALA B 436 17.89 -7.96 6.97
N GLN B 437 17.11 -9.01 6.66
CA GLN B 437 15.91 -8.82 5.86
C GLN B 437 14.85 -8.01 6.60
N ILE B 438 14.90 -8.00 7.93
CA ILE B 438 14.00 -7.14 8.71
C ILE B 438 14.43 -5.70 8.55
N PRO B 439 13.55 -4.77 8.15
CA PRO B 439 13.98 -3.40 7.91
C PRO B 439 14.09 -2.57 9.18
N LEU B 440 15.11 -1.72 9.22
CA LEU B 440 15.28 -0.77 10.31
C LEU B 440 14.55 0.51 9.92
N SER B 441 13.34 0.68 10.45
CA SER B 441 12.48 1.80 10.07
C SER B 441 12.04 2.56 11.31
N ILE B 442 11.84 3.86 11.16
CA ILE B 442 11.30 4.70 12.23
C ILE B 442 9.83 4.94 11.94
N THR B 443 8.97 4.56 12.89
CA THR B 443 7.53 4.74 12.75
C THR B 443 7.09 5.91 13.62
N GLY B 444 6.18 6.72 13.09
CA GLY B 444 5.63 7.80 13.88
C GLY B 444 4.41 7.35 14.65
N ALA B 445 4.61 6.96 15.91
CA ALA B 445 3.61 6.38 16.81
C ALA B 445 2.88 5.20 16.17
N ARG B 446 3.57 4.43 15.32
CA ARG B 446 3.08 3.26 14.59
C ARG B 446 1.93 3.55 13.65
N PHE B 447 1.66 4.82 13.33
CA PHE B 447 0.64 5.16 12.34
C PHE B 447 1.20 5.15 10.92
N PHE B 448 2.48 5.46 10.75
CA PHE B 448 3.11 5.48 9.44
C PHE B 448 4.59 5.24 9.62
N THR B 449 5.23 4.81 8.53
CA THR B 449 6.67 4.65 8.49
C THR B 449 7.29 5.90 7.86
N VAL B 450 8.28 6.47 8.53
CA VAL B 450 8.94 7.66 8.00
C VAL B 450 9.83 7.23 6.85
N ASN B 451 9.33 7.38 5.63
CA ASN B 451 10.08 7.04 4.42
C ASN B 451 10.05 8.25 3.51
N LEU B 452 10.54 8.07 2.28
CA LEU B 452 10.43 9.12 1.29
C LEU B 452 9.14 9.02 0.48
N SER B 453 8.53 7.84 0.41
CA SER B 453 7.23 7.72 -0.22
C SER B 453 6.13 8.32 0.65
N PHE B 454 6.34 8.33 1.98
CA PHE B 454 5.38 8.97 2.86
C PHE B 454 5.37 10.47 2.66
N LEU B 455 6.51 11.06 2.28
CA LEU B 455 6.54 12.48 1.95
C LEU B 455 5.71 12.76 0.70
N ALA B 456 5.75 11.86 -0.28
CA ALA B 456 4.94 12.02 -1.48
C ALA B 456 3.45 11.88 -1.16
N SER B 457 3.10 10.92 -0.31
CA SER B 457 1.70 10.74 0.07
C SER B 457 1.18 11.94 0.87
N MET B 458 2.03 12.49 1.74
CA MET B 458 1.63 13.67 2.51
C MET B 458 1.55 14.90 1.63
N ALA B 459 2.40 15.00 0.59
CA ALA B 459 2.27 16.10 -0.36
C ALA B 459 0.98 15.98 -1.16
N GLY B 460 0.57 14.75 -1.46
CA GLY B 460 -0.74 14.56 -2.10
C GLY B 460 -1.89 14.98 -1.18
N VAL B 461 -1.78 14.68 0.11
CA VAL B 461 -2.80 15.09 1.06
C VAL B 461 -2.84 16.62 1.19
N MET B 462 -1.67 17.26 1.20
CA MET B 462 -1.58 18.71 1.24
C MET B 462 -2.22 19.35 0.01
N LEU B 463 -1.93 18.79 -1.17
CA LEU B 463 -2.50 19.31 -2.39
C LEU B 463 -4.01 19.06 -2.47
N THR B 464 -4.50 17.98 -1.86
CA THR B 464 -5.93 17.73 -1.84
C THR B 464 -6.64 18.72 -0.92
N TYR B 465 -6.09 18.97 0.26
CA TYR B 465 -6.76 19.88 1.18
C TYR B 465 -6.42 21.35 0.96
N PHE B 466 -5.55 21.66 0.00
CA PHE B 466 -5.32 23.05 -0.36
C PHE B 466 -6.42 23.56 -1.30
N ILE B 467 -6.88 22.71 -2.21
CA ILE B 467 -7.94 23.09 -3.14
C ILE B 467 -9.25 23.28 -2.40
N VAL B 468 -9.47 22.51 -1.33
CA VAL B 468 -10.69 22.66 -0.53
C VAL B 468 -10.69 24.01 0.18
N LEU B 469 -9.55 24.39 0.75
CA LEU B 469 -9.45 25.69 1.41
C LEU B 469 -9.50 26.84 0.42
N LEU B 470 -9.09 26.60 -0.83
CA LEU B 470 -9.27 27.62 -1.85
C LEU B 470 -10.75 27.77 -2.24
N GLN B 471 -11.47 26.65 -2.34
CA GLN B 471 -12.84 26.71 -2.79
C GLN B 471 -13.78 27.16 -1.68
N VAL B 472 -13.37 27.05 -0.42
CA VAL B 472 -14.22 27.51 0.67
C VAL B 472 -14.25 29.03 0.74
N ASN B 473 -13.15 29.69 0.37
CA ASN B 473 -12.98 31.16 0.41
C ASN B 473 -13.39 31.82 1.73
N ASP C 16 27.61 -16.74 -36.32
CA ASP C 16 26.16 -16.85 -36.06
C ASP C 16 25.49 -15.47 -36.06
N ASP C 17 24.38 -15.36 -35.32
CA ASP C 17 23.63 -14.11 -35.26
C ASP C 17 24.11 -13.19 -34.14
N TYR C 18 25.01 -13.68 -33.29
CA TYR C 18 25.48 -12.91 -32.14
C TYR C 18 26.22 -11.65 -32.58
N ILE C 19 26.89 -11.72 -33.73
CA ILE C 19 27.62 -10.61 -34.34
C ILE C 19 26.64 -9.49 -34.68
N HIS C 20 25.39 -9.87 -34.96
CA HIS C 20 24.29 -8.92 -35.12
C HIS C 20 24.07 -8.05 -33.89
N LEU C 21 24.04 -8.66 -32.70
CA LEU C 21 23.68 -7.93 -31.48
C LEU C 21 24.66 -6.80 -31.18
N ARG C 22 25.96 -7.06 -31.29
CA ARG C 22 26.98 -6.03 -31.13
C ARG C 22 26.74 -4.87 -32.08
N LYS C 23 26.29 -5.17 -33.31
CA LYS C 23 25.96 -4.14 -34.28
C LYS C 23 24.94 -3.17 -33.72
N TRP C 24 23.89 -3.70 -33.09
CA TRP C 24 22.89 -2.83 -32.49
C TRP C 24 23.44 -2.06 -31.30
N ILE C 25 24.33 -2.68 -30.50
CA ILE C 25 24.91 -1.91 -29.40
C ILE C 25 26.02 -1.00 -29.90
N LYS C 26 26.38 -1.10 -31.18
CA LYS C 26 27.10 0.00 -31.80
C LYS C 26 26.16 1.18 -32.03
N ARG C 27 25.00 0.92 -32.65
CA ARG C 27 24.14 1.98 -33.17
C ARG C 27 23.59 2.85 -32.05
N ILE C 28 23.18 2.23 -30.94
CA ILE C 28 22.72 2.98 -29.77
C ILE C 28 23.79 3.94 -29.30
N GLY C 29 25.04 3.46 -29.22
CA GLY C 29 26.14 4.35 -28.88
C GLY C 29 26.27 5.51 -29.86
N ILE C 30 26.09 5.20 -31.15
CA ILE C 30 26.14 6.25 -32.17
C ILE C 30 25.01 7.24 -31.97
N ILE C 31 23.81 6.75 -31.63
CA ILE C 31 22.71 7.71 -31.47
C ILE C 31 22.88 8.44 -30.16
N LEU C 32 23.60 7.84 -29.20
CA LEU C 32 23.90 8.56 -27.96
C LEU C 32 24.95 9.62 -28.19
N ARG C 33 25.67 9.55 -29.31
CA ARG C 33 26.57 10.64 -29.67
C ARG C 33 25.86 11.65 -30.57
N ILE C 34 24.71 11.28 -31.13
CA ILE C 34 24.02 12.19 -32.05
C ILE C 34 23.25 13.24 -31.26
N SER C 35 22.56 12.81 -30.20
CA SER C 35 21.72 13.71 -29.42
C SER C 35 22.51 14.72 -28.61
N GLY C 36 23.81 14.52 -28.44
CA GLY C 36 24.63 15.50 -27.76
C GLY C 36 25.07 15.11 -26.36
N HIS C 37 24.93 13.85 -25.97
CA HIS C 37 25.42 13.42 -24.68
C HIS C 37 26.95 13.43 -24.67
N TRP C 38 27.51 13.43 -23.46
CA TRP C 38 28.96 13.51 -23.32
C TRP C 38 29.61 12.22 -23.81
N PRO C 39 30.60 12.31 -24.69
CA PRO C 39 31.14 11.11 -25.34
C PRO C 39 32.01 10.30 -24.38
N PHE C 40 31.53 9.11 -24.05
CA PHE C 40 32.26 8.14 -23.25
C PHE C 40 32.85 7.08 -24.18
N ARG C 41 33.65 6.19 -23.61
CA ARG C 41 34.29 5.14 -24.40
C ARG C 41 33.35 3.95 -24.50
N LEU C 42 32.88 3.68 -25.71
CA LEU C 42 32.10 2.49 -26.03
C LEU C 42 33.02 1.27 -26.06
N PRO C 43 32.47 0.04 -26.13
CA PRO C 43 33.35 -1.14 -26.20
C PRO C 43 34.32 -1.20 -27.37
N HIS C 44 33.92 -0.85 -28.58
CA HIS C 44 34.77 -1.09 -29.74
C HIS C 44 35.65 0.10 -30.11
N GLU C 45 36.37 0.65 -29.13
CA GLU C 45 37.32 1.74 -29.36
C GLU C 45 38.61 1.39 -28.62
N LYS C 46 39.65 1.08 -29.38
CA LYS C 46 40.95 0.71 -28.82
C LYS C 46 42.00 1.78 -29.09
N ARG C 47 41.59 2.95 -29.57
CA ARG C 47 42.51 4.04 -29.87
C ARG C 47 42.12 5.34 -29.18
N ASN C 48 41.18 5.29 -28.22
CA ASN C 48 40.79 6.43 -27.37
C ASN C 48 40.28 7.60 -28.20
N GLN C 49 39.38 7.31 -29.14
CA GLN C 49 38.81 8.36 -29.99
C GLN C 49 37.60 9.04 -29.38
N HIS C 50 37.20 8.64 -28.17
CA HIS C 50 36.13 9.33 -27.47
C HIS C 50 36.60 10.62 -26.81
N LYS C 51 37.92 10.85 -26.76
CA LYS C 51 38.47 12.10 -26.25
C LYS C 51 38.88 13.05 -27.37
N SER C 52 38.44 12.79 -28.60
CA SER C 52 38.73 13.70 -29.70
C SER C 52 37.99 15.02 -29.51
N LYS C 53 38.60 16.10 -29.99
CA LYS C 53 38.05 17.44 -29.75
C LYS C 53 36.79 17.71 -30.56
N PHE C 54 36.61 17.00 -31.68
CA PHE C 54 35.44 17.20 -32.53
C PHE C 54 34.14 16.91 -31.79
N ARG C 55 34.03 15.69 -31.24
CA ARG C 55 32.85 15.32 -30.49
C ARG C 55 32.75 16.10 -29.18
N GLN C 56 33.90 16.46 -28.59
CA GLN C 56 33.88 17.21 -27.33
C GLN C 56 33.39 18.64 -27.50
N VAL C 57 33.56 19.26 -28.67
CA VAL C 57 32.90 20.54 -28.91
C VAL C 57 31.49 20.39 -29.48
N TYR C 58 31.21 19.31 -30.21
CA TYR C 58 29.86 19.09 -30.73
C TYR C 58 28.85 18.87 -29.60
N SER C 59 29.22 18.02 -28.64
CA SER C 59 28.35 17.74 -27.51
C SER C 59 28.12 18.97 -26.65
N CYS C 60 29.19 19.73 -26.39
CA CYS C 60 29.05 20.92 -25.56
C CYS C 60 28.23 22.01 -26.26
N LEU C 61 28.37 22.11 -27.59
CA LEU C 61 27.58 23.09 -28.33
C LEU C 61 26.10 22.74 -28.33
N VAL C 62 25.77 21.46 -28.55
CA VAL C 62 24.37 21.04 -28.49
C VAL C 62 23.82 21.21 -27.07
N ILE C 63 24.67 21.02 -26.07
CA ILE C 63 24.22 21.13 -24.68
C ILE C 63 23.93 22.59 -24.32
N THR C 64 24.77 23.54 -24.77
CA THR C 64 24.48 24.93 -24.41
C THR C 64 23.30 25.47 -25.23
N LEU C 65 23.11 24.95 -26.46
CA LEU C 65 21.90 25.27 -27.20
C LEU C 65 20.66 24.77 -26.46
N GLY C 66 20.75 23.55 -25.92
CA GLY C 66 19.68 23.00 -25.12
C GLY C 66 19.38 23.78 -23.86
N PHE C 67 20.42 24.26 -23.20
CA PHE C 67 20.23 25.00 -21.97
C PHE C 67 19.63 26.37 -22.23
N ILE C 68 20.06 27.06 -23.30
CA ILE C 68 19.49 28.38 -23.57
C ILE C 68 18.04 28.25 -24.04
N THR C 69 17.72 27.19 -24.79
CA THR C 69 16.34 27.00 -25.23
C THR C 69 15.42 26.63 -24.06
N CYS C 70 15.88 25.73 -23.19
CA CYS C 70 15.09 25.34 -22.03
C CYS C 70 14.93 26.49 -21.06
N SER C 71 15.95 27.35 -20.93
CA SER C 71 15.84 28.50 -20.04
C SER C 71 14.89 29.55 -20.62
N CYS C 72 14.88 29.71 -21.95
CA CYS C 72 13.92 30.62 -22.57
C CYS C 72 12.50 30.13 -22.36
N TYR C 73 12.26 28.83 -22.55
CA TYR C 73 10.91 28.30 -22.36
C TYR C 73 10.54 28.23 -20.88
N CYS C 74 11.52 28.23 -19.99
CA CYS C 74 11.22 28.20 -18.56
C CYS C 74 10.88 29.58 -18.02
N ILE C 75 11.60 30.61 -18.47
CA ILE C 75 11.25 31.97 -18.04
C ILE C 75 10.06 32.49 -18.82
N GLY C 76 9.72 31.82 -19.93
CA GLY C 76 8.44 32.10 -20.57
C GLY C 76 7.26 31.69 -19.72
N LEU C 77 7.43 30.65 -18.89
CA LEU C 77 6.38 30.19 -18.00
C LEU C 77 6.11 31.15 -16.86
N CYS C 78 7.12 31.81 -16.31
CA CYS C 78 6.94 32.71 -15.17
C CYS C 78 6.26 34.00 -15.54
N LEU C 79 6.33 34.42 -16.80
CA LEU C 79 5.60 35.59 -17.28
C LEU C 79 4.28 35.17 -17.93
N SER C 80 3.47 34.49 -17.14
CA SER C 80 2.17 33.99 -17.58
C SER C 80 1.08 34.79 -16.89
N GLU C 81 0.32 35.56 -17.65
CA GLU C 81 -0.76 36.35 -17.08
C GLU C 81 -1.94 35.47 -16.69
N SER C 82 -2.55 34.81 -17.67
CA SER C 82 -3.70 33.95 -17.44
C SER C 82 -3.24 32.54 -17.14
N ILE C 83 -4.20 31.69 -16.76
CA ILE C 83 -3.88 30.30 -16.48
C ILE C 83 -3.71 29.52 -17.79
N ALA C 84 -4.26 30.06 -18.88
CA ALA C 84 -4.19 29.36 -20.16
C ALA C 84 -2.77 29.38 -20.74
N GLN C 85 -2.09 30.52 -20.64
CA GLN C 85 -0.71 30.60 -21.13
C GLN C 85 0.22 29.75 -20.28
N ALA C 86 -0.04 29.69 -18.97
CA ALA C 86 0.75 28.86 -18.09
C ALA C 86 0.57 27.38 -18.42
N LEU C 87 -0.69 26.94 -18.56
CA LEU C 87 -0.96 25.56 -18.94
C LEU C 87 -0.50 25.24 -20.36
N ASN C 88 -0.36 26.23 -21.22
CA ASN C 88 0.20 26.01 -22.54
C ASN C 88 1.71 25.87 -22.51
N ASN C 89 2.38 26.58 -21.61
CA ASN C 89 3.83 26.44 -21.46
C ASN C 89 4.24 25.22 -20.65
N ILE C 90 3.30 24.65 -19.87
CA ILE C 90 3.61 23.55 -18.96
C ILE C 90 4.15 22.33 -19.72
N THR C 91 3.56 22.01 -20.88
CA THR C 91 3.92 20.78 -21.59
C THR C 91 5.35 20.85 -22.14
N VAL C 92 5.67 21.92 -22.85
CA VAL C 92 6.99 22.05 -23.44
C VAL C 92 8.06 22.28 -22.38
N THR C 93 7.74 23.05 -21.34
CA THR C 93 8.71 23.24 -20.25
C THR C 93 8.96 21.94 -19.51
N SER C 94 7.91 21.13 -19.34
CA SER C 94 8.01 19.78 -18.80
C SER C 94 9.00 18.92 -19.56
N TYR C 95 8.78 18.77 -20.87
CA TYR C 95 9.68 17.92 -21.66
C TYR C 95 11.09 18.48 -21.72
N PHE C 96 11.22 19.81 -21.73
CA PHE C 96 12.55 20.40 -21.90
C PHE C 96 13.36 20.27 -20.62
N LEU C 97 12.74 20.40 -19.45
CA LEU C 97 13.50 20.21 -18.23
C LEU C 97 13.74 18.73 -17.95
N GLN C 98 12.88 17.85 -18.50
CA GLN C 98 13.20 16.42 -18.52
C GLN C 98 14.50 16.15 -19.26
N SER C 99 14.61 16.72 -20.47
CA SER C 99 15.83 16.55 -21.25
C SER C 99 17.04 17.21 -20.58
N CYS C 100 16.79 18.31 -19.85
CA CYS C 100 17.88 18.99 -19.13
C CYS C 100 18.42 18.12 -18.00
N VAL C 101 17.53 17.51 -17.22
CA VAL C 101 17.94 16.59 -16.16
C VAL C 101 18.66 15.39 -16.75
N CYS C 102 18.20 14.91 -17.91
CA CYS C 102 18.88 13.80 -18.57
C CYS C 102 20.28 14.17 -19.03
N TYR C 103 20.45 15.39 -19.55
CA TYR C 103 21.76 15.87 -19.98
C TYR C 103 22.73 15.96 -18.81
N VAL C 104 22.28 16.54 -17.69
CA VAL C 104 23.15 16.68 -16.53
C VAL C 104 23.49 15.31 -15.94
N SER C 105 22.51 14.42 -15.84
CA SER C 105 22.74 13.11 -15.25
C SER C 105 23.61 12.22 -16.12
N PHE C 106 23.64 12.48 -17.43
CA PHE C 106 24.58 11.73 -18.27
C PHE C 106 25.94 12.40 -18.37
N ILE C 107 26.04 13.70 -18.10
CA ILE C 107 27.34 14.34 -17.99
C ILE C 107 28.08 13.89 -16.73
N ILE C 108 27.37 13.82 -15.60
CA ILE C 108 28.01 13.51 -14.32
C ILE C 108 28.55 12.09 -14.32
N ASN C 109 27.69 11.11 -14.61
CA ASN C 109 28.07 9.70 -14.53
C ASN C 109 28.45 9.18 -15.91
N SER C 110 29.54 9.74 -16.44
CA SER C 110 30.13 9.26 -17.68
C SER C 110 31.10 8.12 -17.47
N ARG C 111 31.26 7.66 -16.23
CA ARG C 111 32.12 6.53 -15.91
C ARG C 111 31.35 5.24 -15.70
N LYS C 112 30.13 5.31 -15.17
CA LYS C 112 29.35 4.10 -14.96
C LYS C 112 28.72 3.62 -16.28
N LEU C 113 28.59 4.53 -17.25
CA LEU C 113 28.07 4.13 -18.55
C LEU C 113 29.08 3.25 -19.30
N GLU C 114 30.37 3.45 -19.01
CA GLU C 114 31.40 2.53 -19.47
C GLU C 114 31.14 1.11 -19.00
N THR C 115 30.83 0.96 -17.70
CA THR C 115 30.54 -0.36 -17.14
C THR C 115 29.24 -0.92 -17.69
N LEU C 116 28.26 -0.05 -17.93
CA LEU C 116 26.98 -0.51 -18.47
C LEU C 116 27.11 -1.00 -19.90
N PHE C 117 27.94 -0.33 -20.70
CA PHE C 117 28.15 -0.81 -22.07
C PHE C 117 29.13 -1.97 -22.10
N ASN C 118 29.92 -2.14 -21.04
CA ASN C 118 30.73 -3.34 -20.92
C ASN C 118 29.90 -4.54 -20.50
N TYR C 119 28.75 -4.29 -19.85
CA TYR C 119 27.91 -5.40 -19.43
C TYR C 119 27.22 -6.06 -20.62
N LEU C 120 26.53 -5.27 -21.44
CA LEU C 120 25.77 -5.81 -22.58
C LEU C 120 26.63 -6.03 -23.81
N PHE C 121 27.96 -6.07 -23.67
CA PHE C 121 28.84 -6.49 -24.74
C PHE C 121 29.33 -7.92 -24.60
N GLU C 122 29.70 -8.35 -23.39
CA GLU C 122 29.95 -9.78 -23.11
C GLU C 122 29.16 -10.11 -21.84
N ASN C 123 28.27 -11.09 -21.97
CA ASN C 123 27.37 -11.49 -20.89
C ASN C 123 27.10 -12.98 -20.92
N GLU C 124 28.07 -13.75 -21.41
CA GLU C 124 27.86 -15.17 -21.67
C GLU C 124 27.64 -15.95 -20.38
N VAL C 125 26.45 -16.52 -20.23
CA VAL C 125 26.13 -17.32 -19.06
C VAL C 125 26.66 -18.74 -19.25
N VAL C 126 27.37 -19.23 -18.24
CA VAL C 126 28.00 -20.54 -18.30
C VAL C 126 27.08 -21.55 -17.63
N GLY C 127 26.68 -22.57 -18.38
CA GLY C 127 25.85 -23.64 -17.89
C GLY C 127 24.57 -23.88 -18.67
N CYS C 128 24.00 -22.84 -19.27
CA CYS C 128 22.73 -23.00 -19.97
C CYS C 128 22.95 -23.74 -21.29
N PRO C 129 21.95 -24.47 -21.77
CA PRO C 129 22.09 -25.13 -23.08
C PRO C 129 22.05 -24.13 -24.22
N ARG C 130 22.60 -24.55 -25.36
CA ARG C 130 22.69 -23.64 -26.51
C ARG C 130 21.33 -23.45 -27.18
N GLY C 131 20.47 -24.46 -27.12
CA GLY C 131 19.16 -24.40 -27.75
C GLY C 131 18.26 -23.37 -27.10
N TYR C 132 18.48 -23.09 -25.82
CA TYR C 132 17.86 -21.98 -25.14
C TYR C 132 18.51 -20.64 -25.46
N LYS C 133 19.84 -20.63 -25.61
CA LYS C 133 20.57 -19.38 -25.79
C LYS C 133 20.29 -18.77 -27.16
N MET C 134 20.13 -19.60 -28.20
CA MET C 134 19.83 -19.07 -29.53
C MET C 134 18.45 -18.44 -29.58
N SER C 135 17.46 -19.09 -28.96
CA SER C 135 16.12 -18.51 -28.88
C SER C 135 16.11 -17.24 -28.03
N SER C 136 16.95 -17.20 -26.99
CA SER C 136 17.08 -16.00 -26.19
C SER C 136 17.65 -14.83 -27.01
N ILE C 137 18.64 -15.12 -27.86
CA ILE C 137 19.22 -14.06 -28.69
C ILE C 137 18.22 -13.59 -29.74
N LYS C 138 17.43 -14.51 -30.29
CA LYS C 138 16.38 -14.13 -31.24
C LYS C 138 15.33 -13.22 -30.60
N THR C 139 14.88 -13.61 -29.39
CA THR C 139 13.88 -12.81 -28.68
C THR C 139 14.44 -11.45 -28.29
N THR C 140 15.71 -11.41 -27.88
CA THR C 140 16.36 -10.14 -27.53
C THR C 140 16.44 -9.21 -28.72
N LEU C 141 16.84 -9.75 -29.89
CA LEU C 141 16.93 -8.93 -31.10
C LEU C 141 15.57 -8.39 -31.51
N PHE C 142 14.52 -9.25 -31.46
CA PHE C 142 13.19 -8.82 -31.87
C PHE C 142 12.64 -7.73 -30.95
N ARG C 143 12.76 -7.92 -29.63
CA ARG C 143 12.19 -6.94 -28.71
C ARG C 143 12.99 -5.65 -28.71
N CYS C 144 14.31 -5.74 -28.91
CA CYS C 144 15.15 -4.55 -29.03
C CYS C 144 14.75 -3.72 -30.26
N LYS C 145 14.58 -4.38 -31.41
CA LYS C 145 14.20 -3.66 -32.63
C LYS C 145 12.82 -3.05 -32.50
N PHE C 146 11.89 -3.76 -31.87
CA PHE C 146 10.53 -3.25 -31.69
C PHE C 146 10.52 -2.00 -30.81
N VAL C 147 11.21 -2.06 -29.66
CA VAL C 147 11.21 -0.96 -28.70
C VAL C 147 11.91 0.26 -29.28
N ALA C 148 13.00 0.04 -30.04
CA ALA C 148 13.69 1.17 -30.65
C ALA C 148 12.85 1.82 -31.75
N PHE C 149 12.37 1.03 -32.72
CA PHE C 149 11.66 1.58 -33.87
C PHE C 149 10.33 2.21 -33.51
N SER C 150 9.63 1.71 -32.49
CA SER C 150 8.32 2.29 -32.15
C SER C 150 8.46 3.71 -31.63
N LEU C 151 9.34 3.92 -30.64
CA LEU C 151 9.59 5.25 -30.12
C LEU C 151 10.21 6.15 -31.17
N GLY C 152 11.07 5.61 -32.04
CA GLY C 152 11.67 6.43 -33.09
C GLY C 152 10.64 6.97 -34.08
N ILE C 153 9.75 6.09 -34.55
CA ILE C 153 8.75 6.49 -35.54
C ILE C 153 7.75 7.47 -34.92
N LEU C 154 7.29 7.16 -33.70
CA LEU C 154 6.30 8.04 -33.05
C LEU C 154 6.90 9.40 -32.73
N SER C 155 8.15 9.44 -32.27
CA SER C 155 8.80 10.71 -31.97
C SER C 155 9.04 11.53 -33.22
N PHE C 156 9.44 10.88 -34.32
CA PHE C 156 9.68 11.61 -35.57
C PHE C 156 8.39 12.21 -36.11
N PHE C 157 7.30 11.44 -36.10
CA PHE C 157 6.04 11.97 -36.60
C PHE C 157 5.49 13.06 -35.68
N GLY C 158 5.71 12.92 -34.38
CA GLY C 158 5.25 13.95 -33.45
C GLY C 158 5.98 15.26 -33.62
N TRP C 159 7.31 15.19 -33.77
CA TRP C 159 8.07 16.42 -34.05
C TRP C 159 7.66 17.02 -35.39
N LEU C 160 7.48 16.18 -36.41
CA LEU C 160 7.13 16.67 -37.75
C LEU C 160 5.81 17.42 -37.73
N MET C 161 4.77 16.83 -37.14
CA MET C 161 3.49 17.54 -37.00
C MET C 161 3.64 18.80 -36.17
N TRP C 162 4.09 18.64 -34.90
CA TRP C 162 4.10 19.72 -33.91
C TRP C 162 4.92 20.93 -34.35
N THR C 163 5.93 20.74 -35.21
CA THR C 163 6.75 21.87 -35.61
C THR C 163 6.53 22.32 -37.04
N LEU C 164 6.33 21.41 -37.99
CA LEU C 164 6.25 21.81 -39.39
C LEU C 164 4.86 21.69 -39.99
N LEU C 165 3.80 21.53 -39.18
CA LEU C 165 2.46 21.65 -39.76
C LEU C 165 1.99 23.10 -39.91
N PRO C 166 2.06 23.98 -38.89
CA PRO C 166 1.60 25.35 -39.13
C PRO C 166 2.53 26.15 -40.02
N LEU C 167 3.80 25.76 -40.10
CA LEU C 167 4.71 26.40 -41.05
C LEU C 167 4.36 26.02 -42.48
N ALA C 168 4.02 24.74 -42.69
CA ALA C 168 3.60 24.30 -44.02
C ALA C 168 2.27 24.91 -44.41
N VAL C 169 1.38 25.11 -43.43
CA VAL C 169 0.09 25.76 -43.68
C VAL C 169 0.31 27.20 -44.13
N LEU C 170 1.26 27.90 -43.51
CA LEU C 170 1.50 29.29 -43.89
C LEU C 170 2.24 29.40 -45.21
N VAL C 171 3.14 28.46 -45.50
CA VAL C 171 3.87 28.55 -46.77
C VAL C 171 2.98 28.09 -47.93
N VAL C 172 1.93 27.33 -47.62
CA VAL C 172 0.90 27.07 -48.63
C VAL C 172 0.05 28.33 -48.84
N ASP C 173 -0.37 28.96 -47.75
CA ASP C 173 -1.15 30.18 -47.83
C ASP C 173 -0.25 31.42 -47.99
N GLN C 182 -0.80 37.82 -36.82
CA GLN C 182 -1.94 37.01 -37.24
C GLN C 182 -1.52 35.66 -37.81
N THR C 183 -0.28 35.26 -37.52
CA THR C 183 0.28 34.05 -38.10
C THR C 183 0.31 32.89 -37.12
N SER C 184 1.02 33.06 -35.99
CA SER C 184 1.19 32.04 -34.95
C SER C 184 1.68 30.71 -35.52
N LEU C 185 2.90 30.74 -36.07
CA LEU C 185 3.45 29.51 -36.65
C LEU C 185 3.86 28.51 -35.58
N ARG C 186 4.33 28.99 -34.44
CA ARG C 186 4.72 28.12 -33.34
C ARG C 186 3.53 27.89 -32.42
N PHE C 187 3.62 26.82 -31.63
CA PHE C 187 2.50 26.46 -30.76
C PHE C 187 2.40 27.39 -29.56
N VAL C 188 3.44 27.42 -28.73
CA VAL C 188 3.43 28.19 -27.50
C VAL C 188 4.50 29.27 -27.60
N GLU C 189 4.24 30.42 -26.96
CA GLU C 189 5.18 31.53 -26.99
C GLU C 189 6.17 31.41 -25.84
N ALA C 190 7.34 32.02 -26.05
CA ALA C 190 8.39 32.03 -25.04
C ALA C 190 9.02 33.42 -24.97
N TRP C 191 9.78 33.65 -23.91
CA TRP C 191 10.48 34.92 -23.76
C TRP C 191 11.58 35.04 -24.80
N TYR C 192 11.80 36.27 -25.27
CA TYR C 192 12.81 36.54 -26.27
C TYR C 192 13.29 37.97 -26.08
N PRO C 193 14.50 38.30 -26.56
CA PRO C 193 14.92 39.71 -26.51
C PRO C 193 14.10 40.61 -27.43
N PHE C 194 13.83 40.17 -28.64
CA PHE C 194 13.05 40.94 -29.60
C PHE C 194 11.56 40.68 -29.39
N ASP C 195 10.74 41.24 -30.28
CA ASP C 195 9.29 41.14 -30.11
C ASP C 195 8.75 39.83 -30.67
N THR C 196 9.36 39.33 -31.75
CA THR C 196 9.00 38.10 -32.48
C THR C 196 7.56 38.09 -32.98
N THR C 197 6.93 39.26 -33.09
CA THR C 197 5.60 39.35 -33.67
C THR C 197 5.69 39.76 -35.14
N THR C 198 6.68 40.60 -35.47
CA THR C 198 6.93 40.98 -36.85
C THR C 198 7.37 39.75 -37.64
N SER C 199 7.06 39.76 -38.96
CA SER C 199 7.09 38.59 -39.84
C SER C 199 8.42 37.83 -39.91
N PRO C 200 9.61 38.46 -40.23
CA PRO C 200 10.81 37.63 -40.46
C PRO C 200 11.36 37.02 -39.19
N MET C 201 11.23 37.75 -38.09
CA MET C 201 11.64 37.27 -36.78
C MET C 201 10.90 36.00 -36.39
N ASN C 202 9.61 35.92 -36.68
CA ASN C 202 8.83 34.75 -36.30
C ASN C 202 9.23 33.53 -37.12
N GLU C 203 9.58 33.74 -38.40
CA GLU C 203 10.03 32.63 -39.24
C GLU C 203 11.39 32.10 -38.80
N VAL C 204 12.34 33.00 -38.50
CA VAL C 204 13.67 32.52 -38.11
C VAL C 204 13.63 31.91 -36.70
N ILE C 205 12.72 32.40 -35.85
CA ILE C 205 12.52 31.78 -34.54
C ILE C 205 11.87 30.41 -34.70
N ALA C 206 10.99 30.24 -35.68
CA ALA C 206 10.38 28.93 -35.93
C ALA C 206 11.42 27.93 -36.42
N ILE C 207 12.35 28.37 -37.28
CA ILE C 207 13.40 27.48 -37.78
C ILE C 207 14.35 27.08 -36.64
N TYR C 208 14.74 28.06 -35.81
CA TYR C 208 15.57 27.79 -34.65
C TYR C 208 14.86 26.85 -33.67
N GLU C 209 13.55 27.03 -33.52
CA GLU C 209 12.76 26.14 -32.68
C GLU C 209 12.73 24.73 -33.25
N ALA C 210 12.71 24.60 -34.58
CA ALA C 210 12.72 23.28 -35.21
C ALA C 210 14.00 22.53 -34.91
N VAL C 211 15.16 23.16 -35.13
CA VAL C 211 16.42 22.45 -34.90
C VAL C 211 16.65 22.22 -33.41
N ALA C 212 16.24 23.18 -32.56
CA ALA C 212 16.38 22.99 -31.12
C ALA C 212 15.46 21.88 -30.62
N MET C 213 14.27 21.75 -31.20
CA MET C 213 13.37 20.71 -30.74
C MET C 213 13.80 19.35 -31.25
N ILE C 214 14.53 19.29 -32.37
CA ILE C 214 15.18 18.04 -32.76
C ILE C 214 16.18 17.61 -31.69
N PHE C 215 17.11 18.51 -31.35
CA PHE C 215 18.18 18.14 -30.42
C PHE C 215 17.68 18.02 -28.99
N LEU C 216 16.47 18.50 -28.72
CA LEU C 216 15.89 18.44 -27.38
C LEU C 216 14.91 17.29 -27.23
N ILE C 217 14.35 16.79 -28.33
CA ILE C 217 13.52 15.59 -28.32
C ILE C 217 14.36 14.32 -28.33
N THR C 218 15.41 14.26 -29.14
CA THR C 218 16.10 13.00 -29.33
C THR C 218 16.97 12.55 -28.17
N ALA C 219 17.16 13.37 -27.12
CA ALA C 219 17.99 12.92 -26.00
C ALA C 219 17.26 12.02 -25.00
N PRO C 220 16.06 12.37 -24.49
CA PRO C 220 15.38 11.42 -23.59
C PRO C 220 14.91 10.16 -24.27
N MET C 221 14.57 10.23 -25.57
CA MET C 221 14.24 9.02 -26.31
C MET C 221 15.43 8.09 -26.40
N SER C 222 16.63 8.63 -26.60
CA SER C 222 17.84 7.82 -26.65
C SER C 222 18.15 7.20 -25.30
N SER C 223 17.99 7.98 -24.22
CA SER C 223 18.22 7.45 -22.89
C SER C 223 17.24 6.34 -22.54
N ASP C 224 15.98 6.50 -22.97
CA ASP C 224 14.98 5.49 -22.65
C ASP C 224 15.16 4.23 -23.50
N ILE C 225 15.65 4.39 -24.74
CA ILE C 225 16.04 3.23 -25.54
C ILE C 225 17.17 2.46 -24.88
N MET C 226 18.19 3.17 -24.35
CA MET C 226 19.27 2.47 -23.66
C MET C 226 18.80 1.77 -22.39
N PHE C 227 17.90 2.40 -21.63
CA PHE C 227 17.33 1.76 -20.45
C PHE C 227 16.55 0.49 -20.81
N CYS C 228 15.76 0.55 -21.89
CA CYS C 228 14.97 -0.61 -22.27
C CYS C 228 15.83 -1.74 -22.80
N VAL C 229 16.92 -1.40 -23.51
CA VAL C 229 17.87 -2.43 -23.95
C VAL C 229 18.52 -3.11 -22.76
N LEU C 230 18.90 -2.32 -21.74
CA LEU C 230 19.46 -2.87 -20.51
C LEU C 230 18.49 -3.82 -19.82
N MET C 231 17.21 -3.43 -19.75
CA MET C 231 16.23 -4.26 -19.07
C MET C 231 15.97 -5.56 -19.82
N ILE C 232 15.96 -5.51 -21.16
CA ILE C 232 15.75 -6.72 -21.95
C ILE C 232 16.92 -7.69 -21.77
N PHE C 233 18.14 -7.16 -21.81
CA PHE C 233 19.32 -8.02 -21.63
C PHE C 233 19.36 -8.62 -20.23
N ILE C 234 18.92 -7.87 -19.23
CA ILE C 234 18.93 -8.38 -17.85
C ILE C 234 17.86 -9.46 -17.67
N VAL C 235 16.70 -9.30 -18.30
CA VAL C 235 15.66 -10.34 -18.23
C VAL C 235 16.15 -11.64 -18.88
N GLU C 236 16.82 -11.52 -20.02
CA GLU C 236 17.34 -12.73 -20.67
C GLU C 236 18.46 -13.37 -19.86
N HIS C 237 19.28 -12.55 -19.21
CA HIS C 237 20.30 -13.06 -18.30
C HIS C 237 19.70 -13.83 -17.14
N LEU C 238 18.61 -13.32 -16.57
CA LEU C 238 17.98 -14.01 -15.44
C LEU C 238 17.34 -15.32 -15.87
N LYS C 239 16.73 -15.36 -17.06
CA LYS C 239 16.14 -16.59 -17.55
C LYS C 239 17.20 -17.65 -17.84
N CYS C 240 18.33 -17.23 -18.42
CA CYS C 240 19.43 -18.17 -18.65
C CYS C 240 20.04 -18.64 -17.34
N LEU C 241 20.04 -17.79 -16.31
CA LEU C 241 20.53 -18.21 -15.00
C LEU C 241 19.62 -19.26 -14.37
N GLY C 242 18.31 -19.10 -14.51
CA GLY C 242 17.39 -20.11 -14.02
C GLY C 242 17.55 -21.44 -14.74
N MET C 243 17.71 -21.40 -16.06
CA MET C 243 17.96 -22.64 -16.80
C MET C 243 19.30 -23.27 -16.43
N ALA C 244 20.29 -22.44 -16.09
CA ALA C 244 21.58 -22.97 -15.68
C ALA C 244 21.49 -23.65 -14.31
N ILE C 245 20.69 -23.09 -13.40
CA ILE C 245 20.49 -23.73 -12.10
C ILE C 245 19.79 -25.08 -12.27
N GLU C 246 18.77 -25.13 -13.15
CA GLU C 246 18.06 -26.38 -13.39
C GLU C 246 18.98 -27.44 -14.02
N CYS C 247 19.80 -27.04 -14.99
CA CYS C 247 20.67 -28.01 -15.66
C CYS C 247 21.84 -28.42 -14.77
N THR C 248 22.21 -27.57 -13.79
CA THR C 248 23.19 -27.97 -12.80
C THR C 248 22.61 -28.98 -11.82
N LEU C 249 21.39 -28.74 -11.33
CA LEU C 249 20.78 -29.64 -10.37
C LEU C 249 20.37 -30.97 -10.99
N LYS C 250 20.13 -31.00 -12.31
CA LYS C 250 19.74 -32.25 -12.96
C LYS C 250 20.85 -33.30 -12.90
N GLY C 251 22.11 -32.88 -12.94
CA GLY C 251 23.21 -33.81 -12.85
C GLY C 251 23.37 -34.42 -11.47
N ASP C 321 29.82 -29.82 -9.53
CA ASP C 321 29.26 -29.54 -8.22
C ASP C 321 29.64 -28.16 -7.70
N ALA C 322 30.95 -27.89 -7.68
CA ALA C 322 31.44 -26.65 -7.10
C ALA C 322 31.46 -25.53 -8.14
N THR C 323 32.06 -25.80 -9.30
CA THR C 323 32.38 -24.74 -10.25
C THR C 323 31.13 -24.16 -10.90
N SER C 324 30.14 -25.01 -11.18
CA SER C 324 28.89 -24.54 -11.76
C SER C 324 28.14 -23.62 -10.78
N LEU C 325 28.15 -23.98 -9.49
CA LEU C 325 27.49 -23.17 -8.48
C LEU C 325 28.23 -21.85 -8.26
N CYS C 326 29.56 -21.87 -8.32
CA CYS C 326 30.33 -20.63 -8.19
C CYS C 326 30.07 -19.70 -9.36
N ASN C 327 29.97 -20.25 -10.58
CA ASN C 327 29.69 -19.41 -11.75
C ASN C 327 28.27 -18.86 -11.69
N ILE C 328 27.32 -19.65 -11.18
CA ILE C 328 25.94 -19.19 -11.04
C ILE C 328 25.85 -18.04 -10.05
N VAL C 329 26.51 -18.19 -8.89
CA VAL C 329 26.49 -17.15 -7.87
C VAL C 329 27.19 -15.88 -8.36
N ASP C 330 28.27 -16.04 -9.13
CA ASP C 330 28.97 -14.89 -9.68
C ASP C 330 28.12 -14.14 -10.71
N SER C 331 27.38 -14.88 -11.55
CA SER C 331 26.52 -14.21 -12.53
C SER C 331 25.35 -13.52 -11.85
N HIS C 332 24.79 -14.12 -10.80
CA HIS C 332 23.74 -13.47 -10.02
C HIS C 332 24.24 -12.19 -9.38
N VAL C 333 25.47 -12.21 -8.87
CA VAL C 333 26.04 -11.02 -8.24
C VAL C 333 26.30 -9.94 -9.28
N LYS C 334 26.75 -10.35 -10.49
CA LYS C 334 26.95 -9.38 -11.56
C LYS C 334 25.64 -8.72 -11.98
N ILE C 335 24.55 -9.50 -12.01
CA ILE C 335 23.24 -8.95 -12.33
C ILE C 335 22.80 -7.94 -11.27
N TYR C 336 23.01 -8.27 -9.99
CA TYR C 336 22.62 -7.36 -8.92
C TYR C 336 23.44 -6.07 -8.95
N ARG C 337 24.75 -6.18 -9.20
CA ARG C 337 25.59 -4.99 -9.27
C ARG C 337 25.25 -4.13 -10.48
N THR C 338 24.89 -4.76 -11.61
CA THR C 338 24.51 -4.00 -12.79
C THR C 338 23.18 -3.26 -12.57
N MET C 339 22.24 -3.88 -11.88
CA MET C 339 21.01 -3.18 -11.53
C MET C 339 21.26 -2.04 -10.54
N GLU C 340 22.20 -2.24 -9.62
CA GLU C 340 22.55 -1.16 -8.68
C GLU C 340 23.20 0.01 -9.43
N ILE C 341 24.00 -0.27 -10.47
CA ILE C 341 24.55 0.79 -11.29
C ILE C 341 23.48 1.50 -12.11
N VAL C 342 22.50 0.76 -12.64
CA VAL C 342 21.40 1.35 -13.39
C VAL C 342 20.54 2.25 -12.50
N GLN C 343 20.49 1.95 -11.19
CA GLN C 343 19.52 2.58 -10.28
C GLN C 343 19.66 4.11 -10.18
N SER C 344 20.89 4.63 -10.11
CA SER C 344 21.09 6.01 -9.64
C SER C 344 20.68 7.06 -10.69
N VAL C 345 21.31 7.00 -11.87
CA VAL C 345 21.06 7.97 -12.93
C VAL C 345 19.59 7.95 -13.34
N TYR C 346 19.04 6.75 -13.48
CA TYR C 346 17.64 6.64 -13.85
C TYR C 346 16.74 6.93 -12.66
N SER C 347 17.25 6.92 -11.43
CA SER C 347 16.43 7.34 -10.30
C SER C 347 16.11 8.81 -10.37
N SER C 348 17.15 9.63 -10.54
CA SER C 348 16.94 11.07 -10.69
C SER C 348 16.11 11.39 -11.95
N TYR C 349 16.47 10.76 -13.06
CA TYR C 349 15.78 11.02 -14.32
C TYR C 349 14.32 10.55 -14.28
N PHE C 350 14.04 9.46 -13.56
CA PHE C 350 12.69 8.93 -13.52
C PHE C 350 11.80 9.77 -12.61
N ALA C 351 12.35 10.29 -11.51
CA ALA C 351 11.57 11.21 -10.68
C ALA C 351 11.13 12.43 -11.48
N THR C 352 12.09 13.07 -12.16
CA THR C 352 11.76 14.23 -13.00
C THR C 352 10.76 13.86 -14.10
N LEU C 353 10.99 12.72 -14.75
CA LEU C 353 10.16 12.29 -15.88
C LEU C 353 8.73 12.05 -15.46
N PHE C 354 8.52 11.29 -14.37
CA PHE C 354 7.17 10.90 -14.00
C PHE C 354 6.36 12.09 -13.49
N PHE C 355 6.99 12.96 -12.70
CA PHE C 355 6.26 14.14 -12.21
C PHE C 355 5.88 15.08 -13.36
N THR C 356 6.85 15.44 -14.19
CA THR C 356 6.59 16.40 -15.25
C THR C 356 5.69 15.81 -16.34
N SER C 357 5.74 14.49 -16.51
CA SER C 357 4.87 13.83 -17.48
C SER C 357 3.43 13.80 -17.00
N CYS C 358 3.21 13.61 -15.68
CA CYS C 358 1.85 13.69 -15.16
C CYS C 358 1.26 15.08 -15.36
N LEU C 359 2.07 16.13 -15.11
CA LEU C 359 1.60 17.50 -15.37
C LEU C 359 1.27 17.71 -16.85
N ALA C 360 2.13 17.22 -17.75
CA ALA C 360 1.90 17.42 -19.18
C ALA C 360 0.66 16.68 -19.66
N VAL C 361 0.41 15.48 -19.15
CA VAL C 361 -0.77 14.70 -19.54
C VAL C 361 -2.05 15.41 -19.08
N CYS C 362 -2.06 15.90 -17.84
CA CYS C 362 -3.24 16.62 -17.34
C CYS C 362 -3.51 17.88 -18.16
N ALA C 363 -2.47 18.64 -18.50
CA ALA C 363 -2.66 19.86 -19.28
C ALA C 363 -3.14 19.55 -20.69
N LEU C 364 -2.61 18.50 -21.32
CA LEU C 364 -3.02 18.15 -22.67
C LEU C 364 -4.47 17.68 -22.70
N ALA C 365 -4.88 16.90 -21.70
CA ALA C 365 -6.27 16.45 -21.66
C ALA C 365 -7.22 17.61 -21.44
N TYR C 366 -6.81 18.60 -20.62
CA TYR C 366 -7.66 19.79 -20.46
C TYR C 366 -7.77 20.59 -21.75
N PHE C 367 -6.67 20.73 -22.50
CA PHE C 367 -6.76 21.51 -23.75
C PHE C 367 -7.54 20.77 -24.83
N LEU C 368 -7.46 19.44 -24.86
CA LEU C 368 -8.21 18.70 -25.88
C LEU C 368 -9.69 18.64 -25.54
N ALA C 369 -10.03 18.56 -24.26
CA ALA C 369 -11.43 18.37 -23.91
C ALA C 369 -12.22 19.67 -23.85
N ALA C 370 -11.62 20.77 -23.42
CA ALA C 370 -12.39 21.98 -23.11
C ALA C 370 -12.31 23.04 -24.21
N THR C 371 -11.11 23.52 -24.52
CA THR C 371 -11.01 24.76 -25.29
C THR C 371 -11.25 24.51 -26.79
N SER C 372 -11.38 25.61 -27.52
CA SER C 372 -11.64 25.59 -28.96
C SER C 372 -10.30 25.60 -29.70
N THR C 373 -9.78 24.41 -29.95
CA THR C 373 -8.53 24.28 -30.69
C THR C 373 -8.78 24.48 -32.19
N SER C 374 -7.81 25.10 -32.85
CA SER C 374 -7.96 25.54 -34.23
C SER C 374 -7.56 24.48 -35.25
N PHE C 375 -7.57 23.20 -34.86
CA PHE C 375 -7.50 22.03 -35.74
C PHE C 375 -6.12 21.84 -36.39
N THR C 376 -5.22 22.80 -36.23
CA THR C 376 -3.86 22.62 -36.73
C THR C 376 -2.93 22.05 -35.67
N ARG C 377 -3.13 22.44 -34.41
CA ARG C 377 -2.33 21.92 -33.32
C ARG C 377 -2.80 20.56 -32.83
N VAL C 378 -4.00 20.13 -33.23
CA VAL C 378 -4.54 18.85 -32.73
C VAL C 378 -3.74 17.64 -33.20
N PRO C 379 -3.21 17.56 -34.43
CA PRO C 379 -2.26 16.46 -34.72
C PRO C 379 -0.97 16.51 -33.93
N GLY C 380 -0.62 17.63 -33.32
CA GLY C 380 0.52 17.62 -32.42
C GLY C 380 0.16 17.07 -31.06
N MET C 381 -0.99 17.52 -30.53
CA MET C 381 -1.40 17.13 -29.19
C MET C 381 -1.88 15.69 -29.12
N VAL C 382 -2.45 15.14 -30.18
CA VAL C 382 -2.90 13.75 -30.14
C VAL C 382 -1.75 12.77 -30.33
N LEU C 383 -0.63 13.20 -30.91
CA LEU C 383 0.57 12.37 -30.98
C LEU C 383 1.46 12.52 -29.76
N TYR C 384 1.48 13.68 -29.12
CA TYR C 384 2.28 13.86 -27.91
C TYR C 384 1.74 13.03 -26.75
N LEU C 385 0.40 12.93 -26.65
CA LEU C 385 -0.21 12.04 -25.67
C LEU C 385 0.14 10.58 -25.92
N MET C 386 0.11 10.16 -27.18
CA MET C 386 0.42 8.77 -27.50
C MET C 386 1.88 8.45 -27.22
N TYR C 387 2.79 9.38 -27.51
CA TYR C 387 4.19 9.19 -27.19
C TYR C 387 4.41 9.07 -25.69
N ILE C 388 3.76 9.94 -24.91
CA ILE C 388 3.97 9.93 -23.46
C ILE C 388 3.42 8.63 -22.85
N PHE C 389 2.21 8.23 -23.28
CA PHE C 389 1.63 6.99 -22.76
C PHE C 389 2.45 5.77 -23.16
N LEU C 390 2.95 5.73 -24.40
CA LEU C 390 3.78 4.61 -24.84
C LEU C 390 5.08 4.54 -24.06
N ARG C 391 5.69 5.70 -23.80
CA ARG C 391 6.94 5.73 -23.06
C ARG C 391 6.76 5.25 -21.63
N ILE C 392 5.71 5.75 -20.95
CA ILE C 392 5.47 5.36 -19.57
C ILE C 392 5.14 3.87 -19.48
N PHE C 393 4.34 3.37 -20.43
CA PHE C 393 3.95 1.96 -20.38
C PHE C 393 5.14 1.05 -20.65
N LEU C 394 6.01 1.41 -21.59
CA LEU C 394 7.15 0.55 -21.89
C LEU C 394 8.17 0.55 -20.77
N LEU C 395 8.40 1.72 -20.15
CA LEU C 395 9.32 1.77 -19.00
C LEU C 395 8.79 0.95 -17.83
N CYS C 396 7.48 1.05 -17.56
CA CYS C 396 6.91 0.30 -16.44
C CYS C 396 6.91 -1.20 -16.71
N LEU C 397 6.64 -1.60 -17.96
CA LEU C 397 6.63 -3.02 -18.30
C LEU C 397 8.02 -3.63 -18.18
N LEU C 398 9.02 -2.98 -18.76
CA LEU C 398 10.36 -3.53 -18.70
C LEU C 398 11.03 -3.30 -17.35
N ALA C 399 10.41 -2.54 -16.45
CA ALA C 399 10.88 -2.55 -15.07
C ALA C 399 10.19 -3.63 -14.25
N THR C 400 8.96 -4.01 -14.60
CA THR C 400 8.25 -5.05 -13.86
C THR C 400 8.76 -6.44 -14.22
N GLU C 401 9.20 -6.61 -15.47
CA GLU C 401 9.66 -7.93 -15.94
C GLU C 401 10.89 -8.41 -15.17
N VAL C 402 11.76 -7.50 -14.74
CA VAL C 402 12.97 -7.88 -14.03
C VAL C 402 12.63 -8.39 -12.63
N ALA C 403 11.72 -7.71 -11.94
CA ALA C 403 11.31 -8.16 -10.61
C ALA C 403 10.59 -9.50 -10.69
N GLU C 404 9.76 -9.69 -11.73
CA GLU C 404 9.08 -10.97 -11.91
C GLU C 404 10.08 -12.09 -12.18
N GLN C 405 11.13 -11.81 -12.96
CA GLN C 405 12.12 -12.84 -13.25
C GLN C 405 12.99 -13.13 -12.03
N GLY C 406 13.23 -12.15 -11.18
CA GLY C 406 13.95 -12.42 -9.94
C GLY C 406 13.16 -13.31 -8.99
N LEU C 407 11.87 -12.99 -8.82
CA LEU C 407 11.03 -13.81 -7.95
C LEU C 407 10.78 -15.19 -8.55
N ASN C 408 10.92 -15.33 -9.88
CA ASN C 408 10.87 -16.65 -10.48
C ASN C 408 12.21 -17.36 -10.37
N LEU C 409 13.30 -16.61 -10.19
CA LEU C 409 14.59 -17.23 -9.88
C LEU C 409 14.60 -17.75 -8.44
N CYS C 410 13.71 -17.22 -7.59
CA CYS C 410 13.54 -17.81 -6.26
C CYS C 410 13.07 -19.26 -6.33
N HIS C 411 12.18 -19.57 -7.27
CA HIS C 411 11.68 -20.93 -7.46
C HIS C 411 12.50 -21.71 -8.48
N ALA C 412 13.82 -21.74 -8.32
CA ALA C 412 14.69 -22.40 -9.27
C ALA C 412 15.45 -23.52 -8.59
N GLY C 413 15.49 -24.68 -9.25
CA GLY C 413 16.17 -25.83 -8.69
C GLY C 413 15.48 -26.40 -7.48
N TYR C 414 14.18 -26.65 -7.58
CA TYR C 414 13.36 -27.09 -6.45
C TYR C 414 12.57 -28.29 -6.95
N SER C 415 13.08 -29.49 -6.69
CA SER C 415 12.45 -30.72 -7.14
C SER C 415 12.78 -31.82 -6.15
N SER C 416 12.61 -33.07 -6.56
CA SER C 416 13.04 -34.20 -5.75
C SER C 416 14.56 -34.34 -5.76
N LYS C 417 15.24 -33.69 -6.70
CA LYS C 417 16.69 -33.74 -6.73
C LYS C 417 17.30 -32.95 -5.58
N LEU C 418 16.69 -31.81 -5.23
CA LEU C 418 17.15 -31.01 -4.09
C LEU C 418 17.06 -31.78 -2.78
N VAL C 419 16.02 -32.60 -2.62
CA VAL C 419 15.91 -33.46 -1.45
C VAL C 419 16.93 -34.58 -1.46
N LEU C 420 17.46 -34.94 -2.63
CA LEU C 420 18.41 -36.04 -2.75
C LEU C 420 19.82 -35.55 -3.02
N ALA C 421 20.08 -34.25 -2.89
CA ALA C 421 21.42 -33.72 -3.07
C ALA C 421 22.17 -33.70 -1.75
N SER C 422 23.44 -33.30 -1.82
CA SER C 422 24.26 -33.24 -0.63
C SER C 422 23.93 -31.99 0.19
N ASP C 423 24.65 -31.81 1.29
CA ASP C 423 24.42 -30.64 2.14
C ASP C 423 24.99 -29.37 1.52
N HIS C 424 26.05 -29.52 0.71
CA HIS C 424 26.64 -28.37 0.02
C HIS C 424 25.65 -27.74 -0.94
N VAL C 425 25.01 -28.56 -1.77
CA VAL C 425 24.04 -28.06 -2.74
C VAL C 425 22.80 -27.55 -2.02
N ARG C 426 22.35 -28.26 -0.98
CA ARG C 426 21.17 -27.86 -0.24
C ARG C 426 21.37 -26.58 0.56
N SER C 427 22.61 -26.21 0.86
CA SER C 427 22.90 -24.92 1.48
C SER C 427 23.11 -23.83 0.45
N THR C 428 23.73 -24.14 -0.68
CA THR C 428 23.99 -23.11 -1.69
C THR C 428 22.70 -22.69 -2.39
N ILE C 429 21.80 -23.64 -2.67
CA ILE C 429 20.51 -23.29 -3.27
C ILE C 429 19.67 -22.49 -2.28
N GLN C 430 19.80 -22.80 -0.99
CA GLN C 430 19.11 -22.03 0.04
C GLN C 430 19.63 -20.60 0.11
N ALA C 431 20.95 -20.43 0.00
CA ALA C 431 21.53 -19.08 -0.02
C ALA C 431 21.09 -18.31 -1.25
N ILE C 432 21.03 -18.98 -2.40
CA ILE C 432 20.58 -18.34 -3.64
C ILE C 432 19.12 -17.92 -3.53
N ALA C 433 18.28 -18.75 -2.93
CA ALA C 433 16.87 -18.39 -2.76
C ALA C 433 16.68 -17.25 -1.78
N THR C 434 17.46 -17.25 -0.69
CA THR C 434 17.37 -16.18 0.29
C THR C 434 17.81 -14.84 -0.31
N ARG C 435 18.86 -14.85 -1.12
CA ARG C 435 19.28 -13.61 -1.77
C ARG C 435 18.34 -13.23 -2.89
N ALA C 436 17.66 -14.21 -3.50
CA ALA C 436 16.78 -13.91 -4.62
C ALA C 436 15.42 -13.43 -4.14
N GLN C 437 15.11 -13.62 -2.86
CA GLN C 437 13.87 -13.07 -2.32
C GLN C 437 13.90 -11.54 -2.27
N ILE C 438 15.09 -10.94 -2.26
CA ILE C 438 15.20 -9.49 -2.35
C ILE C 438 14.86 -9.06 -3.77
N PRO C 439 13.93 -8.13 -3.98
CA PRO C 439 13.53 -7.78 -5.35
C PRO C 439 14.48 -6.80 -6.02
N LEU C 440 14.70 -7.01 -7.31
CA LEU C 440 15.49 -6.10 -8.13
C LEU C 440 14.54 -5.06 -8.71
N SER C 441 14.47 -3.89 -8.09
CA SER C 441 13.51 -2.86 -8.47
C SER C 441 14.24 -1.56 -8.74
N ILE C 442 13.69 -0.76 -9.66
CA ILE C 442 14.20 0.57 -9.95
C ILE C 442 13.31 1.59 -9.26
N THR C 443 13.89 2.41 -8.39
CA THR C 443 13.16 3.43 -7.67
C THR C 443 13.45 4.79 -8.29
N GLY C 444 12.42 5.61 -8.40
CA GLY C 444 12.61 6.96 -8.88
C GLY C 444 12.93 7.92 -7.75
N ALA C 445 14.22 8.16 -7.52
CA ALA C 445 14.76 8.94 -6.40
C ALA C 445 14.21 8.49 -5.05
N ARG C 446 13.93 7.20 -4.90
CA ARG C 446 13.40 6.53 -3.71
C ARG C 446 12.03 7.05 -3.27
N PHE C 447 11.33 7.79 -4.13
CA PHE C 447 9.96 8.20 -3.83
C PHE C 447 8.94 7.16 -4.22
N PHE C 448 9.21 6.37 -5.25
CA PHE C 448 8.29 5.33 -5.70
C PHE C 448 9.10 4.25 -6.41
N THR C 449 8.51 3.07 -6.50
CA THR C 449 9.09 1.97 -7.26
C THR C 449 8.46 1.94 -8.64
N VAL C 450 9.30 1.89 -9.67
CA VAL C 450 8.78 1.84 -11.04
C VAL C 450 8.23 0.46 -11.30
N ASN C 451 6.92 0.30 -11.16
CA ASN C 451 6.23 -0.95 -11.39
C ASN C 451 5.10 -0.70 -12.38
N LEU C 452 4.27 -1.72 -12.59
CA LEU C 452 3.08 -1.52 -13.39
C LEU C 452 1.89 -1.07 -12.57
N SER C 453 1.88 -1.34 -11.26
CA SER C 453 0.84 -0.80 -10.40
C SER C 453 1.02 0.69 -10.17
N PHE C 454 2.27 1.17 -10.25
CA PHE C 454 2.50 2.61 -10.15
C PHE C 454 1.93 3.36 -11.34
N LEU C 455 1.90 2.72 -12.51
CA LEU C 455 1.25 3.33 -13.66
C LEU C 455 -0.24 3.45 -13.44
N ALA C 456 -0.85 2.47 -12.79
CA ALA C 456 -2.28 2.56 -12.48
C ALA C 456 -2.56 3.65 -11.45
N SER C 457 -1.70 3.76 -10.43
CA SER C 457 -1.88 4.81 -9.43
C SER C 457 -1.68 6.20 -10.03
N MET C 458 -0.71 6.34 -10.94
CA MET C 458 -0.51 7.62 -11.60
C MET C 458 -1.62 7.94 -12.57
N ALA C 459 -2.23 6.93 -13.20
CA ALA C 459 -3.39 7.18 -14.03
C ALA C 459 -4.58 7.62 -13.19
N GLY C 460 -4.71 7.09 -11.98
CA GLY C 460 -5.72 7.58 -11.07
C GLY C 460 -5.48 9.02 -10.65
N VAL C 461 -4.22 9.39 -10.44
CA VAL C 461 -3.89 10.79 -10.10
C VAL C 461 -4.19 11.71 -11.27
N MET C 462 -3.87 11.27 -12.49
CA MET C 462 -4.18 12.03 -13.70
C MET C 462 -5.67 12.23 -13.86
N LEU C 463 -6.46 11.17 -13.65
CA LEU C 463 -7.91 11.28 -13.77
C LEU C 463 -8.50 12.14 -12.67
N THR C 464 -7.87 12.17 -11.49
CA THR C 464 -8.37 13.03 -10.41
C THR C 464 -8.10 14.49 -10.72
N TYR C 465 -6.90 14.82 -11.21
CA TYR C 465 -6.58 16.20 -11.48
C TYR C 465 -7.02 16.68 -12.86
N PHE C 466 -7.61 15.80 -13.68
CA PHE C 466 -8.19 16.25 -14.94
C PHE C 466 -9.57 16.84 -14.71
N ILE C 467 -10.34 16.26 -13.79
CA ILE C 467 -11.68 16.75 -13.49
C ILE C 467 -11.60 18.13 -12.81
N VAL C 468 -10.55 18.35 -12.01
CA VAL C 468 -10.35 19.64 -11.37
C VAL C 468 -10.08 20.72 -12.41
N LEU C 469 -9.22 20.42 -13.38
CA LEU C 469 -8.93 21.38 -14.43
C LEU C 469 -10.13 21.58 -15.36
N LEU C 470 -11.00 20.59 -15.47
CA LEU C 470 -12.24 20.79 -16.22
C LEU C 470 -13.19 21.71 -15.46
N GLN C 471 -13.29 21.52 -14.14
CA GLN C 471 -14.24 22.29 -13.36
C GLN C 471 -13.76 23.72 -13.10
N VAL C 472 -12.45 23.96 -13.22
CA VAL C 472 -11.95 25.32 -13.01
C VAL C 472 -12.28 26.22 -14.19
N ASN C 473 -12.34 25.65 -15.41
CA ASN C 473 -12.62 26.36 -16.67
C ASN C 473 -11.79 27.62 -16.89
N ASP D 16 -16.77 -45.28 -5.38
CA ASP D 16 -17.10 -44.24 -4.42
C ASP D 16 -17.72 -43.01 -5.09
N ASP D 17 -17.54 -41.84 -4.47
CA ASP D 17 -18.11 -40.61 -4.99
C ASP D 17 -17.17 -39.89 -5.95
N TYR D 18 -15.93 -40.37 -6.07
CA TYR D 18 -14.93 -39.72 -6.92
C TYR D 18 -15.34 -39.74 -8.39
N ILE D 19 -16.07 -40.78 -8.80
CA ILE D 19 -16.60 -40.95 -10.15
C ILE D 19 -17.56 -39.81 -10.45
N HIS D 20 -18.23 -39.31 -9.40
CA HIS D 20 -19.05 -38.10 -9.49
C HIS D 20 -18.29 -36.88 -9.97
N LEU D 21 -17.09 -36.64 -9.43
CA LEU D 21 -16.35 -35.41 -9.72
C LEU D 21 -15.98 -35.29 -11.19
N ARG D 22 -15.49 -36.39 -11.79
CA ARG D 22 -15.20 -36.44 -13.21
C ARG D 22 -16.43 -36.08 -14.04
N LYS D 23 -17.61 -36.51 -13.58
CA LYS D 23 -18.87 -36.17 -14.25
C LYS D 23 -19.03 -34.67 -14.36
N TRP D 24 -18.76 -33.95 -13.28
CA TRP D 24 -18.86 -32.51 -13.32
C TRP D 24 -17.79 -31.89 -14.20
N ILE D 25 -16.57 -32.45 -14.21
CA ILE D 25 -15.57 -31.91 -15.12
C ILE D 25 -15.79 -32.39 -16.54
N LYS D 26 -16.75 -33.29 -16.75
CA LYS D 26 -17.29 -33.47 -18.09
C LYS D 26 -18.17 -32.29 -18.46
N ARG D 27 -19.11 -31.94 -17.57
CA ARG D 27 -20.18 -31.01 -17.92
C ARG D 27 -19.65 -29.61 -18.21
N ILE D 28 -18.68 -29.15 -17.42
CA ILE D 28 -18.03 -27.87 -17.67
C ILE D 28 -17.42 -27.84 -19.06
N GLY D 29 -16.74 -28.92 -19.45
CA GLY D 29 -16.22 -29.01 -20.80
C GLY D 29 -17.32 -28.92 -21.83
N ILE D 30 -18.45 -29.59 -21.56
CA ILE D 30 -19.59 -29.52 -22.45
C ILE D 30 -20.13 -28.10 -22.55
N ILE D 31 -20.19 -27.39 -21.41
CA ILE D 31 -20.73 -26.03 -21.47
C ILE D 31 -19.70 -25.11 -22.11
N LEU D 32 -18.41 -25.49 -22.03
CA LEU D 32 -17.39 -24.71 -22.70
C LEU D 32 -17.44 -24.94 -24.20
N ARG D 33 -18.11 -26.00 -24.65
CA ARG D 33 -18.35 -26.17 -26.07
C ARG D 33 -19.68 -25.55 -26.48
N ILE D 34 -20.54 -25.25 -25.51
CA ILE D 34 -21.86 -24.71 -25.85
C ILE D 34 -21.75 -23.22 -26.17
N SER D 35 -20.99 -22.48 -25.36
CA SER D 35 -20.87 -21.05 -25.52
C SER D 35 -20.10 -20.63 -26.76
N GLY D 36 -19.37 -21.56 -27.40
CA GLY D 36 -18.69 -21.25 -28.62
C GLY D 36 -17.19 -21.10 -28.52
N HIS D 37 -16.58 -21.52 -27.42
CA HIS D 37 -15.13 -21.49 -27.32
C HIS D 37 -14.50 -22.51 -28.25
N TRP D 38 -13.22 -22.33 -28.54
CA TRP D 38 -12.54 -23.20 -29.48
C TRP D 38 -12.39 -24.59 -28.88
N PRO D 39 -12.78 -25.64 -29.61
CA PRO D 39 -12.82 -26.98 -29.02
C PRO D 39 -11.42 -27.56 -28.85
N PHE D 40 -11.02 -27.74 -27.61
CA PHE D 40 -9.78 -28.40 -27.25
C PHE D 40 -10.08 -29.84 -26.82
N ARG D 41 -9.04 -30.62 -26.58
CA ARG D 41 -9.20 -32.00 -26.18
C ARG D 41 -9.36 -32.07 -24.66
N LEU D 42 -10.55 -32.48 -24.22
CA LEU D 42 -10.84 -32.76 -22.82
C LEU D 42 -10.18 -34.08 -22.42
N PRO D 43 -10.15 -34.43 -21.12
CA PRO D 43 -9.55 -35.72 -20.72
C PRO D 43 -10.18 -36.97 -21.33
N HIS D 44 -11.49 -37.07 -21.42
CA HIS D 44 -12.12 -38.34 -21.81
C HIS D 44 -12.38 -38.45 -23.30
N GLU D 45 -11.38 -38.17 -24.13
CA GLU D 45 -11.46 -38.32 -25.59
C GLU D 45 -10.21 -39.04 -26.06
N LYS D 46 -10.38 -40.29 -26.49
CA LYS D 46 -9.27 -41.11 -26.97
C LYS D 46 -9.36 -41.35 -28.47
N ARG D 47 -10.26 -40.65 -29.16
CA ARG D 47 -10.42 -40.81 -30.60
C ARG D 47 -10.30 -39.50 -31.36
N ASN D 48 -9.83 -38.44 -30.70
CA ASN D 48 -9.53 -37.14 -31.32
C ASN D 48 -10.77 -36.52 -31.97
N GLN D 49 -11.87 -36.52 -31.24
CA GLN D 49 -13.11 -35.96 -31.76
C GLN D 49 -13.24 -34.45 -31.52
N HIS D 50 -12.24 -33.83 -30.91
CA HIS D 50 -12.23 -32.39 -30.76
C HIS D 50 -11.79 -31.68 -32.04
N LYS D 51 -11.28 -32.42 -33.02
CA LYS D 51 -10.92 -31.86 -34.32
C LYS D 51 -11.98 -32.15 -35.38
N SER D 52 -13.18 -32.57 -34.97
CA SER D 52 -14.27 -32.78 -35.92
C SER D 52 -14.73 -31.46 -36.50
N LYS D 53 -15.19 -31.50 -37.75
CA LYS D 53 -15.53 -30.26 -38.45
C LYS D 53 -16.82 -29.64 -37.94
N PHE D 54 -17.70 -30.43 -37.33
CA PHE D 54 -18.97 -29.92 -36.82
C PHE D 54 -18.76 -28.86 -35.75
N ARG D 55 -18.02 -29.20 -34.70
CA ARG D 55 -17.74 -28.24 -33.64
C ARG D 55 -16.83 -27.12 -34.13
N GLN D 56 -15.94 -27.42 -35.09
CA GLN D 56 -15.04 -26.40 -35.61
C GLN D 56 -15.74 -25.34 -36.45
N VAL D 57 -16.86 -25.67 -37.10
CA VAL D 57 -17.66 -24.62 -37.72
C VAL D 57 -18.69 -24.01 -36.77
N TYR D 58 -19.18 -24.77 -35.77
CA TYR D 58 -20.12 -24.22 -34.80
C TYR D 58 -19.48 -23.12 -33.97
N SER D 59 -18.27 -23.39 -33.47
CA SER D 59 -17.55 -22.41 -32.65
C SER D 59 -17.20 -21.17 -33.45
N CYS D 60 -16.74 -21.35 -34.69
CA CYS D 60 -16.37 -20.20 -35.51
C CYS D 60 -17.59 -19.37 -35.90
N LEU D 61 -18.73 -20.03 -36.13
CA LEU D 61 -19.95 -19.31 -36.46
C LEU D 61 -20.46 -18.48 -35.27
N VAL D 62 -20.46 -19.08 -34.08
CA VAL D 62 -20.86 -18.33 -32.88
C VAL D 62 -19.88 -17.20 -32.62
N ILE D 63 -18.60 -17.40 -32.93
CA ILE D 63 -17.59 -16.37 -32.68
C ILE D 63 -17.76 -15.19 -33.64
N THR D 64 -18.06 -15.45 -34.92
CA THR D 64 -18.22 -14.30 -35.82
C THR D 64 -19.55 -13.60 -35.57
N LEU D 65 -20.57 -14.33 -35.11
CA LEU D 65 -21.80 -13.68 -34.65
C LEU D 65 -21.53 -12.77 -33.46
N GLY D 66 -20.69 -13.24 -32.53
CA GLY D 66 -20.28 -12.44 -31.40
C GLY D 66 -19.51 -11.20 -31.77
N PHE D 67 -18.62 -11.34 -32.76
CA PHE D 67 -17.80 -10.21 -33.17
C PHE D 67 -18.63 -9.16 -33.90
N ILE D 68 -19.56 -9.58 -34.75
CA ILE D 68 -20.37 -8.59 -35.46
C ILE D 68 -21.34 -7.89 -34.50
N THR D 69 -21.86 -8.61 -33.50
CA THR D 69 -22.76 -7.98 -32.53
C THR D 69 -21.99 -7.02 -31.62
N CYS D 70 -20.81 -7.42 -31.14
CA CYS D 70 -20.01 -6.55 -30.29
C CYS D 70 -19.51 -5.32 -31.06
N SER D 71 -19.21 -5.49 -32.35
CA SER D 71 -18.78 -4.35 -33.15
C SER D 71 -19.93 -3.39 -33.43
N CYS D 72 -21.14 -3.92 -33.62
CA CYS D 72 -22.31 -3.07 -33.78
C CYS D 72 -22.57 -2.26 -32.51
N TYR D 73 -22.51 -2.91 -31.35
CA TYR D 73 -22.75 -2.20 -30.10
C TYR D 73 -21.59 -1.28 -29.74
N CYS D 74 -20.40 -1.53 -30.30
CA CYS D 74 -19.26 -0.66 -30.02
C CYS D 74 -19.28 0.59 -30.88
N ILE D 75 -19.64 0.46 -32.16
CA ILE D 75 -19.75 1.66 -32.99
C ILE D 75 -21.05 2.39 -32.71
N GLY D 76 -21.99 1.73 -32.02
CA GLY D 76 -23.14 2.45 -31.50
C GLY D 76 -22.77 3.43 -30.40
N LEU D 77 -21.70 3.12 -29.66
CA LEU D 77 -21.22 4.01 -28.60
C LEU D 77 -20.57 5.28 -29.15
N CYS D 78 -19.85 5.21 -30.26
CA CYS D 78 -19.15 6.36 -30.80
C CYS D 78 -20.09 7.39 -31.43
N LEU D 79 -21.27 6.96 -31.86
CA LEU D 79 -22.28 7.89 -32.36
C LEU D 79 -23.28 8.25 -31.27
N SER D 80 -22.74 8.79 -30.18
CA SER D 80 -23.52 9.20 -29.03
C SER D 80 -23.55 10.71 -28.95
N GLU D 81 -24.73 11.29 -29.14
CA GLU D 81 -24.86 12.75 -29.07
C GLU D 81 -24.77 13.24 -27.63
N SER D 82 -25.70 12.83 -26.79
CA SER D 82 -25.75 13.25 -25.40
C SER D 82 -24.94 12.29 -24.55
N ILE D 83 -24.78 12.65 -23.28
CA ILE D 83 -24.03 11.78 -22.35
C ILE D 83 -24.92 10.62 -21.90
N ALA D 84 -26.24 10.77 -22.05
CA ALA D 84 -27.17 9.72 -21.61
C ALA D 84 -27.10 8.50 -22.52
N GLN D 85 -27.03 8.71 -23.84
CA GLN D 85 -26.93 7.58 -24.76
C GLN D 85 -25.58 6.88 -24.62
N ALA D 86 -24.53 7.65 -24.35
CA ALA D 86 -23.22 7.06 -24.11
C ALA D 86 -23.21 6.21 -22.85
N LEU D 87 -23.73 6.76 -21.75
CA LEU D 87 -23.82 5.99 -20.51
C LEU D 87 -24.78 4.82 -20.61
N ASN D 88 -25.75 4.87 -21.53
CA ASN D 88 -26.63 3.74 -21.75
C ASN D 88 -25.97 2.65 -22.57
N ASN D 89 -25.08 3.01 -23.49
CA ASN D 89 -24.33 2.01 -24.26
C ASN D 89 -23.14 1.44 -23.50
N ILE D 90 -22.69 2.14 -22.45
CA ILE D 90 -21.48 1.74 -21.71
C ILE D 90 -21.63 0.33 -21.12
N THR D 91 -22.79 0.01 -20.56
CA THR D 91 -22.96 -1.26 -19.85
C THR D 91 -22.88 -2.46 -20.79
N VAL D 92 -23.66 -2.41 -21.89
CA VAL D 92 -23.68 -3.53 -22.82
C VAL D 92 -22.38 -3.62 -23.60
N THR D 93 -21.77 -2.48 -23.96
CA THR D 93 -20.49 -2.52 -24.65
C THR D 93 -19.39 -3.06 -23.74
N SER D 94 -19.47 -2.71 -22.44
CA SER D 94 -18.60 -3.27 -21.41
C SER D 94 -18.65 -4.80 -21.38
N TYR D 95 -19.85 -5.36 -21.19
CA TYR D 95 -19.97 -6.81 -21.10
C TYR D 95 -19.61 -7.50 -22.41
N PHE D 96 -19.89 -6.85 -23.54
CA PHE D 96 -19.66 -7.49 -24.82
C PHE D 96 -18.18 -7.52 -25.16
N LEU D 97 -17.43 -6.47 -24.83
CA LEU D 97 -16.00 -6.52 -25.09
C LEU D 97 -15.28 -7.37 -24.04
N GLN D 98 -15.88 -7.53 -22.85
CA GLN D 98 -15.40 -8.55 -21.92
C GLN D 98 -15.47 -9.94 -22.53
N SER D 99 -16.62 -10.28 -23.11
CA SER D 99 -16.78 -11.57 -23.76
C SER D 99 -15.88 -11.70 -24.99
N CYS D 100 -15.62 -10.59 -25.68
CA CYS D 100 -14.72 -10.61 -26.83
C CYS D 100 -13.28 -10.92 -26.42
N VAL D 101 -12.81 -10.28 -25.36
CA VAL D 101 -11.47 -10.57 -24.84
C VAL D 101 -11.39 -12.01 -24.35
N CYS D 102 -12.47 -12.52 -23.75
CA CYS D 102 -12.49 -13.92 -23.31
C CYS D 102 -12.43 -14.87 -24.49
N TYR D 103 -13.14 -14.56 -25.58
CA TYR D 103 -13.11 -15.39 -26.79
C TYR D 103 -11.71 -15.45 -27.39
N VAL D 104 -11.06 -14.29 -27.51
CA VAL D 104 -9.72 -14.25 -28.10
C VAL D 104 -8.72 -14.97 -27.20
N SER D 105 -8.80 -14.75 -25.88
CA SER D 105 -7.84 -15.35 -24.96
C SER D 105 -8.04 -16.86 -24.84
N PHE D 106 -9.24 -17.36 -25.12
CA PHE D 106 -9.40 -18.81 -25.15
C PHE D 106 -9.11 -19.41 -26.51
N ILE D 107 -9.18 -18.62 -27.59
CA ILE D 107 -8.72 -19.11 -28.89
C ILE D 107 -7.20 -19.26 -28.91
N ILE D 108 -6.47 -18.27 -28.37
CA ILE D 108 -5.01 -18.28 -28.45
C ILE D 108 -4.42 -19.44 -27.65
N ASN D 109 -4.77 -19.54 -26.38
CA ASN D 109 -4.20 -20.54 -25.49
C ASN D 109 -5.13 -21.75 -25.39
N SER D 110 -5.28 -22.43 -26.51
CA SER D 110 -6.03 -23.68 -26.55
C SER D 110 -5.15 -24.88 -26.23
N ARG D 111 -3.89 -24.66 -25.90
CA ARG D 111 -2.97 -25.73 -25.52
C ARG D 111 -2.76 -25.82 -24.02
N LYS D 112 -2.80 -24.69 -23.31
CA LYS D 112 -2.64 -24.74 -21.86
C LYS D 112 -3.92 -25.20 -21.17
N LEU D 113 -5.06 -25.07 -21.85
CA LEU D 113 -6.31 -25.57 -21.28
C LEU D 113 -6.34 -27.08 -21.25
N GLU D 114 -5.61 -27.72 -22.17
CA GLU D 114 -5.37 -29.15 -22.11
C GLU D 114 -4.69 -29.54 -20.80
N THR D 115 -3.64 -28.80 -20.42
CA THR D 115 -2.92 -29.07 -19.18
C THR D 115 -3.80 -28.76 -17.97
N LEU D 116 -4.62 -27.72 -18.07
CA LEU D 116 -5.49 -27.35 -16.95
C LEU D 116 -6.57 -28.40 -16.72
N PHE D 117 -7.12 -28.97 -17.79
CA PHE D 117 -8.11 -30.03 -17.62
C PHE D 117 -7.44 -31.35 -17.30
N ASN D 118 -6.14 -31.48 -17.59
CA ASN D 118 -5.41 -32.66 -17.12
C ASN D 118 -5.07 -32.55 -15.65
N TYR D 119 -5.02 -31.32 -15.12
CA TYR D 119 -4.71 -31.17 -13.70
C TYR D 119 -5.86 -31.63 -12.83
N LEU D 120 -7.06 -31.10 -13.06
CA LEU D 120 -8.22 -31.43 -12.23
C LEU D 120 -8.90 -32.73 -12.65
N PHE D 121 -8.24 -33.58 -13.42
CA PHE D 121 -8.72 -34.93 -13.68
C PHE D 121 -8.04 -36.00 -12.83
N GLU D 122 -6.71 -35.92 -12.66
CA GLU D 122 -6.00 -36.74 -11.68
C GLU D 122 -5.12 -35.78 -10.86
N ASN D 123 -5.34 -35.78 -9.55
CA ASN D 123 -4.65 -34.88 -8.63
C ASN D 123 -4.40 -35.55 -7.29
N GLU D 124 -4.25 -36.86 -7.29
CA GLU D 124 -4.20 -37.63 -6.05
C GLU D 124 -2.94 -37.30 -5.25
N VAL D 125 -3.15 -36.75 -4.06
CA VAL D 125 -2.04 -36.42 -3.17
C VAL D 125 -1.64 -37.65 -2.39
N VAL D 126 -0.35 -37.94 -2.39
CA VAL D 126 0.20 -39.12 -1.74
C VAL D 126 0.67 -38.74 -0.35
N GLY D 127 0.11 -39.39 0.67
CA GLY D 127 0.49 -39.19 2.05
C GLY D 127 -0.65 -38.82 2.98
N CYS D 128 -1.67 -38.14 2.47
CA CYS D 128 -2.75 -37.69 3.34
C CYS D 128 -3.64 -38.87 3.72
N PRO D 129 -4.29 -38.83 4.89
CA PRO D 129 -5.20 -39.92 5.26
C PRO D 129 -6.48 -39.87 4.44
N ARG D 130 -7.16 -41.01 4.38
CA ARG D 130 -8.36 -41.12 3.56
C ARG D 130 -9.54 -40.40 4.19
N GLY D 131 -9.58 -40.36 5.52
CA GLY D 131 -10.67 -39.72 6.25
C GLY D 131 -10.74 -38.23 6.01
N TYR D 132 -9.59 -37.63 5.71
CA TYR D 132 -9.53 -36.25 5.26
C TYR D 132 -9.89 -36.10 3.79
N LYS D 133 -9.48 -37.07 2.96
CA LYS D 133 -9.68 -36.97 1.51
C LYS D 133 -11.16 -37.08 1.13
N MET D 134 -11.91 -37.93 1.84
CA MET D 134 -13.34 -38.07 1.54
C MET D 134 -14.10 -36.79 1.88
N SER D 135 -13.78 -36.18 3.02
CA SER D 135 -14.40 -34.91 3.39
C SER D 135 -13.99 -33.80 2.44
N SER D 136 -12.74 -33.86 1.95
CA SER D 136 -12.30 -32.89 0.95
C SER D 136 -13.08 -33.02 -0.35
N ILE D 137 -13.36 -34.25 -0.78
CA ILE D 137 -14.13 -34.46 -2.01
C ILE D 137 -15.57 -34.01 -1.83
N LYS D 138 -16.14 -34.24 -0.64
CA LYS D 138 -17.50 -33.76 -0.36
C LYS D 138 -17.57 -32.24 -0.39
N THR D 139 -16.61 -31.58 0.25
CA THR D 139 -16.58 -30.12 0.27
C THR D 139 -16.36 -29.55 -1.14
N THR D 140 -15.51 -30.20 -1.93
CA THR D 140 -15.25 -29.78 -3.30
C THR D 140 -16.51 -29.88 -4.14
N LEU D 141 -17.24 -31.00 -4.02
CA LEU D 141 -18.48 -31.17 -4.78
C LEU D 141 -19.53 -30.14 -4.39
N PHE D 142 -19.68 -29.89 -3.09
CA PHE D 142 -20.68 -28.94 -2.63
C PHE D 142 -20.38 -27.52 -3.11
N ARG D 143 -19.12 -27.08 -2.96
CA ARG D 143 -18.80 -25.71 -3.34
C ARG D 143 -18.81 -25.54 -4.87
N CYS D 144 -18.42 -26.59 -5.60
CA CYS D 144 -18.51 -26.54 -7.06
C CYS D 144 -19.94 -26.40 -7.54
N LYS D 145 -20.86 -27.19 -6.97
CA LYS D 145 -22.27 -27.12 -7.36
C LYS D 145 -22.87 -25.76 -7.00
N PHE D 146 -22.50 -25.23 -5.82
CA PHE D 146 -23.02 -23.93 -5.40
C PHE D 146 -22.57 -22.82 -6.33
N VAL D 147 -21.26 -22.78 -6.64
CA VAL D 147 -20.72 -21.70 -7.47
C VAL D 147 -21.26 -21.78 -8.89
N ALA D 148 -21.43 -23.00 -9.42
CA ALA D 148 -21.98 -23.14 -10.77
C ALA D 148 -23.45 -22.71 -10.83
N PHE D 149 -24.28 -23.29 -9.96
CA PHE D 149 -25.72 -23.05 -10.01
C PHE D 149 -26.11 -21.62 -9.68
N SER D 150 -25.37 -20.94 -8.80
CA SER D 150 -25.73 -19.56 -8.44
C SER D 150 -25.59 -18.62 -9.63
N LEU D 151 -24.42 -18.64 -10.27
CA LEU D 151 -24.19 -17.82 -11.47
C LEU D 151 -25.11 -18.24 -12.61
N GLY D 152 -25.38 -19.54 -12.74
CA GLY D 152 -26.27 -19.98 -13.80
C GLY D 152 -27.69 -19.46 -13.65
N ILE D 153 -28.24 -19.57 -12.44
CA ILE D 153 -29.61 -19.13 -12.19
C ILE D 153 -29.73 -17.61 -12.33
N LEU D 154 -28.76 -16.88 -11.75
CA LEU D 154 -28.82 -15.42 -11.80
C LEU D 154 -28.64 -14.90 -13.23
N SER D 155 -27.75 -15.52 -14.00
CA SER D 155 -27.54 -15.11 -15.38
C SER D 155 -28.75 -15.42 -16.25
N PHE D 156 -29.39 -16.57 -16.03
CA PHE D 156 -30.57 -16.92 -16.81
C PHE D 156 -31.73 -15.97 -16.53
N PHE D 157 -31.96 -15.65 -15.25
CA PHE D 157 -33.05 -14.73 -14.93
C PHE D 157 -32.74 -13.31 -15.40
N GLY D 158 -31.46 -12.91 -15.37
CA GLY D 158 -31.10 -11.59 -15.85
C GLY D 158 -31.29 -11.45 -17.34
N TRP D 159 -30.88 -12.46 -18.12
CA TRP D 159 -31.12 -12.44 -19.55
C TRP D 159 -32.62 -12.44 -19.85
N LEU D 160 -33.38 -13.27 -19.12
CA LEU D 160 -34.81 -13.40 -19.36
C LEU D 160 -35.54 -12.07 -19.15
N MET D 161 -35.28 -11.41 -18.01
CA MET D 161 -35.84 -10.08 -17.78
C MET D 161 -35.38 -9.08 -18.84
N TRP D 162 -34.05 -8.87 -18.92
CA TRP D 162 -33.44 -7.82 -19.74
C TRP D 162 -33.81 -7.91 -21.21
N THR D 163 -34.10 -9.11 -21.72
CA THR D 163 -34.42 -9.23 -23.12
C THR D 163 -35.89 -9.51 -23.42
N LEU D 164 -36.58 -10.33 -22.63
CA LEU D 164 -37.93 -10.71 -22.96
C LEU D 164 -38.99 -10.12 -22.05
N LEU D 165 -38.66 -9.11 -21.24
CA LEU D 165 -39.74 -8.40 -20.54
C LEU D 165 -40.42 -7.33 -21.41
N PRO D 166 -39.72 -6.42 -22.10
CA PRO D 166 -40.48 -5.45 -22.92
C PRO D 166 -41.09 -6.06 -24.16
N LEU D 167 -40.55 -7.19 -24.64
CA LEU D 167 -41.18 -7.89 -25.74
C LEU D 167 -42.48 -8.55 -25.28
N ALA D 168 -42.47 -9.13 -24.08
CA ALA D 168 -43.70 -9.72 -23.54
C ALA D 168 -44.73 -8.65 -23.23
N VAL D 169 -44.28 -7.47 -22.80
CA VAL D 169 -45.19 -6.35 -22.54
C VAL D 169 -45.86 -5.92 -23.84
N LEU D 170 -45.11 -5.88 -24.94
CA LEU D 170 -45.70 -5.44 -26.20
C LEU D 170 -46.60 -6.52 -26.81
N VAL D 171 -46.26 -7.80 -26.63
CA VAL D 171 -47.10 -8.84 -27.20
C VAL D 171 -48.35 -9.04 -26.36
N VAL D 172 -48.32 -8.60 -25.10
CA VAL D 172 -49.55 -8.52 -24.32
C VAL D 172 -50.40 -7.35 -24.80
N ASP D 173 -49.77 -6.19 -24.99
CA ASP D 173 -50.47 -5.00 -25.49
C ASP D 173 -50.57 -5.02 -27.02
N GLN D 182 -42.60 4.21 -31.18
CA GLN D 182 -43.23 4.35 -29.87
C GLN D 182 -43.21 3.05 -29.09
N THR D 183 -42.36 2.12 -29.52
CA THR D 183 -42.33 0.78 -28.94
C THR D 183 -41.16 0.58 -27.98
N SER D 184 -39.93 0.72 -28.50
CA SER D 184 -38.68 0.54 -27.75
C SER D 184 -38.65 -0.81 -27.02
N LEU D 185 -38.65 -1.89 -27.80
CA LEU D 185 -38.62 -3.22 -27.21
C LEU D 185 -37.26 -3.55 -26.62
N ARG D 186 -36.19 -3.05 -27.23
CA ARG D 186 -34.84 -3.28 -26.72
C ARG D 186 -34.46 -2.17 -25.77
N PHE D 187 -33.45 -2.45 -24.94
CA PHE D 187 -33.06 -1.48 -23.93
C PHE D 187 -32.27 -0.33 -24.53
N VAL D 188 -31.13 -0.62 -25.16
CA VAL D 188 -30.24 0.41 -25.70
C VAL D 188 -30.18 0.23 -27.21
N GLU D 189 -30.01 1.34 -27.92
CA GLU D 189 -29.95 1.30 -29.37
C GLU D 189 -28.51 1.11 -29.84
N ALA D 190 -28.38 0.56 -31.04
CA ALA D 190 -27.07 0.32 -31.64
C ALA D 190 -27.11 0.70 -33.12
N TRP D 191 -25.93 0.82 -33.72
CA TRP D 191 -25.85 1.11 -35.14
C TRP D 191 -26.34 -0.07 -35.96
N TYR D 192 -26.98 0.25 -37.08
CA TYR D 192 -27.52 -0.77 -37.96
C TYR D 192 -27.53 -0.20 -39.37
N PRO D 193 -27.55 -1.08 -40.39
CA PRO D 193 -27.70 -0.55 -41.77
C PRO D 193 -29.06 0.08 -42.02
N PHE D 194 -30.13 -0.57 -41.57
CA PHE D 194 -31.48 -0.06 -41.75
C PHE D 194 -31.83 0.91 -40.62
N ASP D 195 -33.08 1.35 -40.61
CA ASP D 195 -33.50 2.37 -39.64
C ASP D 195 -33.87 1.75 -38.31
N THR D 196 -34.45 0.53 -38.33
CA THR D 196 -34.92 -0.24 -37.17
C THR D 196 -35.95 0.49 -36.31
N THR D 197 -36.58 1.52 -36.86
CA THR D 197 -37.66 2.20 -36.15
C THR D 197 -39.02 1.68 -36.61
N THR D 198 -39.12 1.31 -37.88
CA THR D 198 -40.33 0.70 -38.41
C THR D 198 -40.54 -0.67 -37.74
N SER D 199 -41.82 -1.07 -37.62
CA SER D 199 -42.28 -2.16 -36.76
C SER D 199 -41.61 -3.53 -36.98
N PRO D 200 -41.59 -4.14 -38.21
CA PRO D 200 -41.09 -5.52 -38.31
C PRO D 200 -39.59 -5.65 -38.09
N MET D 201 -38.86 -4.61 -38.54
CA MET D 201 -37.41 -4.54 -38.35
C MET D 201 -37.05 -4.57 -36.87
N ASN D 202 -37.81 -3.87 -36.03
CA ASN D 202 -37.48 -3.81 -34.62
C ASN D 202 -37.74 -5.15 -33.94
N GLU D 203 -38.76 -5.88 -34.38
CA GLU D 203 -39.04 -7.20 -33.82
C GLU D 203 -37.97 -8.21 -34.21
N VAL D 204 -37.55 -8.22 -35.48
CA VAL D 204 -36.55 -9.21 -35.90
C VAL D 204 -35.19 -8.85 -35.31
N ILE D 205 -34.92 -7.55 -35.11
CA ILE D 205 -33.70 -7.14 -34.44
C ILE D 205 -33.74 -7.53 -32.97
N ALA D 206 -34.92 -7.49 -32.35
CA ALA D 206 -35.04 -7.93 -30.95
C ALA D 206 -34.80 -9.43 -30.81
N ILE D 207 -35.30 -10.22 -31.77
CA ILE D 207 -35.08 -11.67 -31.73
C ILE D 207 -33.61 -12.00 -31.95
N TYR D 208 -32.97 -11.33 -32.92
CA TYR D 208 -31.54 -11.50 -33.15
C TYR D 208 -30.72 -11.06 -31.94
N GLU D 209 -31.17 -10.01 -31.25
CA GLU D 209 -30.52 -9.56 -30.03
C GLU D 209 -30.68 -10.60 -28.92
N ALA D 210 -31.81 -11.29 -28.88
CA ALA D 210 -32.03 -12.33 -27.89
C ALA D 210 -31.05 -13.48 -28.05
N VAL D 211 -30.94 -14.02 -29.26
CA VAL D 211 -30.06 -15.16 -29.46
C VAL D 211 -28.58 -14.74 -29.35
N ALA D 212 -28.25 -13.53 -29.80
CA ALA D 212 -26.89 -13.04 -29.68
C ALA D 212 -26.54 -12.79 -28.21
N MET D 213 -27.49 -12.33 -27.41
CA MET D 213 -27.18 -12.07 -26.01
C MET D 213 -27.10 -13.37 -25.23
N ILE D 214 -27.78 -14.43 -25.69
CA ILE D 214 -27.54 -15.76 -25.12
C ILE D 214 -26.09 -16.18 -25.33
N PHE D 215 -25.64 -16.14 -26.59
CA PHE D 215 -24.30 -16.64 -26.91
C PHE D 215 -23.21 -15.69 -26.43
N LEU D 216 -23.59 -14.47 -26.06
CA LEU D 216 -22.63 -13.47 -25.59
C LEU D 216 -22.60 -13.37 -24.08
N ILE D 217 -23.66 -13.79 -23.40
CA ILE D 217 -23.68 -13.88 -21.95
C ILE D 217 -23.03 -15.16 -21.45
N THR D 218 -23.30 -16.30 -22.10
CA THR D 218 -22.87 -17.57 -21.51
C THR D 218 -21.37 -17.86 -21.63
N ALA D 219 -20.60 -17.04 -22.35
CA ALA D 219 -19.16 -17.33 -22.45
C ALA D 219 -18.36 -16.85 -21.24
N PRO D 220 -18.48 -15.59 -20.75
CA PRO D 220 -17.71 -15.24 -19.56
C PRO D 220 -18.17 -15.94 -18.30
N MET D 221 -19.47 -16.28 -18.21
CA MET D 221 -19.95 -17.07 -17.09
C MET D 221 -19.30 -18.45 -17.08
N SER D 222 -19.13 -19.06 -18.27
CA SER D 222 -18.49 -20.36 -18.35
C SER D 222 -17.01 -20.28 -18.00
N SER D 223 -16.33 -19.23 -18.46
CA SER D 223 -14.92 -19.04 -18.12
C SER D 223 -14.73 -18.82 -16.62
N ASP D 224 -15.66 -18.09 -16.00
CA ASP D 224 -15.54 -17.82 -14.57
C ASP D 224 -15.88 -19.04 -13.73
N ILE D 225 -16.81 -19.88 -14.21
CA ILE D 225 -17.06 -21.16 -13.58
C ILE D 225 -15.82 -22.05 -13.63
N MET D 226 -15.14 -22.10 -14.77
CA MET D 226 -13.92 -22.90 -14.86
C MET D 226 -12.81 -22.37 -13.95
N PHE D 227 -12.67 -21.04 -13.86
CA PHE D 227 -11.69 -20.45 -12.95
C PHE D 227 -12.00 -20.80 -11.49
N CYS D 228 -13.28 -20.74 -11.10
CA CYS D 228 -13.64 -21.02 -9.72
C CYS D 228 -13.46 -22.50 -9.38
N VAL D 229 -13.73 -23.39 -10.34
CA VAL D 229 -13.48 -24.82 -10.14
C VAL D 229 -11.99 -25.07 -9.95
N LEU D 230 -11.15 -24.40 -10.75
CA LEU D 230 -9.70 -24.51 -10.59
C LEU D 230 -9.25 -24.04 -9.21
N MET D 231 -9.80 -22.92 -8.74
CA MET D 231 -9.38 -22.39 -7.45
C MET D 231 -9.81 -23.30 -6.30
N ILE D 232 -11.01 -23.90 -6.40
CA ILE D 232 -11.48 -24.80 -5.36
C ILE D 232 -10.60 -26.05 -5.29
N PHE D 233 -10.28 -26.63 -6.46
CA PHE D 233 -9.43 -27.81 -6.49
C PHE D 233 -8.03 -27.51 -5.98
N ILE D 234 -7.51 -26.30 -6.25
CA ILE D 234 -6.16 -25.96 -5.79
C ILE D 234 -6.16 -25.74 -4.27
N VAL D 235 -7.23 -25.16 -3.71
CA VAL D 235 -7.32 -25.00 -2.26
C VAL D 235 -7.36 -26.36 -1.56
N GLU D 236 -8.12 -27.30 -2.12
CA GLU D 236 -8.18 -28.63 -1.51
C GLU D 236 -6.84 -29.37 -1.65
N HIS D 237 -6.15 -29.15 -2.77
CA HIS D 237 -4.81 -29.71 -2.95
C HIS D 237 -3.84 -29.18 -1.90
N LEU D 238 -3.91 -27.88 -1.61
CA LEU D 238 -2.99 -27.29 -0.64
C LEU D 238 -3.30 -27.80 0.78
N LYS D 239 -4.57 -27.97 1.10
CA LYS D 239 -4.93 -28.48 2.43
C LYS D 239 -4.48 -29.94 2.60
N CYS D 240 -4.64 -30.74 1.55
CA CYS D 240 -4.16 -32.12 1.61
C CYS D 240 -2.64 -32.18 1.67
N LEU D 241 -1.96 -31.22 1.05
CA LEU D 241 -0.50 -31.17 1.15
C LEU D 241 -0.05 -30.84 2.57
N GLY D 242 -0.75 -29.91 3.23
CA GLY D 242 -0.43 -29.61 4.62
C GLY D 242 -0.63 -30.80 5.54
N MET D 243 -1.75 -31.52 5.34
CA MET D 243 -1.99 -32.73 6.13
C MET D 243 -0.96 -33.81 5.82
N ALA D 244 -0.48 -33.88 4.59
CA ALA D 244 0.55 -34.85 4.23
C ALA D 244 1.88 -34.52 4.90
N ILE D 245 2.22 -33.23 4.99
CA ILE D 245 3.44 -32.83 5.69
C ILE D 245 3.35 -33.18 7.17
N GLU D 246 2.19 -32.94 7.78
CA GLU D 246 2.01 -33.28 9.19
C GLU D 246 2.10 -34.78 9.44
N CYS D 247 1.46 -35.58 8.58
CA CYS D 247 1.49 -37.03 8.77
C CYS D 247 2.85 -37.63 8.43
N THR D 248 3.62 -36.95 7.58
CA THR D 248 4.99 -37.37 7.35
C THR D 248 5.88 -37.07 8.54
N LEU D 249 5.77 -35.87 9.12
CA LEU D 249 6.60 -35.50 10.26
C LEU D 249 6.22 -36.26 11.53
N LYS D 250 4.98 -36.74 11.64
CA LYS D 250 4.56 -37.48 12.83
C LYS D 250 5.33 -38.78 12.98
N GLY D 251 5.69 -39.43 11.89
CA GLY D 251 6.46 -40.66 11.94
C GLY D 251 7.89 -40.45 12.40
N ASP D 321 11.02 -41.37 4.92
CA ASP D 321 11.87 -40.21 5.11
C ASP D 321 12.13 -39.46 3.80
N ALA D 322 12.60 -40.19 2.79
CA ALA D 322 12.99 -39.55 1.55
C ALA D 322 11.80 -39.43 0.60
N THR D 323 11.09 -40.55 0.39
CA THR D 323 10.11 -40.63 -0.69
C THR D 323 8.89 -39.76 -0.42
N SER D 324 8.46 -39.70 0.84
CA SER D 324 7.33 -38.84 1.20
C SER D 324 7.66 -37.37 0.99
N LEU D 325 8.88 -36.97 1.33
CA LEU D 325 9.29 -35.58 1.13
C LEU D 325 9.44 -35.25 -0.35
N CYS D 326 9.95 -36.19 -1.14
CA CYS D 326 10.05 -35.97 -2.58
C CYS D 326 8.67 -35.83 -3.22
N ASN D 327 7.71 -36.64 -2.79
CA ASN D 327 6.35 -36.53 -3.34
C ASN D 327 5.68 -35.23 -2.90
N ILE D 328 5.96 -34.78 -1.68
CA ILE D 328 5.40 -33.53 -1.18
C ILE D 328 5.95 -32.34 -1.99
N VAL D 329 7.27 -32.34 -2.22
CA VAL D 329 7.89 -31.25 -2.98
C VAL D 329 7.41 -31.26 -4.43
N ASP D 330 7.22 -32.46 -5.00
CA ASP D 330 6.72 -32.54 -6.38
C ASP D 330 5.28 -32.04 -6.48
N SER D 331 4.43 -32.35 -5.50
CA SER D 331 3.06 -31.85 -5.54
C SER D 331 3.00 -30.35 -5.34
N HIS D 332 3.87 -29.81 -4.48
CA HIS D 332 3.96 -28.35 -4.31
C HIS D 332 4.39 -27.67 -5.59
N VAL D 333 5.34 -28.28 -6.31
CA VAL D 333 5.82 -27.72 -7.57
C VAL D 333 4.73 -27.79 -8.63
N LYS D 334 3.95 -28.88 -8.64
CA LYS D 334 2.84 -29.00 -9.58
C LYS D 334 1.78 -27.94 -9.33
N ILE D 335 1.51 -27.64 -8.04
CA ILE D 335 0.56 -26.59 -7.70
C ILE D 335 1.06 -25.22 -8.17
N TYR D 336 2.35 -24.95 -7.97
CA TYR D 336 2.90 -23.67 -8.40
C TYR D 336 2.88 -23.52 -9.92
N ARG D 337 3.22 -24.60 -10.65
CA ARG D 337 3.18 -24.54 -12.11
C ARG D 337 1.76 -24.40 -12.63
N THR D 338 0.79 -25.03 -11.97
CA THR D 338 -0.60 -24.91 -12.40
C THR D 338 -1.12 -23.50 -12.17
N MET D 339 -0.74 -22.87 -11.05
CA MET D 339 -1.11 -21.47 -10.85
C MET D 339 -0.43 -20.55 -11.86
N GLU D 340 0.81 -20.85 -12.23
CA GLU D 340 1.49 -20.06 -13.25
C GLU D 340 0.80 -20.20 -14.61
N ILE D 341 0.28 -21.39 -14.91
CA ILE D 341 -0.48 -21.57 -16.15
C ILE D 341 -1.82 -20.83 -16.08
N VAL D 342 -2.48 -20.83 -14.93
CA VAL D 342 -3.74 -20.10 -14.76
C VAL D 342 -3.54 -18.60 -14.90
N GLN D 343 -2.33 -18.11 -14.56
CA GLN D 343 -2.08 -16.67 -14.44
C GLN D 343 -2.33 -15.86 -15.71
N SER D 344 -1.91 -16.37 -16.88
CA SER D 344 -1.76 -15.52 -18.06
C SER D 344 -3.12 -15.16 -18.69
N VAL D 345 -3.89 -16.18 -19.09
CA VAL D 345 -5.18 -15.96 -19.76
C VAL D 345 -6.11 -15.17 -18.86
N TYR D 346 -6.16 -15.54 -17.59
CA TYR D 346 -7.01 -14.81 -16.68
C TYR D 346 -6.41 -13.48 -16.28
N SER D 347 -5.11 -13.25 -16.53
CA SER D 347 -4.55 -11.92 -16.30
C SER D 347 -5.13 -10.92 -17.28
N SER D 348 -5.07 -11.25 -18.57
CA SER D 348 -5.66 -10.36 -19.58
C SER D 348 -7.17 -10.23 -19.39
N TYR D 349 -7.84 -11.35 -19.17
CA TYR D 349 -9.30 -11.34 -19.02
C TYR D 349 -9.73 -10.58 -17.76
N PHE D 350 -8.92 -10.65 -16.68
CA PHE D 350 -9.31 -10.00 -15.44
C PHE D 350 -9.08 -8.50 -15.51
N ALA D 351 -8.03 -8.06 -16.21
CA ALA D 351 -7.84 -6.63 -16.41
C ALA D 351 -9.03 -6.03 -17.15
N THR D 352 -9.41 -6.64 -18.27
CA THR D 352 -10.57 -6.18 -19.03
C THR D 352 -11.84 -6.22 -18.19
N LEU D 353 -12.04 -7.32 -17.46
CA LEU D 353 -13.26 -7.53 -16.67
C LEU D 353 -13.40 -6.49 -15.57
N PHE D 354 -12.34 -6.25 -14.80
CA PHE D 354 -12.46 -5.38 -13.64
C PHE D 354 -12.63 -3.93 -14.06
N PHE D 355 -11.91 -3.49 -15.10
CA PHE D 355 -12.08 -2.10 -15.55
C PHE D 355 -13.48 -1.86 -16.12
N THR D 356 -13.91 -2.72 -17.05
CA THR D 356 -15.19 -2.51 -17.70
C THR D 356 -16.35 -2.74 -16.74
N SER D 357 -16.15 -3.60 -15.73
CA SER D 357 -17.19 -3.82 -14.73
C SER D 357 -17.34 -2.63 -13.80
N CYS D 358 -16.22 -1.96 -13.45
CA CYS D 358 -16.32 -0.74 -12.66
C CYS D 358 -17.09 0.34 -13.41
N LEU D 359 -16.81 0.49 -14.71
CA LEU D 359 -17.58 1.44 -15.52
C LEU D 359 -19.07 1.09 -15.57
N ALA D 360 -19.39 -0.19 -15.74
CA ALA D 360 -20.78 -0.61 -15.84
C ALA D 360 -21.54 -0.40 -14.52
N VAL D 361 -20.87 -0.66 -13.39
CA VAL D 361 -21.50 -0.47 -12.08
C VAL D 361 -21.79 1.01 -11.83
N CYS D 362 -20.82 1.88 -12.16
CA CYS D 362 -21.04 3.32 -11.98
C CYS D 362 -22.19 3.82 -12.85
N ALA D 363 -22.26 3.37 -14.11
CA ALA D 363 -23.34 3.81 -14.98
C ALA D 363 -24.70 3.30 -14.52
N LEU D 364 -24.77 2.05 -14.05
CA LEU D 364 -26.04 1.50 -13.58
C LEU D 364 -26.52 2.22 -12.33
N ALA D 365 -25.61 2.53 -11.41
CA ALA D 365 -26.01 3.24 -10.21
C ALA D 365 -26.50 4.64 -10.53
N TYR D 366 -25.88 5.31 -11.52
CA TYR D 366 -26.37 6.61 -11.93
C TYR D 366 -27.76 6.53 -12.57
N PHE D 367 -28.01 5.50 -13.38
CA PHE D 367 -29.34 5.40 -14.00
C PHE D 367 -30.42 5.01 -13.00
N LEU D 368 -30.07 4.20 -12.00
CA LEU D 368 -31.08 3.82 -11.01
C LEU D 368 -31.36 4.96 -10.04
N ALA D 369 -30.36 5.75 -9.71
CA ALA D 369 -30.56 6.77 -8.69
C ALA D 369 -31.16 8.06 -9.22
N ALA D 370 -30.82 8.46 -10.45
CA ALA D 370 -31.18 9.80 -10.91
C ALA D 370 -32.37 9.83 -11.85
N THR D 371 -32.29 9.13 -12.98
CA THR D 371 -33.24 9.38 -14.06
C THR D 371 -34.58 8.71 -13.78
N SER D 372 -35.56 9.06 -14.62
CA SER D 372 -36.93 8.53 -14.52
C SER D 372 -37.04 7.28 -15.38
N THR D 373 -36.75 6.14 -14.76
CA THR D 373 -36.87 4.87 -15.45
C THR D 373 -38.33 4.44 -15.54
N SER D 374 -38.68 3.81 -16.65
CA SER D 374 -40.07 3.50 -16.98
C SER D 374 -40.54 2.15 -16.43
N PHE D 375 -39.87 1.62 -15.40
CA PHE D 375 -40.31 0.51 -14.56
C PHE D 375 -40.28 -0.85 -15.28
N THR D 376 -40.02 -0.86 -16.59
CA THR D 376 -39.87 -2.12 -17.30
C THR D 376 -38.42 -2.56 -17.36
N ARG D 377 -37.50 -1.61 -17.49
CA ARG D 377 -36.07 -1.93 -17.51
C ARG D 377 -35.49 -2.14 -16.12
N VAL D 378 -36.21 -1.73 -15.07
CA VAL D 378 -35.67 -1.85 -13.71
C VAL D 378 -35.44 -3.29 -13.26
N PRO D 379 -36.29 -4.28 -13.58
CA PRO D 379 -35.89 -5.67 -13.31
C PRO D 379 -34.68 -6.16 -14.10
N GLY D 380 -34.29 -5.48 -15.17
CA GLY D 380 -33.03 -5.84 -15.81
C GLY D 380 -31.84 -5.25 -15.08
N MET D 381 -31.96 -3.98 -14.72
CA MET D 381 -30.85 -3.27 -14.10
C MET D 381 -30.60 -3.71 -12.65
N VAL D 382 -31.63 -4.13 -11.93
CA VAL D 382 -31.42 -4.57 -10.55
C VAL D 382 -30.87 -6.00 -10.50
N LEU D 383 -31.04 -6.79 -11.54
CA LEU D 383 -30.41 -8.11 -11.61
C LEU D 383 -29.01 -8.07 -12.21
N TYR D 384 -28.75 -7.12 -13.13
CA TYR D 384 -27.40 -7.00 -13.69
C TYR D 384 -26.40 -6.54 -12.64
N LEU D 385 -26.81 -5.63 -11.75
CA LEU D 385 -25.97 -5.24 -10.62
C LEU D 385 -25.67 -6.41 -9.69
N MET D 386 -26.69 -7.23 -9.40
CA MET D 386 -26.50 -8.36 -8.51
C MET D 386 -25.58 -9.40 -9.14
N TYR D 387 -25.71 -9.63 -10.44
CA TYR D 387 -24.81 -10.56 -11.13
C TYR D 387 -23.37 -10.05 -11.09
N ILE D 388 -23.16 -8.76 -11.35
CA ILE D 388 -21.81 -8.22 -11.39
C ILE D 388 -21.16 -8.28 -10.00
N PHE D 389 -21.91 -7.89 -8.97
CA PHE D 389 -21.38 -7.93 -7.61
C PHE D 389 -21.08 -9.36 -7.16
N LEU D 390 -21.97 -10.32 -7.50
CA LEU D 390 -21.74 -11.71 -7.14
C LEU D 390 -20.51 -12.27 -7.84
N ARG D 391 -20.33 -11.91 -9.12
CA ARG D 391 -19.18 -12.39 -9.88
C ARG D 391 -17.88 -11.86 -9.31
N ILE D 392 -17.83 -10.55 -9.03
CA ILE D 392 -16.61 -9.94 -8.50
C ILE D 392 -16.29 -10.50 -7.12
N PHE D 393 -17.32 -10.68 -6.28
CA PHE D 393 -17.07 -11.19 -4.94
C PHE D 393 -16.60 -12.63 -4.94
N LEU D 394 -17.17 -13.47 -5.82
CA LEU D 394 -16.75 -14.87 -5.84
C LEU D 394 -15.34 -15.02 -6.42
N LEU D 395 -15.01 -14.24 -7.45
CA LEU D 395 -13.65 -14.28 -7.99
C LEU D 395 -12.63 -13.83 -6.97
N CYS D 396 -12.93 -12.75 -6.23
CA CYS D 396 -11.98 -12.26 -5.24
C CYS D 396 -11.85 -13.21 -4.06
N LEU D 397 -12.94 -13.86 -3.64
CA LEU D 397 -12.89 -14.79 -2.53
C LEU D 397 -12.07 -16.02 -2.89
N LEU D 398 -12.34 -16.62 -4.05
CA LEU D 398 -11.61 -17.82 -4.43
C LEU D 398 -10.21 -17.50 -4.95
N ALA D 399 -9.86 -16.22 -5.13
CA ALA D 399 -8.46 -15.90 -5.33
C ALA D 399 -7.74 -15.63 -4.02
N THR D 400 -8.46 -15.18 -2.98
CA THR D 400 -7.81 -14.92 -1.69
C THR D 400 -7.56 -16.22 -0.93
N GLU D 401 -8.45 -17.22 -1.12
CA GLU D 401 -8.34 -18.47 -0.39
C GLU D 401 -7.04 -19.21 -0.71
N VAL D 402 -6.55 -19.09 -1.95
CA VAL D 402 -5.33 -19.80 -2.35
C VAL D 402 -4.11 -19.19 -1.68
N ALA D 403 -4.05 -17.86 -1.62
CA ALA D 403 -2.93 -17.20 -0.94
C ALA D 403 -2.95 -17.49 0.55
N GLU D 404 -4.15 -17.52 1.16
CA GLU D 404 -4.24 -17.86 2.57
C GLU D 404 -3.80 -19.30 2.83
N GLN D 405 -4.14 -20.23 1.93
CA GLN D 405 -3.72 -21.61 2.13
C GLN D 405 -2.23 -21.79 1.89
N GLY D 406 -1.63 -21.00 1.00
CA GLY D 406 -0.18 -21.06 0.84
C GLY D 406 0.56 -20.56 2.07
N LEU D 407 0.11 -19.42 2.62
CA LEU D 407 0.74 -18.89 3.83
C LEU D 407 0.46 -19.78 5.03
N ASN D 408 -0.61 -20.57 4.99
CA ASN D 408 -0.82 -21.57 6.04
C ASN D 408 0.00 -22.83 5.79
N LEU D 409 0.41 -23.06 4.54
CA LEU D 409 1.36 -24.13 4.25
C LEU D 409 2.75 -23.75 4.73
N CYS D 410 3.01 -22.46 4.89
CA CYS D 410 4.26 -22.02 5.53
C CYS D 410 4.38 -22.55 6.97
N HIS D 411 3.28 -22.56 7.71
CA HIS D 411 3.26 -23.07 9.08
C HIS D 411 2.89 -24.54 9.14
N ALA D 412 3.57 -25.38 8.37
CA ALA D 412 3.26 -26.79 8.30
C ALA D 412 4.44 -27.61 8.77
N GLY D 413 4.17 -28.60 9.62
CA GLY D 413 5.23 -29.45 10.14
C GLY D 413 6.17 -28.72 11.08
N TYR D 414 5.62 -28.01 12.06
CA TYR D 414 6.39 -27.17 12.97
C TYR D 414 5.95 -27.53 14.37
N SER D 415 6.68 -28.43 15.03
CA SER D 415 6.35 -28.90 16.37
C SER D 415 7.65 -29.26 17.08
N SER D 416 7.53 -30.04 18.15
CA SER D 416 8.71 -30.57 18.81
C SER D 416 9.34 -31.68 18.01
N LYS D 417 8.62 -32.24 17.03
CA LYS D 417 9.20 -33.27 16.18
C LYS D 417 10.25 -32.69 15.25
N LEU D 418 10.02 -31.48 14.73
CA LEU D 418 10.99 -30.81 13.88
C LEU D 418 12.31 -30.56 14.60
N VAL D 419 12.25 -30.24 15.89
CA VAL D 419 13.46 -30.07 16.69
C VAL D 419 14.14 -31.41 16.95
N LEU D 420 13.41 -32.52 16.87
CA LEU D 420 13.98 -33.84 17.14
C LEU D 420 14.18 -34.66 15.87
N ALA D 421 14.07 -34.04 14.70
CA ALA D 421 14.30 -34.75 13.46
C ALA D 421 15.76 -34.63 13.05
N SER D 422 16.12 -35.30 11.95
CA SER D 422 17.48 -35.26 11.46
C SER D 422 17.75 -33.94 10.72
N ASP D 423 18.96 -33.82 10.18
CA ASP D 423 19.30 -32.60 9.45
C ASP D 423 18.68 -32.58 8.06
N HIS D 424 18.43 -33.76 7.49
CA HIS D 424 17.76 -33.86 6.19
C HIS D 424 16.35 -33.30 6.26
N VAL D 425 15.58 -33.71 7.25
CA VAL D 425 14.21 -33.22 7.40
C VAL D 425 14.21 -31.76 7.79
N ARG D 426 15.13 -31.36 8.68
CA ARG D 426 15.19 -29.97 9.12
C ARG D 426 15.65 -29.02 8.02
N SER D 427 16.33 -29.52 6.99
CA SER D 427 16.65 -28.70 5.83
C SER D 427 15.55 -28.73 4.77
N THR D 428 14.88 -29.86 4.59
CA THR D 428 13.84 -29.95 3.57
C THR D 428 12.60 -29.16 3.98
N ILE D 429 12.24 -29.20 5.27
CA ILE D 429 11.10 -28.42 5.76
C ILE D 429 11.42 -26.93 5.69
N GLN D 430 12.70 -26.57 5.92
CA GLN D 430 13.12 -25.18 5.79
C GLN D 430 13.03 -24.71 4.33
N ALA D 431 13.41 -25.57 3.38
CA ALA D 431 13.29 -25.22 1.97
C ALA D 431 11.83 -25.08 1.56
N ILE D 432 10.96 -25.96 2.08
CA ILE D 432 9.53 -25.88 1.78
C ILE D 432 8.93 -24.61 2.34
N ALA D 433 9.34 -24.21 3.55
CA ALA D 433 8.83 -22.97 4.14
C ALA D 433 9.32 -21.74 3.39
N THR D 434 10.59 -21.75 2.97
CA THR D 434 11.14 -20.62 2.23
C THR D 434 10.46 -20.46 0.88
N ARG D 435 10.17 -21.58 0.20
CA ARG D 435 9.45 -21.49 -1.07
C ARG D 435 7.98 -21.16 -0.86
N ALA D 436 7.42 -21.52 0.30
CA ALA D 436 6.01 -21.29 0.55
C ALA D 436 5.75 -19.87 1.04
N GLN D 437 6.81 -19.15 1.43
CA GLN D 437 6.65 -17.74 1.77
C GLN D 437 6.31 -16.89 0.56
N ILE D 438 6.65 -17.36 -0.64
CA ILE D 438 6.23 -16.68 -1.87
C ILE D 438 4.74 -16.88 -2.06
N PRO D 439 3.94 -15.82 -2.24
CA PRO D 439 2.49 -16.01 -2.34
C PRO D 439 2.04 -16.43 -3.73
N LEU D 440 1.05 -17.32 -3.76
CA LEU D 440 0.41 -17.72 -5.01
C LEU D 440 -0.74 -16.77 -5.26
N SER D 441 -0.53 -15.78 -6.13
CA SER D 441 -1.51 -14.73 -6.37
C SER D 441 -1.80 -14.63 -7.86
N ILE D 442 -3.03 -14.25 -8.19
CA ILE D 442 -3.42 -14.00 -9.58
C ILE D 442 -3.43 -12.49 -9.80
N THR D 443 -2.64 -12.03 -10.77
CA THR D 443 -2.56 -10.61 -11.10
C THR D 443 -3.34 -10.35 -12.36
N GLY D 444 -4.06 -9.24 -12.39
CA GLY D 444 -4.76 -8.84 -13.61
C GLY D 444 -3.88 -8.00 -14.50
N ALA D 445 -3.21 -8.64 -15.46
CA ALA D 445 -2.21 -8.03 -16.35
C ALA D 445 -1.13 -7.26 -15.60
N ARG D 446 -0.79 -7.73 -14.40
CA ARG D 446 0.22 -7.16 -13.49
C ARG D 446 -0.09 -5.74 -13.04
N PHE D 447 -1.32 -5.25 -13.24
CA PHE D 447 -1.70 -3.95 -12.71
C PHE D 447 -2.19 -4.02 -11.27
N PHE D 448 -2.78 -5.14 -10.88
CA PHE D 448 -3.29 -5.31 -9.52
C PHE D 448 -3.30 -6.79 -9.19
N THR D 449 -3.32 -7.09 -7.91
CA THR D 449 -3.47 -8.46 -7.42
C THR D 449 -4.93 -8.70 -7.09
N VAL D 450 -5.49 -9.78 -7.61
CA VAL D 450 -6.88 -10.11 -7.33
C VAL D 450 -6.98 -10.64 -5.91
N ASN D 451 -7.35 -9.76 -4.98
CA ASN D 451 -7.50 -10.11 -3.58
C ASN D 451 -8.89 -9.65 -3.14
N LEU D 452 -9.15 -9.75 -1.84
CA LEU D 452 -10.39 -9.21 -1.31
C LEU D 452 -10.26 -7.76 -0.89
N SER D 453 -9.04 -7.29 -0.62
CA SER D 453 -8.83 -5.87 -0.35
C SER D 453 -8.95 -5.05 -1.64
N PHE D 454 -8.64 -5.66 -2.78
CA PHE D 454 -8.81 -4.98 -4.05
C PHE D 454 -10.28 -4.74 -4.36
N LEU D 455 -11.17 -5.63 -3.89
CA LEU D 455 -12.60 -5.40 -4.03
C LEU D 455 -13.04 -4.20 -3.21
N ALA D 456 -12.46 -4.02 -2.03
CA ALA D 456 -12.79 -2.85 -1.21
C ALA D 456 -12.27 -1.57 -1.85
N SER D 457 -11.06 -1.61 -2.42
CA SER D 457 -10.51 -0.43 -3.08
C SER D 457 -11.32 -0.07 -4.33
N MET D 458 -11.77 -1.09 -5.08
CA MET D 458 -12.59 -0.83 -6.25
C MET D 458 -13.98 -0.34 -5.87
N ALA D 459 -14.51 -0.80 -4.73
CA ALA D 459 -15.78 -0.26 -4.26
C ALA D 459 -15.64 1.20 -3.84
N GLY D 460 -14.48 1.55 -3.28
CA GLY D 460 -14.21 2.96 -3.01
C GLY D 460 -14.13 3.79 -4.26
N VAL D 461 -13.52 3.25 -5.32
CA VAL D 461 -13.44 3.95 -6.61
C VAL D 461 -14.83 4.12 -7.21
N MET D 462 -15.67 3.07 -7.11
CA MET D 462 -17.04 3.13 -7.59
C MET D 462 -17.85 4.19 -6.85
N LEU D 463 -17.70 4.24 -5.53
CA LEU D 463 -18.42 5.23 -4.73
C LEU D 463 -17.90 6.64 -4.99
N THR D 464 -16.62 6.78 -5.33
CA THR D 464 -16.09 8.10 -5.66
C THR D 464 -16.63 8.60 -7.00
N TYR D 465 -16.66 7.72 -8.00
CA TYR D 465 -17.13 8.16 -9.31
C TYR D 465 -18.64 8.06 -9.49
N PHE D 466 -19.37 7.58 -8.49
CA PHE D 466 -20.83 7.62 -8.54
C PHE D 466 -21.34 9.00 -8.15
N ILE D 467 -20.69 9.65 -7.17
CA ILE D 467 -21.09 10.98 -6.74
C ILE D 467 -20.81 12.01 -7.83
N VAL D 468 -19.75 11.80 -8.61
CA VAL D 468 -19.43 12.69 -9.72
C VAL D 468 -20.51 12.61 -10.79
N LEU D 469 -20.94 11.40 -11.13
CA LEU D 469 -22.00 11.24 -12.11
C LEU D 469 -23.34 11.72 -11.60
N LEU D 470 -23.54 11.71 -10.27
CA LEU D 470 -24.75 12.31 -9.72
C LEU D 470 -24.69 13.83 -9.82
N GLN D 471 -23.52 14.43 -9.56
CA GLN D 471 -23.43 15.88 -9.55
C GLN D 471 -23.36 16.46 -10.94
N VAL D 472 -23.01 15.65 -11.95
CA VAL D 472 -22.97 16.16 -13.32
C VAL D 472 -24.37 16.32 -13.88
N ASN D 473 -25.32 15.47 -13.46
CA ASN D 473 -26.72 15.47 -13.91
C ASN D 473 -26.90 15.49 -15.44
#